data_3SGA
# 
_entry.id   3SGA 
# 
_audit_conform.dict_name       mmcif_pdbx.dic 
_audit_conform.dict_version    5.393 
_audit_conform.dict_location   http://mmcif.pdb.org/dictionaries/ascii/mmcif_pdbx.dic 
# 
loop_
_database_2.database_id 
_database_2.database_code 
_database_2.pdbx_database_accession 
_database_2.pdbx_DOI 
PDB   3SGA         pdb_00003sga 10.2210/pdb3sga/pdb 
WWPDB D_1000179149 ?            ?                   
# 
loop_
_pdbx_audit_revision_history.ordinal 
_pdbx_audit_revision_history.data_content_type 
_pdbx_audit_revision_history.major_revision 
_pdbx_audit_revision_history.minor_revision 
_pdbx_audit_revision_history.revision_date 
1 'Structure model' 1 0 1991-10-15 
2 'Structure model' 1 1 2008-03-25 
3 'Structure model' 1 2 2011-07-13 
4 'Structure model' 1 3 2012-09-19 
5 'Structure model' 1 4 2012-12-12 
6 'Structure model' 1 5 2024-06-05 
# 
_pdbx_audit_revision_details.ordinal             1 
_pdbx_audit_revision_details.revision_ordinal    1 
_pdbx_audit_revision_details.data_content_type   'Structure model' 
_pdbx_audit_revision_details.provider            repository 
_pdbx_audit_revision_details.type                'Initial release' 
_pdbx_audit_revision_details.description         ? 
_pdbx_audit_revision_details.details             ? 
# 
loop_
_pdbx_audit_revision_group.ordinal 
_pdbx_audit_revision_group.revision_ordinal 
_pdbx_audit_revision_group.data_content_type 
_pdbx_audit_revision_group.group 
1  2 'Structure model' 'Version format compliance' 
2  3 'Structure model' 'Atomic model'              
3  3 'Structure model' 'Database references'       
4  3 'Structure model' 'Derived calculations'      
5  3 'Structure model' 'Non-polymer description'   
6  3 'Structure model' 'Structure summary'         
7  3 'Structure model' 'Version format compliance' 
8  4 'Structure model' 'Structure summary'         
9  5 'Structure model' Other                       
10 6 'Structure model' 'Data collection'           
11 6 'Structure model' 'Database references'       
12 6 'Structure model' 'Derived calculations'      
13 6 'Structure model' Other                       
14 6 'Structure model' 'Structure summary'         
# 
loop_
_pdbx_audit_revision_category.ordinal 
_pdbx_audit_revision_category.revision_ordinal 
_pdbx_audit_revision_category.data_content_type 
_pdbx_audit_revision_category.category 
1 6 'Structure model' chem_comp            
2 6 'Structure model' chem_comp_atom       
3 6 'Structure model' chem_comp_bond       
4 6 'Structure model' database_2           
5 6 'Structure model' pdbx_database_status 
6 6 'Structure model' struct_conn          
7 6 'Structure model' struct_ref_seq       
8 6 'Structure model' struct_ref_seq_dif   
# 
loop_
_pdbx_audit_revision_item.ordinal 
_pdbx_audit_revision_item.revision_ordinal 
_pdbx_audit_revision_item.data_content_type 
_pdbx_audit_revision_item.item 
1  6 'Structure model' '_chem_comp.pdbx_synonyms'            
2  6 'Structure model' '_database_2.pdbx_DOI'                
3  6 'Structure model' '_database_2.pdbx_database_accession' 
4  6 'Structure model' '_pdbx_database_status.process_site'  
5  6 'Structure model' '_struct_conn.pdbx_dist_value'        
6  6 'Structure model' '_struct_conn.pdbx_leaving_atom_flag' 
7  6 'Structure model' '_struct_conn.ptnr1_auth_asym_id'     
8  6 'Structure model' '_struct_conn.ptnr1_auth_comp_id'     
9  6 'Structure model' '_struct_conn.ptnr1_auth_seq_id'      
10 6 'Structure model' '_struct_conn.ptnr1_label_asym_id'    
11 6 'Structure model' '_struct_conn.ptnr1_label_atom_id'    
12 6 'Structure model' '_struct_conn.ptnr1_label_comp_id'    
13 6 'Structure model' '_struct_conn.ptnr1_label_seq_id'     
14 6 'Structure model' '_struct_conn.ptnr2_auth_asym_id'     
15 6 'Structure model' '_struct_conn.ptnr2_auth_comp_id'     
16 6 'Structure model' '_struct_conn.ptnr2_auth_seq_id'      
17 6 'Structure model' '_struct_conn.ptnr2_label_asym_id'    
18 6 'Structure model' '_struct_conn.ptnr2_label_atom_id'    
19 6 'Structure model' '_struct_conn.ptnr2_label_comp_id'    
20 6 'Structure model' '_struct_conn.ptnr2_label_seq_id'     
21 6 'Structure model' '_struct_ref_seq.db_align_beg'        
22 6 'Structure model' '_struct_ref_seq.db_align_end'        
23 6 'Structure model' '_struct_ref_seq_dif.details'         
# 
_pdbx_database_status.status_code                     REL 
_pdbx_database_status.entry_id                        3SGA 
_pdbx_database_status.recvd_initial_deposition_date   1990-05-29 
_pdbx_database_status.deposit_site                    ? 
_pdbx_database_status.process_site                    BNL 
_pdbx_database_status.SG_entry                        . 
_pdbx_database_status.status_code_sf                  ? 
_pdbx_database_status.status_code_mr                  ? 
_pdbx_database_status.status_code_cs                  ? 
_pdbx_database_status.methods_development_category    ? 
_pdbx_database_status.pdb_format_compatible           Y 
_pdbx_database_status.status_code_nmr_data            ? 
# 
loop_
_audit_author.name 
_audit_author.pdbx_ordinal 
'Sielecki, A.R.' 1 
'James, M.N.G.'  2 
# 
loop_
_citation.id 
_citation.title 
_citation.journal_abbrev 
_citation.journal_volume 
_citation.page_first 
_citation.page_last 
_citation.year 
_citation.journal_id_ASTM 
_citation.country 
_citation.journal_id_ISSN 
_citation.journal_id_CSD 
_citation.book_publisher 
_citation.pdbx_database_id_PubMed 
_citation.pdbx_database_id_DOI 
primary 
;Structures of product and inhibitor complexes of Streptomyces griseus protease A at 1.8 A resolution. A model for serine protease catalysis.
;
J.Mol.Biol.                                                                    144 43  88 1980 JMOBAK UK 0022-2836 0070 ? 6783761 
'10.1016/0022-2836(80)90214-4' 
1       'The Importance of Refined Structures to the Understanding of Enzyme Action' 
'Proceedings of the Daresbury Study Weekend: Refinement of Protein Structures' ?   78  ?  1981 ?      ?  0144-5677 0811 
'Daresbury Laboratory, Daresbury, England' ?       ?                              
2       'Protein Structure Refinement. Streptomyces Griseus Serine Protease A at 1.8 Angstroms Resolution' J.Mol.Biol. 134 781 ?  
1979 JMOBAK UK 0022-2836 0070 ?                                          ?       ?                              
3       
;Electron Density Calculations as an Extension of Protein Structure Refinement. Streptomyces Griseus Protease at 1.5 Angstroms Resolution
;
J.Mol.Biol.                                                                    182 555 ?  1985 JMOBAK UK 0022-2836 0070 ? ?       
?                              
4       
;Crystallographic and Kinetic Investigations of the Covalent Complex Formed by a Specific Tetrapeptide Aldehyde and the Serine Protease from Streptomyces Griseus
;
Proc.Natl.Acad.Sci.USA                                                         76  96  ?  1979 PNASA6 US 0027-8424 0040 ? ?       
?                              
5       
;Molecular Structure of Crystalline Streptomyces Griseus Protease A at 2.8 Angstroms Resolution. II. Molecular Conformation, Comparison with Alpha-Chymotrypsin and Active-Site Geometry
;
J.Mol.Biol.                                                                    124 261 ?  1978 JMOBAK UK 0022-2836 0070 ? ?       
?                              
6       
;Molecular Structure of Crystalline Streptomyces Griseus Protease A at 2.8 Angstroms Resolution. I. Crystallization, Data Collection and Structural Analysis
;
J.Mol.Biol.                                                                    124 243 ?  1978 JMOBAK UK 0022-2836 0070 ? ?       
?                              
7       'Amino Acid Sequence Alignment of Bacterial and Mammalian Pancreatic Serine Proteases Based on Topological Equivalences' 
Can.J.Biochem.                                                                 56  396 ?  1978 CJBIAE CA 0008-4018 0415 ? ?       
?                              
8       'Tertiary Structural Differences between Microbial Serine Proteases and Pancreatic Serine Enzymes' Nature 257 758 ?  1975 
NATUAS UK 0028-0836 0006 ?                                          ?       ?                              
9       
;Structure of the Complex Formed between the Bacterial-Produced Inhibitor Chymostatin and the Serine Enzyme Streptomyces Griseus Protease A
;
J.Mol.Biol.                                                                    139 45  ?  1980 JMOBAK UK 0022-2836 0070 ? ?       
?                              
10      
'Refined Structure of Alpha-Lytic Protease at 1.7 Angstroms Resolution: Analysis of Hydrogen Bonding and Solvent Structure' 
J.Mol.Biol.                                                                    183 479 ?  1985 JMOBAK UK 0022-2836 0070 ? ?       
?                              
# 
loop_
_citation_author.citation_id 
_citation_author.name 
_citation_author.ordinal 
_citation_author.identifier_ORCID 
primary 'James, M.N.'       1  ? 
primary 'Sielecki, A.R.'    2  ? 
primary 'Brayer, G.D.'      3  ? 
primary 'Delbaere, L.T.'    4  ? 
primary 'Bauer, C.A.'       5  ? 
1       'Sielecki, A.R.'    6  ? 
1       'James, M.N.G.'     7  ? 
2       'Sielecki, A.R.'    8  ? 
2       'Hendrickson, W.A.' 9  ? 
2       'Broughton, C.G.'   10 ? 
2       'Delbaere, L.T.J.'  11 ? 
2       'Brayer, G.D.'      12 ? 
2       'James, M.N.G.'     13 ? 
3       'Moult, J.'         14 ? 
3       'Sussman, F.'       15 ? 
3       'James, M.N.G.'     16 ? 
4       'Brayer, G.D.'      17 ? 
4       'Delbaere, L.T.J.'  18 ? 
4       'James, M.N.G.'     19 ? 
4       'Bauer, C.-A.'      20 ? 
4       'Thompson, R.C.'    21 ? 
5       'Brayer, G.D.'      22 ? 
5       'Delbaere, L.T.J.'  23 ? 
5       'James, M.N.G.'     24 ? 
6       'Brayer, G.D.'      25 ? 
6       'Delbaere, L.T.J.'  26 ? 
6       'James, M.N.G.'     27 ? 
7       'James, M.N.G.'     28 ? 
7       'Delbaere, L.T.J.'  29 ? 
7       'Brayer, G.D.'      30 ? 
8       'Delbaere, L.T.J.'  31 ? 
8       'Hutcheon, W.L.B.'  32 ? 
8       'James, M.N.G.'     33 ? 
8       'Thiessen, W.E.'    34 ? 
9       'Delbaere, L.T.J.'  35 ? 
9       'Brayer, G.D.'      36 ? 
10      'Fujinaga, M.'      37 ? 
10      'Delbaere, L.T.J.'  38 ? 
10      'Brayer, G.D.'      39 ? 
10      'James, M.N.G.'     40 ? 
# 
loop_
_entity.id 
_entity.type 
_entity.src_method 
_entity.pdbx_description 
_entity.formula_weight 
_entity.pdbx_number_of_molecules 
_entity.pdbx_ec 
_entity.pdbx_mutation 
_entity.pdbx_fragment 
_entity.details 
1 polymer man 'PROTEINASE A (SGPA)'        18016.625 1   ? ? ? ? 
2 polymer syn ACE-PRO-ALA-PRO-PHE-ALDEHYDE 442.551   1   ? ? ? ? 
3 water   nat water                        18.015    191 ? ? ? ? 
# 
loop_
_entity_poly.entity_id 
_entity_poly.type 
_entity_poly.nstd_linkage 
_entity_poly.nstd_monomer 
_entity_poly.pdbx_seq_one_letter_code 
_entity_poly.pdbx_seq_one_letter_code_can 
_entity_poly.pdbx_strand_id 
_entity_poly.pdbx_target_identifier 
1 'polypeptide(L)' no no  
;IAGGEAITTGGSRCSLGFNVSVNGVAHALTAGHCTNISASWSIGTRTGTSFPNNDYGIIRHSNPAAADGRVYLYNGSYQD
ITTAGNAFVGQAVQRSGSTTGLRSGSVTGLNATVNYGSSGIVYGMIQTNVCAQPGDSGGSLFAGSTALGLTSGGSGNCRT
GGTTFYQPVTEALSAYGATVL
;
;IAGGEAITTGGSRCSLGFNVSVNGVAHALTAGHCTNISASWSIGTRTGTSFPNNDYGIIRHSNPAAADGRVYLYNGSYQD
ITTAGNAFVGQAVQRSGSTTGLRSGSVTGLNATVNYGSSGIVYGMIQTNVCAQPGDSGGSLFAGSTALGLTSGGSGNCRT
GGTTFYQPVTEALSAYGATVL
;
E ? 
2 'polypeptide(L)' no yes '(ACE)PAP(PHL)' XPAPF P ? 
# 
_pdbx_entity_nonpoly.entity_id   3 
_pdbx_entity_nonpoly.name        water 
_pdbx_entity_nonpoly.comp_id     HOH 
# 
loop_
_entity_poly_seq.entity_id 
_entity_poly_seq.num 
_entity_poly_seq.mon_id 
_entity_poly_seq.hetero 
1 1   ILE n 
1 2   ALA n 
1 3   GLY n 
1 4   GLY n 
1 5   GLU n 
1 6   ALA n 
1 7   ILE n 
1 8   THR n 
1 9   THR n 
1 10  GLY n 
1 11  GLY n 
1 12  SER n 
1 13  ARG n 
1 14  CYS n 
1 15  SER n 
1 16  LEU n 
1 17  GLY n 
1 18  PHE n 
1 19  ASN n 
1 20  VAL n 
1 21  SER n 
1 22  VAL n 
1 23  ASN n 
1 24  GLY n 
1 25  VAL n 
1 26  ALA n 
1 27  HIS n 
1 28  ALA n 
1 29  LEU n 
1 30  THR n 
1 31  ALA n 
1 32  GLY n 
1 33  HIS n 
1 34  CYS n 
1 35  THR n 
1 36  ASN n 
1 37  ILE n 
1 38  SER n 
1 39  ALA n 
1 40  SER n 
1 41  TRP n 
1 42  SER n 
1 43  ILE n 
1 44  GLY n 
1 45  THR n 
1 46  ARG n 
1 47  THR n 
1 48  GLY n 
1 49  THR n 
1 50  SER n 
1 51  PHE n 
1 52  PRO n 
1 53  ASN n 
1 54  ASN n 
1 55  ASP n 
1 56  TYR n 
1 57  GLY n 
1 58  ILE n 
1 59  ILE n 
1 60  ARG n 
1 61  HIS n 
1 62  SER n 
1 63  ASN n 
1 64  PRO n 
1 65  ALA n 
1 66  ALA n 
1 67  ALA n 
1 68  ASP n 
1 69  GLY n 
1 70  ARG n 
1 71  VAL n 
1 72  TYR n 
1 73  LEU n 
1 74  TYR n 
1 75  ASN n 
1 76  GLY n 
1 77  SER n 
1 78  TYR n 
1 79  GLN n 
1 80  ASP n 
1 81  ILE n 
1 82  THR n 
1 83  THR n 
1 84  ALA n 
1 85  GLY n 
1 86  ASN n 
1 87  ALA n 
1 88  PHE n 
1 89  VAL n 
1 90  GLY n 
1 91  GLN n 
1 92  ALA n 
1 93  VAL n 
1 94  GLN n 
1 95  ARG n 
1 96  SER n 
1 97  GLY n 
1 98  SER n 
1 99  THR n 
1 100 THR n 
1 101 GLY n 
1 102 LEU n 
1 103 ARG n 
1 104 SER n 
1 105 GLY n 
1 106 SER n 
1 107 VAL n 
1 108 THR n 
1 109 GLY n 
1 110 LEU n 
1 111 ASN n 
1 112 ALA n 
1 113 THR n 
1 114 VAL n 
1 115 ASN n 
1 116 TYR n 
1 117 GLY n 
1 118 SER n 
1 119 SER n 
1 120 GLY n 
1 121 ILE n 
1 122 VAL n 
1 123 TYR n 
1 124 GLY n 
1 125 MET n 
1 126 ILE n 
1 127 GLN n 
1 128 THR n 
1 129 ASN n 
1 130 VAL n 
1 131 CYS n 
1 132 ALA n 
1 133 GLN n 
1 134 PRO n 
1 135 GLY n 
1 136 ASP n 
1 137 SER n 
1 138 GLY n 
1 139 GLY n 
1 140 SER n 
1 141 LEU n 
1 142 PHE n 
1 143 ALA n 
1 144 GLY n 
1 145 SER n 
1 146 THR n 
1 147 ALA n 
1 148 LEU n 
1 149 GLY n 
1 150 LEU n 
1 151 THR n 
1 152 SER n 
1 153 GLY n 
1 154 GLY n 
1 155 SER n 
1 156 GLY n 
1 157 ASN n 
1 158 CYS n 
1 159 ARG n 
1 160 THR n 
1 161 GLY n 
1 162 GLY n 
1 163 THR n 
1 164 THR n 
1 165 PHE n 
1 166 TYR n 
1 167 GLN n 
1 168 PRO n 
1 169 VAL n 
1 170 THR n 
1 171 GLU n 
1 172 ALA n 
1 173 LEU n 
1 174 SER n 
1 175 ALA n 
1 176 TYR n 
1 177 GLY n 
1 178 ALA n 
1 179 THR n 
1 180 VAL n 
1 181 LEU n 
2 1   ACE n 
2 2   PRO n 
2 3   ALA n 
2 4   PRO n 
2 5   PHL n 
# 
_entity_src_gen.entity_id                          1 
_entity_src_gen.pdbx_src_id                        1 
_entity_src_gen.pdbx_alt_source_flag               sample 
_entity_src_gen.pdbx_seq_type                      ? 
_entity_src_gen.pdbx_beg_seq_num                   ? 
_entity_src_gen.pdbx_end_seq_num                   ? 
_entity_src_gen.gene_src_common_name               ? 
_entity_src_gen.gene_src_genus                     ? 
_entity_src_gen.pdbx_gene_src_gene                 sprA 
_entity_src_gen.gene_src_species                   ? 
_entity_src_gen.gene_src_strain                    ? 
_entity_src_gen.gene_src_tissue                    ? 
_entity_src_gen.gene_src_tissue_fraction           ? 
_entity_src_gen.gene_src_details                   ? 
_entity_src_gen.pdbx_gene_src_fragment             ? 
_entity_src_gen.pdbx_gene_src_scientific_name      'Streptomyces griseus' 
_entity_src_gen.pdbx_gene_src_ncbi_taxonomy_id     1911 
_entity_src_gen.pdbx_gene_src_variant              ? 
_entity_src_gen.pdbx_gene_src_cell_line            ? 
_entity_src_gen.pdbx_gene_src_atcc                 ? 
_entity_src_gen.pdbx_gene_src_organ                ? 
_entity_src_gen.pdbx_gene_src_organelle            ? 
_entity_src_gen.pdbx_gene_src_cell                 ? 
_entity_src_gen.pdbx_gene_src_cellular_location    ? 
_entity_src_gen.host_org_common_name               ? 
_entity_src_gen.pdbx_host_org_scientific_name      ? 
_entity_src_gen.pdbx_host_org_ncbi_taxonomy_id     ? 
_entity_src_gen.host_org_genus                     ? 
_entity_src_gen.pdbx_host_org_gene                 ? 
_entity_src_gen.pdbx_host_org_organ                ? 
_entity_src_gen.host_org_species                   ? 
_entity_src_gen.pdbx_host_org_tissue               ? 
_entity_src_gen.pdbx_host_org_tissue_fraction      ? 
_entity_src_gen.pdbx_host_org_strain               ? 
_entity_src_gen.pdbx_host_org_variant              ? 
_entity_src_gen.pdbx_host_org_cell_line            ? 
_entity_src_gen.pdbx_host_org_atcc                 ? 
_entity_src_gen.pdbx_host_org_culture_collection   ? 
_entity_src_gen.pdbx_host_org_cell                 ? 
_entity_src_gen.pdbx_host_org_organelle            ? 
_entity_src_gen.pdbx_host_org_cellular_location    ? 
_entity_src_gen.pdbx_host_org_vector_type          ? 
_entity_src_gen.pdbx_host_org_vector               ? 
_entity_src_gen.host_org_details                   ? 
_entity_src_gen.expression_system_id               ? 
_entity_src_gen.plasmid_name                       ? 
_entity_src_gen.plasmid_details                    ? 
_entity_src_gen.pdbx_description                   ? 
# 
loop_
_chem_comp.id 
_chem_comp.type 
_chem_comp.mon_nstd_flag 
_chem_comp.name 
_chem_comp.pdbx_synonyms 
_chem_comp.formula 
_chem_comp.formula_weight 
ACE non-polymer         . 'ACETYL GROUP'   ?                              'C2 H4 O'        44.053  
ALA 'L-peptide linking' y ALANINE          ?                              'C3 H7 N O2'     89.093  
ARG 'L-peptide linking' y ARGININE         ?                              'C6 H15 N4 O2 1' 175.209 
ASN 'L-peptide linking' y ASPARAGINE       ?                              'C4 H8 N2 O3'    132.118 
ASP 'L-peptide linking' y 'ASPARTIC ACID'  ?                              'C4 H7 N O4'     133.103 
CYS 'L-peptide linking' y CYSTEINE         ?                              'C3 H7 N O2 S'   121.158 
GLN 'L-peptide linking' y GLUTAMINE        ?                              'C5 H10 N2 O3'   146.144 
GLU 'L-peptide linking' y 'GLUTAMIC ACID'  ?                              'C5 H9 N O4'     147.129 
GLY 'peptide linking'   y GLYCINE          ?                              'C2 H5 N O2'     75.067  
HIS 'L-peptide linking' y HISTIDINE        ?                              'C6 H10 N3 O2 1' 156.162 
HOH non-polymer         . WATER            ?                              'H2 O'           18.015  
ILE 'L-peptide linking' y ISOLEUCINE       ?                              'C6 H13 N O2'    131.173 
LEU 'L-peptide linking' y LEUCINE          ?                              'C6 H13 N O2'    131.173 
MET 'L-peptide linking' y METHIONINE       ?                              'C5 H11 N O2 S'  149.211 
PHE 'L-peptide linking' y PHENYLALANINE    ?                              'C9 H11 N O2'    165.189 
PHL 'L-peptide linking' n L-PHENYLALANINOL 'bound form of Phenylalaninal' 'C9 H13 N O'     151.206 
PRO 'L-peptide linking' y PROLINE          ?                              'C5 H9 N O2'     115.130 
SER 'L-peptide linking' y SERINE           ?                              'C3 H7 N O3'     105.093 
THR 'L-peptide linking' y THREONINE        ?                              'C4 H9 N O3'     119.119 
TRP 'L-peptide linking' y TRYPTOPHAN       ?                              'C11 H12 N2 O2'  204.225 
TYR 'L-peptide linking' y TYROSINE         ?                              'C9 H11 N O3'    181.189 
VAL 'L-peptide linking' y VALINE           ?                              'C5 H11 N O2'    117.146 
# 
loop_
_pdbx_poly_seq_scheme.asym_id 
_pdbx_poly_seq_scheme.entity_id 
_pdbx_poly_seq_scheme.seq_id 
_pdbx_poly_seq_scheme.mon_id 
_pdbx_poly_seq_scheme.ndb_seq_num 
_pdbx_poly_seq_scheme.pdb_seq_num 
_pdbx_poly_seq_scheme.auth_seq_num 
_pdbx_poly_seq_scheme.pdb_mon_id 
_pdbx_poly_seq_scheme.auth_mon_id 
_pdbx_poly_seq_scheme.pdb_strand_id 
_pdbx_poly_seq_scheme.pdb_ins_code 
_pdbx_poly_seq_scheme.hetero 
A 1 1   ILE 1   16  16  ILE ILE E . n 
A 1 2   ALA 2   17  17  ALA ALA E . n 
A 1 3   GLY 3   18  18  GLY GLY E . n 
A 1 4   GLY 4   19  19  GLY GLY E . n 
A 1 5   GLU 5   29  29  GLU GLU E . n 
A 1 6   ALA 6   30  30  ALA ALA E . n 
A 1 7   ILE 7   31  31  ILE ILE E . n 
A 1 8   THR 8   32  32  THR THR E . n 
A 1 9   THR 9   33  33  THR THR E . n 
A 1 10  GLY 10  34  34  GLY GLY E . n 
A 1 11  GLY 11  39  39  GLY GLY E . n 
A 1 12  SER 12  40  40  SER SER E . n 
A 1 13  ARG 13  41  41  ARG ARG E . n 
A 1 14  CYS 14  42  42  CYS CYS E . n 
A 1 15  SER 15  43  43  SER SER E . n 
A 1 16  LEU 16  44  44  LEU LEU E . n 
A 1 17  GLY 17  45  45  GLY GLY E . n 
A 1 18  PHE 18  46  46  PHE PHE E . n 
A 1 19  ASN 19  47  47  ASN ASN E . n 
A 1 20  VAL 20  48  48  VAL VAL E . n 
A 1 21  SER 21  48  48  SER SER E A n 
A 1 22  VAL 22  48  48  VAL VAL E B n 
A 1 23  ASN 23  48  48  ASN ASN E C n 
A 1 24  GLY 24  48  48  GLY GLY E D n 
A 1 25  VAL 25  49  49  VAL VAL E . n 
A 1 26  ALA 26  50  50  ALA ALA E . n 
A 1 27  HIS 27  51  51  HIS HIS E . n 
A 1 28  ALA 28  52  52  ALA ALA E . n 
A 1 29  LEU 29  53  53  LEU LEU E . n 
A 1 30  THR 30  54  54  THR THR E . n 
A 1 31  ALA 31  55  55  ALA ALA E . n 
A 1 32  GLY 32  56  56  GLY GLY E . n 
A 1 33  HIS 33  57  57  HIS HIS E . n 
A 1 34  CYS 34  58  58  CYS CYS E . n 
A 1 35  THR 35  59  59  THR THR E . n 
A 1 36  ASN 36  62  62  ASN ASN E . n 
A 1 37  ILE 37  63  63  ILE ILE E . n 
A 1 38  SER 38  64  64  SER SER E . n 
A 1 39  ALA 39  65  65  ALA ALA E . n 
A 1 40  SER 40  65  65  SER SER E A n 
A 1 41  TRP 41  66  66  TRP TRP E . n 
A 1 42  SER 42  84  84  SER SER E . n 
A 1 43  ILE 43  85  85  ILE ILE E . n 
A 1 44  GLY 44  86  86  GLY GLY E . n 
A 1 45  THR 45  87  87  THR THR E . n 
A 1 46  ARG 46  88  88  ARG ARG E . n 
A 1 47  THR 47  89  89  THR THR E . n 
A 1 48  GLY 48  90  90  GLY GLY E . n 
A 1 49  THR 49  91  91  THR THR E . n 
A 1 50  SER 50  93  93  SER SER E . n 
A 1 51  PHE 51  94  94  PHE PHE E . n 
A 1 52  PRO 52  99  99  PRO PRO E A n 
A 1 53  ASN 53  100 100 ASN ASN E . n 
A 1 54  ASN 54  101 101 ASN ASN E . n 
A 1 55  ASP 55  102 102 ASP ASP E . n 
A 1 56  TYR 56  103 103 TYR TYR E . n 
A 1 57  GLY 57  104 104 GLY GLY E . n 
A 1 58  ILE 58  105 105 ILE ILE E . n 
A 1 59  ILE 59  106 106 ILE ILE E . n 
A 1 60  ARG 60  107 107 ARG ARG E . n 
A 1 61  HIS 61  108 108 HIS HIS E . n 
A 1 62  SER 62  109 109 SER SER E . n 
A 1 63  ASN 63  110 110 ASN ASN E . n 
A 1 64  PRO 64  111 111 PRO PRO E . n 
A 1 65  ALA 65  112 112 ALA ALA E . n 
A 1 66  ALA 66  113 113 ALA ALA E . n 
A 1 67  ALA 67  114 114 ALA ALA E . n 
A 1 68  ASP 68  115 115 ASP ASP E . n 
A 1 69  GLY 69  116 116 GLY GLY E . n 
A 1 70  ARG 70  117 117 ARG ARG E . n 
A 1 71  VAL 71  118 118 VAL VAL E . n 
A 1 72  TYR 72  119 119 TYR TYR E . n 
A 1 73  LEU 73  120 120 LEU LEU E . n 
A 1 74  TYR 74  120 120 TYR TYR E A n 
A 1 75  ASN 75  120 120 ASN ASN E B n 
A 1 76  GLY 76  120 120 GLY GLY E C n 
A 1 77  SER 77  120 120 SER SER E D n 
A 1 78  TYR 78  121 121 TYR TYR E . n 
A 1 79  GLN 79  122 122 GLN GLN E . n 
A 1 80  ASP 80  123 123 ASP ASP E . n 
A 1 81  ILE 81  124 124 ILE ILE E . n 
A 1 82  THR 82  125 125 THR THR E . n 
A 1 83  THR 83  126 126 THR THR E . n 
A 1 84  ALA 84  127 127 ALA ALA E . n 
A 1 85  GLY 85  128 128 GLY GLY E . n 
A 1 86  ASN 86  129 129 ASN ASN E . n 
A 1 87  ALA 87  130 130 ALA ALA E . n 
A 1 88  PHE 88  131 131 PHE PHE E . n 
A 1 89  VAL 89  132 132 VAL VAL E . n 
A 1 90  GLY 90  133 133 GLY GLY E . n 
A 1 91  GLN 91  134 134 GLN GLN E . n 
A 1 92  ALA 92  135 135 ALA ALA E . n 
A 1 93  VAL 93  136 136 VAL VAL E . n 
A 1 94  GLN 94  137 137 GLN GLN E . n 
A 1 95  ARG 95  138 138 ARG ARG E . n 
A 1 96  SER 96  139 139 SER SER E . n 
A 1 97  GLY 97  140 140 GLY GLY E . n 
A 1 98  SER 98  141 141 SER SER E . n 
A 1 99  THR 99  142 142 THR THR E . n 
A 1 100 THR 100 143 143 THR THR E . n 
A 1 101 GLY 101 156 156 GLY GLY E . n 
A 1 102 LEU 102 157 157 LEU LEU E . n 
A 1 103 ARG 103 158 158 ARG ARG E . n 
A 1 104 SER 104 159 159 SER SER E . n 
A 1 105 GLY 105 160 160 GLY GLY E . n 
A 1 106 SER 106 161 161 SER SER E . n 
A 1 107 VAL 107 162 162 VAL VAL E . n 
A 1 108 THR 108 163 163 THR THR E . n 
A 1 109 GLY 109 164 164 GLY GLY E . n 
A 1 110 LEU 110 165 165 LEU LEU E . n 
A 1 111 ASN 111 166 166 ASN ASN E . n 
A 1 112 ALA 112 167 167 ALA ALA E . n 
A 1 113 THR 113 168 168 THR THR E . n 
A 1 114 VAL 114 169 169 VAL VAL E . n 
A 1 115 ASN 115 170 170 ASN ASN E . n 
A 1 116 TYR 116 171 171 TYR TYR E . n 
A 1 117 GLY 117 172 172 GLY GLY E . n 
A 1 118 SER 118 173 173 SER SER E . n 
A 1 119 SER 119 174 174 SER SER E . n 
A 1 120 GLY 120 175 175 GLY GLY E . n 
A 1 121 ILE 121 176 176 ILE ILE E . n 
A 1 122 VAL 122 177 177 VAL VAL E . n 
A 1 123 TYR 123 178 178 TYR TYR E . n 
A 1 124 GLY 124 179 179 GLY GLY E . n 
A 1 125 MET 125 180 180 MET MET E . n 
A 1 126 ILE 126 181 181 ILE ILE E . n 
A 1 127 GLN 127 182 182 GLN GLN E . n 
A 1 128 THR 128 183 183 THR THR E . n 
A 1 129 ASN 129 184 184 ASN ASN E . n 
A 1 130 VAL 130 190 190 VAL VAL E . n 
A 1 131 CYS 131 191 191 CYS CYS E . n 
A 1 132 ALA 132 192 192 ALA ALA E . n 
A 1 133 GLN 133 192 192 GLN GLN E A n 
A 1 134 PRO 134 192 192 PRO PRO E B n 
A 1 135 GLY 135 193 193 GLY GLY E . n 
A 1 136 ASP 136 194 194 ASP ASP E . n 
A 1 137 SER 137 195 195 SER SER E . n 
A 1 138 GLY 138 196 196 GLY GLY E . n 
A 1 139 GLY 139 197 197 GLY GLY E . n 
A 1 140 SER 140 198 198 SER SER E . n 
A 1 141 LEU 141 199 199 LEU LEU E . n 
A 1 142 PHE 142 200 200 PHE PHE E . n 
A 1 143 ALA 143 201 201 ALA ALA E . n 
A 1 144 GLY 144 202 202 GLY GLY E . n 
A 1 145 SER 145 207 207 SER SER E . n 
A 1 146 THR 146 208 208 THR THR E . n 
A 1 147 ALA 147 209 209 ALA ALA E . n 
A 1 148 LEU 148 210 210 LEU LEU E . n 
A 1 149 GLY 149 211 211 GLY GLY E . n 
A 1 150 LEU 150 212 212 LEU LEU E . n 
A 1 151 THR 151 213 213 THR THR E . n 
A 1 152 SER 152 214 214 SER SER E . n 
A 1 153 GLY 153 215 215 GLY GLY E . n 
A 1 154 GLY 154 216 216 GLY GLY E . n 
A 1 155 SER 155 217 217 SER SER E . n 
A 1 156 GLY 156 218 218 GLY GLY E . n 
A 1 157 ASN 157 219 219 ASN ASN E . n 
A 1 158 CYS 158 220 220 CYS CYS E . n 
A 1 159 ARG 159 221 221 ARG ARG E . n 
A 1 160 THR 160 222 222 THR THR E . n 
A 1 161 GLY 161 223 223 GLY GLY E . n 
A 1 162 GLY 162 224 224 GLY GLY E . n 
A 1 163 THR 163 225 225 THR THR E . n 
A 1 164 THR 164 226 226 THR THR E . n 
A 1 165 PHE 165 227 227 PHE PHE E . n 
A 1 166 TYR 166 228 228 TYR TYR E . n 
A 1 167 GLN 167 229 229 GLN GLN E . n 
A 1 168 PRO 168 230 230 PRO PRO E . n 
A 1 169 VAL 169 231 231 VAL VAL E . n 
A 1 170 THR 170 232 232 THR THR E . n 
A 1 171 GLU 171 233 233 GLU GLU E . n 
A 1 172 ALA 172 234 234 ALA ALA E . n 
A 1 173 LEU 173 235 235 LEU LEU E . n 
A 1 174 SER 174 235 235 SER SER E A n 
A 1 175 ALA 175 236 236 ALA ALA E . n 
A 1 176 TYR 176 237 237 TYR TYR E . n 
A 1 177 GLY 177 238 238 GLY GLY E . n 
A 1 178 ALA 178 239 239 ALA ALA E . n 
A 1 179 THR 179 240 240 THR THR E . n 
A 1 180 VAL 180 241 241 VAL VAL E . n 
A 1 181 LEU 181 242 242 LEU LEU E . n 
B 2 1   ACE 1   5   5   ACE ACE P . n 
B 2 2   PRO 2   6   4   PRO PRO P . n 
B 2 3   ALA 3   7   3   ALA ALA P . n 
B 2 4   PRO 4   8   2   PRO PRO P . n 
B 2 5   PHL 5   9   1   PHL PHL P . n 
# 
loop_
_pdbx_nonpoly_scheme.asym_id 
_pdbx_nonpoly_scheme.entity_id 
_pdbx_nonpoly_scheme.mon_id 
_pdbx_nonpoly_scheme.ndb_seq_num 
_pdbx_nonpoly_scheme.pdb_seq_num 
_pdbx_nonpoly_scheme.auth_seq_num 
_pdbx_nonpoly_scheme.pdb_mon_id 
_pdbx_nonpoly_scheme.auth_mon_id 
_pdbx_nonpoly_scheme.pdb_strand_id 
_pdbx_nonpoly_scheme.pdb_ins_code 
C 3 HOH 1   301 186 HOH HOH E . 
C 3 HOH 2   302 187 HOH HOH E . 
C 3 HOH 3   303 188 HOH HOH E . 
C 3 HOH 4   304 189 HOH HOH E . 
C 3 HOH 5   305 190 HOH HOH E . 
C 3 HOH 6   306 191 HOH HOH E . 
C 3 HOH 7   307 192 HOH HOH E . 
C 3 HOH 8   308 193 HOH HOH E . 
C 3 HOH 9   309 194 HOH HOH E . 
C 3 HOH 10  310 195 HOH HOH E . 
C 3 HOH 11  311 196 HOH HOH E . 
C 3 HOH 12  312 197 HOH HOH E . 
C 3 HOH 13  313 198 HOH HOH E . 
C 3 HOH 14  314 199 HOH HOH E . 
C 3 HOH 15  315 200 HOH HOH E . 
C 3 HOH 16  316 201 HOH HOH E . 
C 3 HOH 17  317 202 HOH HOH E . 
C 3 HOH 18  318 203 HOH HOH E . 
C 3 HOH 19  319 204 HOH HOH E . 
C 3 HOH 20  320 205 HOH HOH E . 
C 3 HOH 21  321 206 HOH HOH E . 
C 3 HOH 22  322 207 HOH HOH E . 
C 3 HOH 23  323 208 HOH HOH E . 
C 3 HOH 24  324 209 HOH HOH E . 
C 3 HOH 25  325 210 HOH HOH E . 
C 3 HOH 26  326 211 HOH HOH E . 
C 3 HOH 27  327 212 HOH HOH E . 
C 3 HOH 28  328 213 HOH HOH E . 
C 3 HOH 29  329 214 HOH HOH E . 
C 3 HOH 30  330 215 HOH HOH E . 
C 3 HOH 31  331 216 HOH HOH E . 
C 3 HOH 32  332 218 HOH HOH E . 
C 3 HOH 33  333 219 HOH HOH E . 
C 3 HOH 34  334 220 HOH HOH E . 
C 3 HOH 35  335 221 HOH HOH E . 
C 3 HOH 36  336 222 HOH HOH E . 
C 3 HOH 37  337 223 HOH HOH E . 
C 3 HOH 38  338 224 HOH HOH E . 
C 3 HOH 39  339 225 HOH HOH E . 
C 3 HOH 40  340 226 HOH HOH E . 
C 3 HOH 41  341 227 HOH HOH E . 
C 3 HOH 42  342 228 HOH HOH E . 
C 3 HOH 43  343 229 HOH HOH E . 
C 3 HOH 44  344 230 HOH HOH E . 
C 3 HOH 45  345 231 HOH HOH E . 
C 3 HOH 46  346 232 HOH HOH E . 
C 3 HOH 47  347 233 HOH HOH E . 
C 3 HOH 48  348 234 HOH HOH E . 
C 3 HOH 49  349 235 HOH HOH E . 
C 3 HOH 50  350 236 HOH HOH E . 
C 3 HOH 51  351 237 HOH HOH E . 
C 3 HOH 52  352 238 HOH HOH E . 
C 3 HOH 53  353 239 HOH HOH E . 
C 3 HOH 54  354 240 HOH HOH E . 
C 3 HOH 55  355 241 HOH HOH E . 
C 3 HOH 56  356 242 HOH HOH E . 
C 3 HOH 57  357 243 HOH HOH E . 
C 3 HOH 58  358 244 HOH HOH E . 
C 3 HOH 59  359 245 HOH HOH E . 
C 3 HOH 60  360 246 HOH HOH E . 
C 3 HOH 61  361 247 HOH HOH E . 
C 3 HOH 62  362 249 HOH HOH E . 
C 3 HOH 63  363 250 HOH HOH E . 
C 3 HOH 64  364 251 HOH HOH E . 
C 3 HOH 65  365 252 HOH HOH E . 
C 3 HOH 66  366 253 HOH HOH E . 
C 3 HOH 67  367 254 HOH HOH E . 
C 3 HOH 68  368 255 HOH HOH E . 
C 3 HOH 69  369 256 HOH HOH E . 
C 3 HOH 70  370 257 HOH HOH E . 
C 3 HOH 71  371 258 HOH HOH E . 
C 3 HOH 72  372 259 HOH HOH E . 
C 3 HOH 73  373 260 HOH HOH E . 
C 3 HOH 74  374 261 HOH HOH E . 
C 3 HOH 75  375 262 HOH HOH E . 
C 3 HOH 76  376 263 HOH HOH E . 
C 3 HOH 77  377 264 HOH HOH E . 
C 3 HOH 78  378 267 HOH HOH E . 
C 3 HOH 79  379 268 HOH HOH E . 
C 3 HOH 80  380 269 HOH HOH E . 
C 3 HOH 81  381 270 HOH HOH E . 
C 3 HOH 82  382 271 HOH HOH E . 
C 3 HOH 83  383 272 HOH HOH E . 
C 3 HOH 84  384 273 HOH HOH E . 
C 3 HOH 85  385 274 HOH HOH E . 
C 3 HOH 86  386 275 HOH HOH E . 
C 3 HOH 87  387 276 HOH HOH E . 
C 3 HOH 88  388 277 HOH HOH E . 
C 3 HOH 89  389 278 HOH HOH E . 
C 3 HOH 90  390 279 HOH HOH E . 
C 3 HOH 91  391 280 HOH HOH E . 
C 3 HOH 92  392 281 HOH HOH E . 
C 3 HOH 93  393 282 HOH HOH E . 
C 3 HOH 94  394 283 HOH HOH E . 
C 3 HOH 95  395 284 HOH HOH E . 
C 3 HOH 96  396 285 HOH HOH E . 
C 3 HOH 97  397 286 HOH HOH E . 
C 3 HOH 98  398 287 HOH HOH E . 
C 3 HOH 99  399 288 HOH HOH E . 
C 3 HOH 100 400 289 HOH HOH E . 
C 3 HOH 101 401 290 HOH HOH E . 
C 3 HOH 102 402 292 HOH HOH E . 
C 3 HOH 103 403 293 HOH HOH E . 
C 3 HOH 104 404 294 HOH HOH E . 
C 3 HOH 105 405 295 HOH HOH E . 
C 3 HOH 106 406 297 HOH HOH E . 
C 3 HOH 107 407 298 HOH HOH E . 
C 3 HOH 108 408 300 HOH HOH E . 
C 3 HOH 109 409 301 HOH HOH E . 
C 3 HOH 110 410 302 HOH HOH E . 
C 3 HOH 111 411 303 HOH HOH E . 
C 3 HOH 112 412 304 HOH HOH E . 
C 3 HOH 113 413 305 HOH HOH E . 
C 3 HOH 114 414 306 HOH HOH E . 
C 3 HOH 115 415 307 HOH HOH E . 
C 3 HOH 116 416 308 HOH HOH E . 
C 3 HOH 117 417 309 HOH HOH E . 
C 3 HOH 118 418 310 HOH HOH E . 
C 3 HOH 119 419 311 HOH HOH E . 
C 3 HOH 120 420 312 HOH HOH E . 
C 3 HOH 121 421 313 HOH HOH E . 
C 3 HOH 122 422 314 HOH HOH E . 
C 3 HOH 123 423 315 HOH HOH E . 
C 3 HOH 124 424 316 HOH HOH E . 
C 3 HOH 125 425 317 HOH HOH E . 
C 3 HOH 126 426 318 HOH HOH E . 
C 3 HOH 127 427 320 HOH HOH E . 
C 3 HOH 128 428 321 HOH HOH E . 
C 3 HOH 129 429 323 HOH HOH E . 
C 3 HOH 130 430 324 HOH HOH E . 
C 3 HOH 131 431 325 HOH HOH E . 
C 3 HOH 132 432 326 HOH HOH E . 
C 3 HOH 133 433 327 HOH HOH E . 
C 3 HOH 134 434 328 HOH HOH E . 
C 3 HOH 135 435 329 HOH HOH E . 
C 3 HOH 136 436 330 HOH HOH E . 
C 3 HOH 137 437 331 HOH HOH E . 
C 3 HOH 138 438 332 HOH HOH E . 
C 3 HOH 139 439 333 HOH HOH E . 
C 3 HOH 140 440 334 HOH HOH E . 
C 3 HOH 141 441 335 HOH HOH E . 
C 3 HOH 142 442 336 HOH HOH E . 
C 3 HOH 143 443 337 HOH HOH E . 
C 3 HOH 144 444 338 HOH HOH E . 
C 3 HOH 145 445 339 HOH HOH E . 
C 3 HOH 146 446 340 HOH HOH E . 
C 3 HOH 147 447 341 HOH HOH E . 
C 3 HOH 148 448 342 HOH HOH E . 
C 3 HOH 149 449 343 HOH HOH E . 
C 3 HOH 150 450 345 HOH HOH E . 
C 3 HOH 151 451 347 HOH HOH E . 
C 3 HOH 152 452 348 HOH HOH E . 
C 3 HOH 153 453 349 HOH HOH E . 
C 3 HOH 154 454 350 HOH HOH E . 
C 3 HOH 155 455 351 HOH HOH E . 
C 3 HOH 156 456 352 HOH HOH E . 
C 3 HOH 157 457 353 HOH HOH E . 
C 3 HOH 158 458 354 HOH HOH E . 
C 3 HOH 159 459 355 HOH HOH E . 
C 3 HOH 160 460 357 HOH HOH E . 
C 3 HOH 161 461 359 HOH HOH E . 
C 3 HOH 162 462 360 HOH HOH E . 
C 3 HOH 163 463 361 HOH HOH E . 
C 3 HOH 164 464 362 HOH HOH E . 
C 3 HOH 165 465 364 HOH HOH E . 
C 3 HOH 166 466 365 HOH HOH E . 
C 3 HOH 167 467 367 HOH HOH E . 
C 3 HOH 168 468 368 HOH HOH E . 
C 3 HOH 169 469 369 HOH HOH E . 
C 3 HOH 170 470 370 HOH HOH E . 
C 3 HOH 171 471 371 HOH HOH E . 
C 3 HOH 172 472 372 HOH HOH E . 
C 3 HOH 173 473 374 HOH HOH E . 
C 3 HOH 174 474 375 HOH HOH E . 
C 3 HOH 175 475 376 HOH HOH E . 
C 3 HOH 176 476 377 HOH HOH E . 
C 3 HOH 177 477 378 HOH HOH E . 
C 3 HOH 178 478 379 HOH HOH E . 
C 3 HOH 179 479 380 HOH HOH E . 
C 3 HOH 180 480 381 HOH HOH E . 
C 3 HOH 181 481 382 HOH HOH E . 
C 3 HOH 182 482 383 HOH HOH E . 
C 3 HOH 183 483 384 HOH HOH E . 
C 3 HOH 184 484 385 HOH HOH E . 
C 3 HOH 185 485 386 HOH HOH E . 
C 3 HOH 186 486 387 HOH HOH E . 
C 3 HOH 187 487 389 HOH HOH E . 
D 3 HOH 1   101 266 HOH HOH P . 
D 3 HOH 2   102 346 HOH HOH P . 
D 3 HOH 3   103 356 HOH HOH P . 
D 3 HOH 4   104 366 HOH HOH P . 
# 
loop_
_pdbx_unobs_or_zero_occ_atoms.id 
_pdbx_unobs_or_zero_occ_atoms.PDB_model_num 
_pdbx_unobs_or_zero_occ_atoms.polymer_flag 
_pdbx_unobs_or_zero_occ_atoms.occupancy_flag 
_pdbx_unobs_or_zero_occ_atoms.auth_asym_id 
_pdbx_unobs_or_zero_occ_atoms.auth_comp_id 
_pdbx_unobs_or_zero_occ_atoms.auth_seq_id 
_pdbx_unobs_or_zero_occ_atoms.PDB_ins_code 
_pdbx_unobs_or_zero_occ_atoms.auth_atom_id 
_pdbx_unobs_or_zero_occ_atoms.label_alt_id 
_pdbx_unobs_or_zero_occ_atoms.label_asym_id 
_pdbx_unobs_or_zero_occ_atoms.label_comp_id 
_pdbx_unobs_or_zero_occ_atoms.label_seq_id 
_pdbx_unobs_or_zero_occ_atoms.label_atom_id 
1 1 Y 1 E ARG 221 ? CG  ? A ARG 159 CG  
2 1 Y 1 E ARG 221 ? CD  ? A ARG 159 CD  
3 1 Y 1 E ARG 221 ? NE  ? A ARG 159 NE  
4 1 Y 1 E ARG 221 ? CZ  ? A ARG 159 CZ  
5 1 Y 1 E ARG 221 ? NH1 ? A ARG 159 NH1 
6 1 Y 1 E ARG 221 ? NH2 ? A ARG 159 NH2 
# 
_software.name             PROLSQ 
_software.classification   refinement 
_software.version          . 
_software.citation_id      ? 
_software.pdbx_ordinal     1 
# 
_cell.entry_id           3SGA 
_cell.length_a           55.180 
_cell.length_b           55.180 
_cell.length_c           54.660 
_cell.angle_alpha        90.00 
_cell.angle_beta         90.00 
_cell.angle_gamma        90.00 
_cell.Z_PDB              4 
_cell.pdbx_unique_axis   ? 
_cell.length_a_esd       ? 
_cell.length_b_esd       ? 
_cell.length_c_esd       ? 
_cell.angle_alpha_esd    ? 
_cell.angle_beta_esd     ? 
_cell.angle_gamma_esd    ? 
# 
_symmetry.entry_id                         3SGA 
_symmetry.space_group_name_H-M             'P 42' 
_symmetry.pdbx_full_space_group_name_H-M   ? 
_symmetry.cell_setting                     ? 
_symmetry.Int_Tables_number                77 
_symmetry.space_group_name_Hall            ? 
# 
_exptl.entry_id          3SGA 
_exptl.method            'X-RAY DIFFRACTION' 
_exptl.crystals_number   ? 
# 
_exptl_crystal.id                    1 
_exptl_crystal.density_meas          ? 
_exptl_crystal.density_Matthews      2.25 
_exptl_crystal.density_percent_sol   45.42 
_exptl_crystal.description           ? 
_exptl_crystal.F_000                 ? 
_exptl_crystal.preparation           ? 
# 
_diffrn.id                     1 
_diffrn.ambient_temp           ? 
_diffrn.ambient_temp_details   ? 
_diffrn.crystal_id             1 
# 
_diffrn_radiation.diffrn_id                        1 
_diffrn_radiation.wavelength_id                    1 
_diffrn_radiation.monochromator                    ? 
_diffrn_radiation.pdbx_monochromatic_or_laue_m_l   ? 
_diffrn_radiation.pdbx_diffrn_protocol             ? 
_diffrn_radiation.pdbx_scattering_type             x-ray 
# 
_diffrn_radiation_wavelength.id           1 
_diffrn_radiation_wavelength.wavelength   . 
_diffrn_radiation_wavelength.wt           1.0 
# 
_refine.entry_id                                 3SGA 
_refine.ls_number_reflns_obs                     ? 
_refine.ls_number_reflns_all                     ? 
_refine.pdbx_ls_sigma_I                          ? 
_refine.pdbx_ls_sigma_F                          ? 
_refine.pdbx_data_cutoff_high_absF               ? 
_refine.pdbx_data_cutoff_low_absF                ? 
_refine.pdbx_data_cutoff_high_rms_absF           ? 
_refine.ls_d_res_low                             10.0 
_refine.ls_d_res_high                            1.8 
_refine.ls_percent_reflns_obs                    ? 
_refine.ls_R_factor_obs                          0.12 
_refine.ls_R_factor_all                          ? 
_refine.ls_R_factor_R_work                       ? 
_refine.ls_R_factor_R_free                       ? 
_refine.ls_R_factor_R_free_error                 ? 
_refine.ls_R_factor_R_free_error_details         ? 
_refine.ls_percent_reflns_R_free                 ? 
_refine.ls_number_reflns_R_free                  ? 
_refine.ls_number_parameters                     ? 
_refine.ls_number_restraints                     ? 
_refine.occupancy_min                            ? 
_refine.occupancy_max                            ? 
_refine.B_iso_mean                               ? 
_refine.aniso_B[1][1]                            ? 
_refine.aniso_B[2][2]                            ? 
_refine.aniso_B[3][3]                            ? 
_refine.aniso_B[1][2]                            ? 
_refine.aniso_B[1][3]                            ? 
_refine.aniso_B[2][3]                            ? 
_refine.solvent_model_details                    ? 
_refine.solvent_model_param_ksol                 ? 
_refine.solvent_model_param_bsol                 ? 
_refine.pdbx_ls_cross_valid_method               ? 
_refine.details                                  ? 
_refine.pdbx_starting_model                      ? 
_refine.pdbx_method_to_determine_struct          ? 
_refine.pdbx_isotropic_thermal_model             ? 
_refine.pdbx_stereochemistry_target_values       ? 
_refine.pdbx_stereochem_target_val_spec_case     ? 
_refine.pdbx_R_Free_selection_details            ? 
_refine.pdbx_overall_ESU_R_Free                  ? 
_refine.overall_SU_ML                            ? 
_refine.overall_SU_B                             ? 
_refine.pdbx_refine_id                           'X-RAY DIFFRACTION' 
_refine.ls_redundancy_reflns_obs                 ? 
_refine.pdbx_overall_phase_error                 ? 
_refine.B_iso_min                                ? 
_refine.B_iso_max                                ? 
_refine.correlation_coeff_Fo_to_Fc               ? 
_refine.correlation_coeff_Fo_to_Fc_free          ? 
_refine.pdbx_solvent_vdw_probe_radii             ? 
_refine.pdbx_solvent_ion_probe_radii             ? 
_refine.pdbx_solvent_shrinkage_radii             ? 
_refine.overall_SU_R_Cruickshank_DPI             ? 
_refine.overall_SU_R_free                        ? 
_refine.ls_wR_factor_R_free                      ? 
_refine.ls_wR_factor_R_work                      ? 
_refine.overall_FOM_free_R_set                   ? 
_refine.overall_FOM_work_R_set                   ? 
_refine.pdbx_overall_ESU_R                       ? 
_refine.pdbx_diffrn_id                           1 
_refine.pdbx_TLS_residual_ADP_flag               ? 
_refine.pdbx_overall_SU_R_free_Cruickshank_DPI   ? 
_refine.pdbx_overall_SU_R_Blow_DPI               ? 
_refine.pdbx_overall_SU_R_free_Blow_DPI          ? 
# 
_refine_hist.pdbx_refine_id                   'X-RAY DIFFRACTION' 
_refine_hist.cycle_id                         LAST 
_refine_hist.pdbx_number_atoms_protein        1292 
_refine_hist.pdbx_number_atoms_nucleic_acid   0 
_refine_hist.pdbx_number_atoms_ligand         0 
_refine_hist.number_atoms_solvent             191 
_refine_hist.number_atoms_total               1483 
_refine_hist.d_res_high                       1.8 
_refine_hist.d_res_low                        10.0 
# 
loop_
_refine_ls_restr.type 
_refine_ls_restr.dev_ideal 
_refine_ls_restr.dev_ideal_target 
_refine_ls_restr.weight 
_refine_ls_restr.number 
_refine_ls_restr.pdbx_refine_id 
_refine_ls_restr.pdbx_restraint_function 
p_bond_d            0.03  0.030 ? ? 'X-RAY DIFFRACTION' ? 
p_angle_d           0.04  0.046 ? ? 'X-RAY DIFFRACTION' ? 
p_angle_deg         ?     ?     ? ? 'X-RAY DIFFRACTION' ? 
p_planar_d          ?     ?     ? ? 'X-RAY DIFFRACTION' ? 
p_hb_or_metal_coord ?     ?     ? ? 'X-RAY DIFFRACTION' ? 
p_mcbond_it         ?     ?     ? ? 'X-RAY DIFFRACTION' ? 
p_mcangle_it        ?     ?     ? ? 'X-RAY DIFFRACTION' ? 
p_scbond_it         ?     ?     ? ? 'X-RAY DIFFRACTION' ? 
p_scangle_it        ?     ?     ? ? 'X-RAY DIFFRACTION' ? 
p_plane_restr       0.01  0.018 ? ? 'X-RAY DIFFRACTION' ? 
p_chiral_restr      0.18  0.180 ? ? 'X-RAY DIFFRACTION' ? 
p_singtor_nbd       0.40  0.400 ? ? 'X-RAY DIFFRACTION' ? 
p_multtor_nbd       ?     ?     ? ? 'X-RAY DIFFRACTION' ? 
p_xhyhbond_nbd      0.162 ?     ? ? 'X-RAY DIFFRACTION' ? 
p_xyhbond_nbd       ?     ?     ? ? 'X-RAY DIFFRACTION' ? 
p_planar_tor        2.4   6.0   ? ? 'X-RAY DIFFRACTION' ? 
p_staggered_tor     ?     ?     ? ? 'X-RAY DIFFRACTION' ? 
p_orthonormal_tor   ?     ?     ? ? 'X-RAY DIFFRACTION' ? 
p_transverse_tor    ?     ?     ? ? 'X-RAY DIFFRACTION' ? 
p_special_tor       ?     ?     ? ? 'X-RAY DIFFRACTION' ? 
# 
_struct.entry_id                  3SGA 
_struct.title                     
;STRUCTURES OF PRODUCT AND INHIBITOR COMPLEXES OF STREPTOMYCES GRISEUS PROTEASE A AT 1.8 ANGSTROMS RESOLUTION. A MODEL FOR SERINE PROTEASE CATALYSIS
;
_struct.pdbx_model_details        ? 
_struct.pdbx_CASP_flag            ? 
_struct.pdbx_model_type_details   ? 
# 
_struct_keywords.entry_id        3SGA 
_struct_keywords.pdbx_keywords   'HYDROLASE/HYDROLASE INHIBITOR' 
_struct_keywords.text            'HYDROLASE-HYDROLASE INHIBITOR COMPLEX, SERINE PROTEINASE' 
# 
loop_
_struct_asym.id 
_struct_asym.pdbx_blank_PDB_chainid_flag 
_struct_asym.pdbx_modified 
_struct_asym.entity_id 
_struct_asym.details 
A N N 1 ? 
B N N 2 ? 
C N N 3 ? 
D N N 3 ? 
# 
loop_
_struct_ref.id 
_struct_ref.db_name 
_struct_ref.db_code 
_struct_ref.entity_id 
_struct_ref.pdbx_db_accession 
_struct_ref.pdbx_align_begin 
_struct_ref.pdbx_seq_one_letter_code 
_struct_ref.pdbx_db_isoform 
1 UNP PRTA_STRGR 1 P00776 1 
;MTFKRFSPLSSTSRYARLLAVASGLVAAAALATPSAVAAPEAESKATVSQLADASSAILAADVAGTAWYTEASTGKIVLT
ADSTVSKAELAKVSNALAGSKAKLTVKRAEGKFTPLIAGGEAITTGGSRCSLGFNVSVNGVAHALTAGHCTNISASWSIG
TRTGTSFPNNDYGIIRHSNPAAADGRVYLYNGSYQDITTAGNAFVGQAVQRSGSTTGLRSGSVTGLNATVNYGSSGIVYG
MIQTNVCAEPGDSGGSLFAGSTALGLTSGGSGNCRTGGTTFYQPVTEALSAYGATVL
;
? 
2 PDB 3SGA       2 3SGA   ? XPAPX ? 
# 
loop_
_struct_ref_seq.align_id 
_struct_ref_seq.ref_id 
_struct_ref_seq.pdbx_PDB_id_code 
_struct_ref_seq.pdbx_strand_id 
_struct_ref_seq.seq_align_beg 
_struct_ref_seq.pdbx_seq_align_beg_ins_code 
_struct_ref_seq.seq_align_end 
_struct_ref_seq.pdbx_seq_align_end_ins_code 
_struct_ref_seq.pdbx_db_accession 
_struct_ref_seq.db_align_beg 
_struct_ref_seq.pdbx_db_align_beg_ins_code 
_struct_ref_seq.db_align_end 
_struct_ref_seq.pdbx_db_align_end_ins_code 
_struct_ref_seq.pdbx_auth_seq_align_beg 
_struct_ref_seq.pdbx_auth_seq_align_end 
1 1 3SGA E 1 ? 181 ? P00776 117 ? 297 ? 16 242 
2 2 3SGA P 1 ? 5   ? 3SGA   5   ? 9   ? 5  9   
# 
_struct_ref_seq_dif.align_id                     1 
_struct_ref_seq_dif.pdbx_pdb_id_code             3SGA 
_struct_ref_seq_dif.mon_id                       GLN 
_struct_ref_seq_dif.pdbx_pdb_strand_id           E 
_struct_ref_seq_dif.seq_num                      133 
_struct_ref_seq_dif.pdbx_pdb_ins_code            A 
_struct_ref_seq_dif.pdbx_seq_db_name             UNP 
_struct_ref_seq_dif.pdbx_seq_db_accession_code   P00776 
_struct_ref_seq_dif.db_mon_id                    GLU 
_struct_ref_seq_dif.pdbx_seq_db_seq_num          249 
_struct_ref_seq_dif.details                      conflict 
_struct_ref_seq_dif.pdbx_auth_seq_num            192 
_struct_ref_seq_dif.pdbx_ordinal                 1 
# 
_pdbx_struct_assembly.id                   1 
_pdbx_struct_assembly.details              author_and_software_defined_assembly 
_pdbx_struct_assembly.method_details       PISA 
_pdbx_struct_assembly.oligomeric_details   dimeric 
_pdbx_struct_assembly.oligomeric_count     2 
# 
loop_
_pdbx_struct_assembly_prop.biol_id 
_pdbx_struct_assembly_prop.type 
_pdbx_struct_assembly_prop.value 
_pdbx_struct_assembly_prop.details 
1 'ABSA (A^2)' 1180 ? 
1 MORE         -9   ? 
1 'SSA (A^2)'  6920 ? 
# 
_pdbx_struct_assembly_gen.assembly_id       1 
_pdbx_struct_assembly_gen.oper_expression   1 
_pdbx_struct_assembly_gen.asym_id_list      A,B,C,D 
# 
_pdbx_struct_oper_list.id                   1 
_pdbx_struct_oper_list.type                 'identity operation' 
_pdbx_struct_oper_list.name                 1_555 
_pdbx_struct_oper_list.symmetry_operation   x,y,z 
_pdbx_struct_oper_list.matrix[1][1]         1.0000000000 
_pdbx_struct_oper_list.matrix[1][2]         0.0000000000 
_pdbx_struct_oper_list.matrix[1][3]         0.0000000000 
_pdbx_struct_oper_list.vector[1]            0.0000000000 
_pdbx_struct_oper_list.matrix[2][1]         0.0000000000 
_pdbx_struct_oper_list.matrix[2][2]         1.0000000000 
_pdbx_struct_oper_list.matrix[2][3]         0.0000000000 
_pdbx_struct_oper_list.vector[2]            0.0000000000 
_pdbx_struct_oper_list.matrix[3][1]         0.0000000000 
_pdbx_struct_oper_list.matrix[3][2]         0.0000000000 
_pdbx_struct_oper_list.matrix[3][3]         1.0000000000 
_pdbx_struct_oper_list.vector[3]            0.0000000000 
# 
_struct_biol.id        1 
_struct_biol.details   ? 
# 
loop_
_struct_conf.conf_type_id 
_struct_conf.id 
_struct_conf.pdbx_PDB_helix_id 
_struct_conf.beg_label_comp_id 
_struct_conf.beg_label_asym_id 
_struct_conf.beg_label_seq_id 
_struct_conf.pdbx_beg_PDB_ins_code 
_struct_conf.end_label_comp_id 
_struct_conf.end_label_asym_id 
_struct_conf.end_label_seq_id 
_struct_conf.pdbx_end_PDB_ins_code 
_struct_conf.beg_auth_comp_id 
_struct_conf.beg_auth_asym_id 
_struct_conf.beg_auth_seq_id 
_struct_conf.end_auth_comp_id 
_struct_conf.end_auth_asym_id 
_struct_conf.end_auth_seq_id 
_struct_conf.pdbx_PDB_helix_class 
_struct_conf.details 
_struct_conf.pdbx_PDB_helix_length 
HELX_P HELX_P1 H1 GLY A 32  ? ILE A 37  ? GLY E 56  ILE E 63  1 ? 6 
HELX_P HELX_P2 H2 PRO A 168 ? ALA A 175 ? PRO E 230 ALA E 236 1 ? 8 
# 
_struct_conf_type.id          HELX_P 
_struct_conf_type.criteria    ? 
_struct_conf_type.reference   ? 
# 
loop_
_struct_conn.id 
_struct_conn.conn_type_id 
_struct_conn.pdbx_leaving_atom_flag 
_struct_conn.pdbx_PDB_id 
_struct_conn.ptnr1_label_asym_id 
_struct_conn.ptnr1_label_comp_id 
_struct_conn.ptnr1_label_seq_id 
_struct_conn.ptnr1_label_atom_id 
_struct_conn.pdbx_ptnr1_label_alt_id 
_struct_conn.pdbx_ptnr1_PDB_ins_code 
_struct_conn.pdbx_ptnr1_standard_comp_id 
_struct_conn.ptnr1_symmetry 
_struct_conn.ptnr2_label_asym_id 
_struct_conn.ptnr2_label_comp_id 
_struct_conn.ptnr2_label_seq_id 
_struct_conn.ptnr2_label_atom_id 
_struct_conn.pdbx_ptnr2_label_alt_id 
_struct_conn.pdbx_ptnr2_PDB_ins_code 
_struct_conn.ptnr1_auth_asym_id 
_struct_conn.ptnr1_auth_comp_id 
_struct_conn.ptnr1_auth_seq_id 
_struct_conn.ptnr2_auth_asym_id 
_struct_conn.ptnr2_auth_comp_id 
_struct_conn.ptnr2_auth_seq_id 
_struct_conn.ptnr2_symmetry 
_struct_conn.pdbx_ptnr3_label_atom_id 
_struct_conn.pdbx_ptnr3_label_seq_id 
_struct_conn.pdbx_ptnr3_label_comp_id 
_struct_conn.pdbx_ptnr3_label_asym_id 
_struct_conn.pdbx_ptnr3_label_alt_id 
_struct_conn.pdbx_ptnr3_PDB_ins_code 
_struct_conn.details 
_struct_conn.pdbx_dist_value 
_struct_conn.pdbx_value_order 
_struct_conn.pdbx_role 
disulf1 disulf ?    ? A CYS 14  SG ? ? ? 1_555 A CYS 34  SG ? ? E CYS 42  E CYS 58  1_555 ? ? ? ? ? ? ? 2.027 ? ? 
disulf2 disulf ?    ? A CYS 131 SG ? ? ? 1_555 A CYS 158 SG ? ? E CYS 191 E CYS 220 1_555 ? ? ? ? ? ? ? 2.037 ? ? 
covale1 covale one  ? A SER 137 OG ? ? ? 1_555 B PHL 5   C  ? ? E SER 195 P PHL 9   1_555 ? ? ? ? ? ? ? 1.680 ? ? 
covale2 covale both ? B ACE 1   C  ? ? ? 1_555 B PRO 2   N  ? ? P ACE 5   P PRO 6   1_555 ? ? ? ? ? ? ? 1.347 ? ? 
covale3 covale both ? B PRO 4   C  ? ? ? 1_555 B PHL 5   N  ? ? P PRO 8   P PHL 9   1_555 ? ? ? ? ? ? ? 1.318 ? ? 
# 
loop_
_struct_conn_type.id 
_struct_conn_type.criteria 
_struct_conn_type.reference 
disulf ? ? 
covale ? ? 
# 
_struct_mon_prot_cis.pdbx_id                1 
_struct_mon_prot_cis.label_comp_id          PHE 
_struct_mon_prot_cis.label_seq_id           51 
_struct_mon_prot_cis.label_asym_id          A 
_struct_mon_prot_cis.label_alt_id           . 
_struct_mon_prot_cis.pdbx_PDB_ins_code      ? 
_struct_mon_prot_cis.auth_comp_id           PHE 
_struct_mon_prot_cis.auth_seq_id            94 
_struct_mon_prot_cis.auth_asym_id           E 
_struct_mon_prot_cis.pdbx_label_comp_id_2   PRO 
_struct_mon_prot_cis.pdbx_label_seq_id_2    52 
_struct_mon_prot_cis.pdbx_label_asym_id_2   A 
_struct_mon_prot_cis.pdbx_PDB_ins_code_2    A 
_struct_mon_prot_cis.pdbx_auth_comp_id_2    PRO 
_struct_mon_prot_cis.pdbx_auth_seq_id_2     99 
_struct_mon_prot_cis.pdbx_auth_asym_id_2    E 
_struct_mon_prot_cis.pdbx_PDB_model_num     1 
_struct_mon_prot_cis.pdbx_omega_angle       -2.52 
# 
loop_
_struct_sheet.id 
_struct_sheet.type 
_struct_sheet.number_strands 
_struct_sheet.details 
S1 ? 3 ? 
S2 ? 2 ? 
S3 ? 5 ? 
S4 ? 3 ? 
S5 ? 6 ? 
S6 ? 2 ? 
# 
loop_
_struct_sheet_order.sheet_id 
_struct_sheet_order.range_id_1 
_struct_sheet_order.range_id_2 
_struct_sheet_order.offset 
_struct_sheet_order.sense 
S1 1 2 ? parallel      
S1 2 3 ? anti-parallel 
S2 1 2 ? anti-parallel 
S3 1 2 ? anti-parallel 
S3 2 3 ? anti-parallel 
S3 3 4 ? anti-parallel 
S3 4 5 ? anti-parallel 
S4 1 2 ? parallel      
S4 2 3 ? anti-parallel 
S5 1 2 ? anti-parallel 
S5 2 3 ? anti-parallel 
S5 3 4 ? anti-parallel 
S5 4 5 ? anti-parallel 
S5 5 6 ? anti-parallel 
S6 1 2 ? anti-parallel 
# 
loop_
_struct_sheet_range.sheet_id 
_struct_sheet_range.id 
_struct_sheet_range.beg_label_comp_id 
_struct_sheet_range.beg_label_asym_id 
_struct_sheet_range.beg_label_seq_id 
_struct_sheet_range.pdbx_beg_PDB_ins_code 
_struct_sheet_range.end_label_comp_id 
_struct_sheet_range.end_label_asym_id 
_struct_sheet_range.end_label_seq_id 
_struct_sheet_range.pdbx_end_PDB_ins_code 
_struct_sheet_range.beg_auth_comp_id 
_struct_sheet_range.beg_auth_asym_id 
_struct_sheet_range.beg_auth_seq_id 
_struct_sheet_range.end_auth_comp_id 
_struct_sheet_range.end_auth_asym_id 
_struct_sheet_range.end_auth_seq_id 
S1 1 ILE A 1   ? GLY A 3   ? ILE E 16  GLY E 18  
S1 2 ASP A 68  ? LEU A 73  ? ASP E 115 LEU E 120 
S1 3 SER A 77  D ILE A 81  ? SER E 120 ILE E 124 
S2 1 GLY A 4   ? THR A 9   ? GLY E 19  THR E 33  
S2 2 GLY A 11  ? LEU A 16  ? GLY E 39  LEU E 44  
S3 1 GLY A 17  ? VAL A 22  B GLY E 45  VAL E 48  
S3 2 VAL A 25  ? THR A 30  ? VAL E 49  THR E 54  
S3 3 GLY A 57  ? HIS A 61  ? GLY E 104 HIS E 108 
S3 4 GLY A 44  ? SER A 50  ? GLY E 86  SER E 93  
S3 5 ALA A 39  ? TRP A 41  ? ALA E 65  TRP E 66  
S4 1 THR A 83  ? GLY A 85  ? THR E 126 GLY E 128 
S4 2 SER A 145 ? ALA A 147 ? SER E 207 ALA E 209 
S4 3 PHE A 142 ? ALA A 143 ? PHE E 200 ALA E 201 
S5 1 GLY A 139 ? LEU A 141 ? GLY E 197 LEU E 199 
S5 2 LEU A 148 ? ASN A 157 ? LEU E 210 ASN E 219 
S5 3 GLY A 161 ? GLN A 167 ? GLY E 223 GLN E 229 
S5 4 ILE A 126 ? THR A 128 ? ILE E 181 THR E 183 
S5 5 SER A 106 ? ASN A 111 ? SER E 161 ASN E 166 
S5 6 GLN A 91  ? GLY A 97  ? GLN E 134 GLY E 140 
S6 1 ALA A 112 ? TYR A 116 ? ALA E 167 TYR E 171 
S6 2 GLY A 120 ? MET A 125 ? GLY E 175 MET E 180 
# 
_struct_site.id                   AC1 
_struct_site.pdbx_evidence_code   Software 
_struct_site.pdbx_auth_asym_id    ? 
_struct_site.pdbx_auth_comp_id    ? 
_struct_site.pdbx_auth_seq_id     ? 
_struct_site.pdbx_auth_ins_code   ? 
_struct_site.pdbx_num_residues    10 
_struct_site.details              'BINDING SITE FOR CHAIN P OF ACE-PRO-ALA-PRO-PHE-ALDEHYDE' 
# 
loop_
_struct_site_gen.id 
_struct_site_gen.site_id 
_struct_site_gen.pdbx_num_res 
_struct_site_gen.label_comp_id 
_struct_site_gen.label_asym_id 
_struct_site_gen.label_seq_id 
_struct_site_gen.pdbx_auth_ins_code 
_struct_site_gen.auth_comp_id 
_struct_site_gen.auth_asym_id 
_struct_site_gen.auth_seq_id 
_struct_site_gen.label_atom_id 
_struct_site_gen.label_alt_id 
_struct_site_gen.symmetry 
_struct_site_gen.details 
1  AC1 10 HIS A 33  ? HIS E 57  . ? 1_555 ? 
2  AC1 10 ASN A 115 ? ASN E 170 . ? 1_555 ? 
3  AC1 10 TYR A 116 ? TYR E 171 . ? 1_555 ? 
4  AC1 10 ALA A 132 ? ALA E 192 . ? 1_555 ? 
5  AC1 10 GLN A 133 A GLN E 192 . ? 1_555 ? 
6  AC1 10 GLY A 135 ? GLY E 193 . ? 1_555 ? 
7  AC1 10 SER A 137 ? SER E 195 . ? 1_555 ? 
8  AC1 10 SER A 152 ? SER E 214 . ? 1_555 ? 
9  AC1 10 GLY A 153 ? GLY E 215 . ? 1_555 ? 
10 AC1 10 GLY A 154 ? GLY E 216 . ? 1_555 ? 
# 
_pdbx_validate_close_contact.id               1 
_pdbx_validate_close_contact.PDB_model_num    1 
_pdbx_validate_close_contact.auth_atom_id_1   O 
_pdbx_validate_close_contact.auth_asym_id_1   E 
_pdbx_validate_close_contact.auth_comp_id_1   ILE 
_pdbx_validate_close_contact.auth_seq_id_1    124 
_pdbx_validate_close_contact.PDB_ins_code_1   ? 
_pdbx_validate_close_contact.label_alt_id_1   ? 
_pdbx_validate_close_contact.auth_atom_id_2   O 
_pdbx_validate_close_contact.auth_asym_id_2   E 
_pdbx_validate_close_contact.auth_comp_id_2   HOH 
_pdbx_validate_close_contact.auth_seq_id_2    343 
_pdbx_validate_close_contact.PDB_ins_code_2   ? 
_pdbx_validate_close_contact.label_alt_id_2   ? 
_pdbx_validate_close_contact.dist             2.14 
# 
loop_
_pdbx_validate_rmsd_angle.id 
_pdbx_validate_rmsd_angle.PDB_model_num 
_pdbx_validate_rmsd_angle.auth_atom_id_1 
_pdbx_validate_rmsd_angle.auth_asym_id_1 
_pdbx_validate_rmsd_angle.auth_comp_id_1 
_pdbx_validate_rmsd_angle.auth_seq_id_1 
_pdbx_validate_rmsd_angle.PDB_ins_code_1 
_pdbx_validate_rmsd_angle.label_alt_id_1 
_pdbx_validate_rmsd_angle.auth_atom_id_2 
_pdbx_validate_rmsd_angle.auth_asym_id_2 
_pdbx_validate_rmsd_angle.auth_comp_id_2 
_pdbx_validate_rmsd_angle.auth_seq_id_2 
_pdbx_validate_rmsd_angle.PDB_ins_code_2 
_pdbx_validate_rmsd_angle.label_alt_id_2 
_pdbx_validate_rmsd_angle.auth_atom_id_3 
_pdbx_validate_rmsd_angle.auth_asym_id_3 
_pdbx_validate_rmsd_angle.auth_comp_id_3 
_pdbx_validate_rmsd_angle.auth_seq_id_3 
_pdbx_validate_rmsd_angle.PDB_ins_code_3 
_pdbx_validate_rmsd_angle.label_alt_id_3 
_pdbx_validate_rmsd_angle.angle_value 
_pdbx_validate_rmsd_angle.angle_target_value 
_pdbx_validate_rmsd_angle.angle_deviation 
_pdbx_validate_rmsd_angle.angle_standard_deviation 
_pdbx_validate_rmsd_angle.linker_flag 
1  1 NE E ARG 41  ? ? CZ E ARG 41  ? ? NH1 E ARG 41  ? ? 127.48 120.30 7.18  0.50 N 
2  1 NE E ARG 41  ? ? CZ E ARG 41  ? ? NH2 E ARG 41  ? ? 115.98 120.30 -4.32 0.50 N 
3  1 NE E ARG 88  ? ? CZ E ARG 88  ? ? NH1 E ARG 88  ? ? 125.77 120.30 5.47  0.50 N 
4  1 NE E ARG 88  ? ? CZ E ARG 88  ? ? NH2 E ARG 88  ? ? 117.15 120.30 -3.15 0.50 N 
5  1 NE E ARG 107 ? ? CZ E ARG 107 ? ? NH1 E ARG 107 ? ? 124.98 120.30 4.68  0.50 N 
6  1 NE E ARG 107 ? ? CZ E ARG 107 ? ? NH2 E ARG 107 ? ? 116.27 120.30 -4.03 0.50 N 
7  1 CD E ARG 117 ? ? NE E ARG 117 ? ? CZ  E ARG 117 ? ? 133.14 123.60 9.54  1.40 N 
8  1 NE E ARG 117 ? ? CZ E ARG 117 ? ? NH2 E ARG 117 ? ? 123.38 120.30 3.08  0.50 N 
9  1 CD E ARG 138 ? ? NE E ARG 138 ? ? CZ  E ARG 138 ? ? 133.21 123.60 9.61  1.40 N 
10 1 NE E ARG 138 ? ? CZ E ARG 138 ? ? NH1 E ARG 138 ? ? 126.55 120.30 6.25  0.50 N 
11 1 NE E ARG 138 ? ? CZ E ARG 138 ? ? NH2 E ARG 138 ? ? 115.38 120.30 -4.92 0.50 N 
12 1 CB E TYR 228 ? ? CG E TYR 228 ? ? CD2 E TYR 228 ? ? 116.40 121.00 -4.60 0.60 N 
# 
loop_
_pdbx_validate_torsion.id 
_pdbx_validate_torsion.PDB_model_num 
_pdbx_validate_torsion.auth_comp_id 
_pdbx_validate_torsion.auth_asym_id 
_pdbx_validate_torsion.auth_seq_id 
_pdbx_validate_torsion.PDB_ins_code 
_pdbx_validate_torsion.label_alt_id 
_pdbx_validate_torsion.phi 
_pdbx_validate_torsion.psi 
1 1 PRO E 99  A ? -83.40  -153.29 
2 1 ASN E 100 ? ? 84.27   -68.19  
3 1 ASN E 120 B ? -144.25 27.00   
# 
_pdbx_validate_planes.id              1 
_pdbx_validate_planes.PDB_model_num   1 
_pdbx_validate_planes.auth_comp_id    ARG 
_pdbx_validate_planes.auth_asym_id    E 
_pdbx_validate_planes.auth_seq_id     158 
_pdbx_validate_planes.PDB_ins_code    ? 
_pdbx_validate_planes.label_alt_id    ? 
_pdbx_validate_planes.rmsd            0.082 
_pdbx_validate_planes.type            'SIDE CHAIN' 
# 
_pdbx_molecule_features.prd_id    PRD_000421 
_pdbx_molecule_features.name      'ACE-PRO-ALA-PRO-PHE-ALDEHYDE, BOUND FORM' 
_pdbx_molecule_features.type      Peptide-like 
_pdbx_molecule_features.class     Inhibitor 
_pdbx_molecule_features.details   ? 
# 
_pdbx_molecule.instance_id   1 
_pdbx_molecule.prd_id        PRD_000421 
_pdbx_molecule.asym_id       B 
# 
_pdbx_struct_mod_residue.id               1 
_pdbx_struct_mod_residue.label_asym_id    B 
_pdbx_struct_mod_residue.label_comp_id    PHL 
_pdbx_struct_mod_residue.label_seq_id     5 
_pdbx_struct_mod_residue.auth_asym_id     P 
_pdbx_struct_mod_residue.auth_comp_id     PHL 
_pdbx_struct_mod_residue.auth_seq_id      9 
_pdbx_struct_mod_residue.PDB_ins_code     ? 
_pdbx_struct_mod_residue.parent_comp_id   PHE 
_pdbx_struct_mod_residue.details          L-PHENYLALANINOL 
# 
loop_
_pdbx_struct_special_symmetry.id 
_pdbx_struct_special_symmetry.PDB_model_num 
_pdbx_struct_special_symmetry.auth_asym_id 
_pdbx_struct_special_symmetry.auth_comp_id 
_pdbx_struct_special_symmetry.auth_seq_id 
_pdbx_struct_special_symmetry.PDB_ins_code 
_pdbx_struct_special_symmetry.label_asym_id 
_pdbx_struct_special_symmetry.label_comp_id 
_pdbx_struct_special_symmetry.label_seq_id 
1 1 E HOH 310 ? C HOH . 
2 1 E HOH 338 ? C HOH . 
3 1 E HOH 351 ? C HOH . 
4 1 E HOH 409 ? C HOH . 
# 
_pdbx_entry_details.entry_id                 3SGA 
_pdbx_entry_details.compound_details         
'THE C-TERMINUS OF THE INHIBITOR IS A MODIFIED PHENYLALANINE IN WHICH THE CARBOXYLATE GOURD HAS BEEN REDUCED TO AN ALDEHYDE.' 
_pdbx_entry_details.source_details           ? 
_pdbx_entry_details.nonpolymer_details       ? 
_pdbx_entry_details.sequence_details         ? 
_pdbx_entry_details.has_ligand_of_interest   ? 
# 
loop_
_chem_comp_atom.comp_id 
_chem_comp_atom.atom_id 
_chem_comp_atom.type_symbol 
_chem_comp_atom.pdbx_aromatic_flag 
_chem_comp_atom.pdbx_stereo_config 
_chem_comp_atom.pdbx_ordinal 
ACE C    C N N 1   
ACE O    O N N 2   
ACE CH3  C N N 3   
ACE H    H N N 4   
ACE H1   H N N 5   
ACE H2   H N N 6   
ACE H3   H N N 7   
ALA N    N N N 8   
ALA CA   C N S 9   
ALA C    C N N 10  
ALA O    O N N 11  
ALA CB   C N N 12  
ALA OXT  O N N 13  
ALA H    H N N 14  
ALA H2   H N N 15  
ALA HA   H N N 16  
ALA HB1  H N N 17  
ALA HB2  H N N 18  
ALA HB3  H N N 19  
ALA HXT  H N N 20  
ARG N    N N N 21  
ARG CA   C N S 22  
ARG C    C N N 23  
ARG O    O N N 24  
ARG CB   C N N 25  
ARG CG   C N N 26  
ARG CD   C N N 27  
ARG NE   N N N 28  
ARG CZ   C N N 29  
ARG NH1  N N N 30  
ARG NH2  N N N 31  
ARG OXT  O N N 32  
ARG H    H N N 33  
ARG H2   H N N 34  
ARG HA   H N N 35  
ARG HB2  H N N 36  
ARG HB3  H N N 37  
ARG HG2  H N N 38  
ARG HG3  H N N 39  
ARG HD2  H N N 40  
ARG HD3  H N N 41  
ARG HE   H N N 42  
ARG HH11 H N N 43  
ARG HH12 H N N 44  
ARG HH21 H N N 45  
ARG HH22 H N N 46  
ARG HXT  H N N 47  
ASN N    N N N 48  
ASN CA   C N S 49  
ASN C    C N N 50  
ASN O    O N N 51  
ASN CB   C N N 52  
ASN CG   C N N 53  
ASN OD1  O N N 54  
ASN ND2  N N N 55  
ASN OXT  O N N 56  
ASN H    H N N 57  
ASN H2   H N N 58  
ASN HA   H N N 59  
ASN HB2  H N N 60  
ASN HB3  H N N 61  
ASN HD21 H N N 62  
ASN HD22 H N N 63  
ASN HXT  H N N 64  
ASP N    N N N 65  
ASP CA   C N S 66  
ASP C    C N N 67  
ASP O    O N N 68  
ASP CB   C N N 69  
ASP CG   C N N 70  
ASP OD1  O N N 71  
ASP OD2  O N N 72  
ASP OXT  O N N 73  
ASP H    H N N 74  
ASP H2   H N N 75  
ASP HA   H N N 76  
ASP HB2  H N N 77  
ASP HB3  H N N 78  
ASP HD2  H N N 79  
ASP HXT  H N N 80  
CYS N    N N N 81  
CYS CA   C N R 82  
CYS C    C N N 83  
CYS O    O N N 84  
CYS CB   C N N 85  
CYS SG   S N N 86  
CYS OXT  O N N 87  
CYS H    H N N 88  
CYS H2   H N N 89  
CYS HA   H N N 90  
CYS HB2  H N N 91  
CYS HB3  H N N 92  
CYS HG   H N N 93  
CYS HXT  H N N 94  
GLN N    N N N 95  
GLN CA   C N S 96  
GLN C    C N N 97  
GLN O    O N N 98  
GLN CB   C N N 99  
GLN CG   C N N 100 
GLN CD   C N N 101 
GLN OE1  O N N 102 
GLN NE2  N N N 103 
GLN OXT  O N N 104 
GLN H    H N N 105 
GLN H2   H N N 106 
GLN HA   H N N 107 
GLN HB2  H N N 108 
GLN HB3  H N N 109 
GLN HG2  H N N 110 
GLN HG3  H N N 111 
GLN HE21 H N N 112 
GLN HE22 H N N 113 
GLN HXT  H N N 114 
GLU N    N N N 115 
GLU CA   C N S 116 
GLU C    C N N 117 
GLU O    O N N 118 
GLU CB   C N N 119 
GLU CG   C N N 120 
GLU CD   C N N 121 
GLU OE1  O N N 122 
GLU OE2  O N N 123 
GLU OXT  O N N 124 
GLU H    H N N 125 
GLU H2   H N N 126 
GLU HA   H N N 127 
GLU HB2  H N N 128 
GLU HB3  H N N 129 
GLU HG2  H N N 130 
GLU HG3  H N N 131 
GLU HE2  H N N 132 
GLU HXT  H N N 133 
GLY N    N N N 134 
GLY CA   C N N 135 
GLY C    C N N 136 
GLY O    O N N 137 
GLY OXT  O N N 138 
GLY H    H N N 139 
GLY H2   H N N 140 
GLY HA2  H N N 141 
GLY HA3  H N N 142 
GLY HXT  H N N 143 
HIS N    N N N 144 
HIS CA   C N S 145 
HIS C    C N N 146 
HIS O    O N N 147 
HIS CB   C N N 148 
HIS CG   C Y N 149 
HIS ND1  N Y N 150 
HIS CD2  C Y N 151 
HIS CE1  C Y N 152 
HIS NE2  N Y N 153 
HIS OXT  O N N 154 
HIS H    H N N 155 
HIS H2   H N N 156 
HIS HA   H N N 157 
HIS HB2  H N N 158 
HIS HB3  H N N 159 
HIS HD1  H N N 160 
HIS HD2  H N N 161 
HIS HE1  H N N 162 
HIS HE2  H N N 163 
HIS HXT  H N N 164 
HOH O    O N N 165 
HOH H1   H N N 166 
HOH H2   H N N 167 
ILE N    N N N 168 
ILE CA   C N S 169 
ILE C    C N N 170 
ILE O    O N N 171 
ILE CB   C N S 172 
ILE CG1  C N N 173 
ILE CG2  C N N 174 
ILE CD1  C N N 175 
ILE OXT  O N N 176 
ILE H    H N N 177 
ILE H2   H N N 178 
ILE HA   H N N 179 
ILE HB   H N N 180 
ILE HG12 H N N 181 
ILE HG13 H N N 182 
ILE HG21 H N N 183 
ILE HG22 H N N 184 
ILE HG23 H N N 185 
ILE HD11 H N N 186 
ILE HD12 H N N 187 
ILE HD13 H N N 188 
ILE HXT  H N N 189 
LEU N    N N N 190 
LEU CA   C N S 191 
LEU C    C N N 192 
LEU O    O N N 193 
LEU CB   C N N 194 
LEU CG   C N N 195 
LEU CD1  C N N 196 
LEU CD2  C N N 197 
LEU OXT  O N N 198 
LEU H    H N N 199 
LEU H2   H N N 200 
LEU HA   H N N 201 
LEU HB2  H N N 202 
LEU HB3  H N N 203 
LEU HG   H N N 204 
LEU HD11 H N N 205 
LEU HD12 H N N 206 
LEU HD13 H N N 207 
LEU HD21 H N N 208 
LEU HD22 H N N 209 
LEU HD23 H N N 210 
LEU HXT  H N N 211 
MET N    N N N 212 
MET CA   C N S 213 
MET C    C N N 214 
MET O    O N N 215 
MET CB   C N N 216 
MET CG   C N N 217 
MET SD   S N N 218 
MET CE   C N N 219 
MET OXT  O N N 220 
MET H    H N N 221 
MET H2   H N N 222 
MET HA   H N N 223 
MET HB2  H N N 224 
MET HB3  H N N 225 
MET HG2  H N N 226 
MET HG3  H N N 227 
MET HE1  H N N 228 
MET HE2  H N N 229 
MET HE3  H N N 230 
MET HXT  H N N 231 
PHE N    N N N 232 
PHE CA   C N S 233 
PHE C    C N N 234 
PHE O    O N N 235 
PHE CB   C N N 236 
PHE CG   C Y N 237 
PHE CD1  C Y N 238 
PHE CD2  C Y N 239 
PHE CE1  C Y N 240 
PHE CE2  C Y N 241 
PHE CZ   C Y N 242 
PHE OXT  O N N 243 
PHE H    H N N 244 
PHE H2   H N N 245 
PHE HA   H N N 246 
PHE HB2  H N N 247 
PHE HB3  H N N 248 
PHE HD1  H N N 249 
PHE HD2  H N N 250 
PHE HE1  H N N 251 
PHE HE2  H N N 252 
PHE HZ   H N N 253 
PHE HXT  H N N 254 
PHL N    N N N 255 
PHL CA   C N S 256 
PHL C    C N N 257 
PHL O    O N N 258 
PHL CB   C N N 259 
PHL CG   C Y N 260 
PHL CD1  C Y N 261 
PHL CD2  C Y N 262 
PHL CE1  C Y N 263 
PHL CE2  C Y N 264 
PHL CZ   C Y N 265 
PHL H    H N N 266 
PHL H2   H N N 267 
PHL HA   H N N 268 
PHL HC1  H N N 269 
PHL HC2  H N N 270 
PHL HO   H N N 271 
PHL HB2  H N N 272 
PHL HB3  H N N 273 
PHL HD1  H N N 274 
PHL HD2  H N N 275 
PHL HE1  H N N 276 
PHL HE2  H N N 277 
PHL HZ   H N N 278 
PRO N    N N N 279 
PRO CA   C N S 280 
PRO C    C N N 281 
PRO O    O N N 282 
PRO CB   C N N 283 
PRO CG   C N N 284 
PRO CD   C N N 285 
PRO OXT  O N N 286 
PRO H    H N N 287 
PRO HA   H N N 288 
PRO HB2  H N N 289 
PRO HB3  H N N 290 
PRO HG2  H N N 291 
PRO HG3  H N N 292 
PRO HD2  H N N 293 
PRO HD3  H N N 294 
PRO HXT  H N N 295 
SER N    N N N 296 
SER CA   C N S 297 
SER C    C N N 298 
SER O    O N N 299 
SER CB   C N N 300 
SER OG   O N N 301 
SER OXT  O N N 302 
SER H    H N N 303 
SER H2   H N N 304 
SER HA   H N N 305 
SER HB2  H N N 306 
SER HB3  H N N 307 
SER HG   H N N 308 
SER HXT  H N N 309 
THR N    N N N 310 
THR CA   C N S 311 
THR C    C N N 312 
THR O    O N N 313 
THR CB   C N R 314 
THR OG1  O N N 315 
THR CG2  C N N 316 
THR OXT  O N N 317 
THR H    H N N 318 
THR H2   H N N 319 
THR HA   H N N 320 
THR HB   H N N 321 
THR HG1  H N N 322 
THR HG21 H N N 323 
THR HG22 H N N 324 
THR HG23 H N N 325 
THR HXT  H N N 326 
TRP N    N N N 327 
TRP CA   C N S 328 
TRP C    C N N 329 
TRP O    O N N 330 
TRP CB   C N N 331 
TRP CG   C Y N 332 
TRP CD1  C Y N 333 
TRP CD2  C Y N 334 
TRP NE1  N Y N 335 
TRP CE2  C Y N 336 
TRP CE3  C Y N 337 
TRP CZ2  C Y N 338 
TRP CZ3  C Y N 339 
TRP CH2  C Y N 340 
TRP OXT  O N N 341 
TRP H    H N N 342 
TRP H2   H N N 343 
TRP HA   H N N 344 
TRP HB2  H N N 345 
TRP HB3  H N N 346 
TRP HD1  H N N 347 
TRP HE1  H N N 348 
TRP HE3  H N N 349 
TRP HZ2  H N N 350 
TRP HZ3  H N N 351 
TRP HH2  H N N 352 
TRP HXT  H N N 353 
TYR N    N N N 354 
TYR CA   C N S 355 
TYR C    C N N 356 
TYR O    O N N 357 
TYR CB   C N N 358 
TYR CG   C Y N 359 
TYR CD1  C Y N 360 
TYR CD2  C Y N 361 
TYR CE1  C Y N 362 
TYR CE2  C Y N 363 
TYR CZ   C Y N 364 
TYR OH   O N N 365 
TYR OXT  O N N 366 
TYR H    H N N 367 
TYR H2   H N N 368 
TYR HA   H N N 369 
TYR HB2  H N N 370 
TYR HB3  H N N 371 
TYR HD1  H N N 372 
TYR HD2  H N N 373 
TYR HE1  H N N 374 
TYR HE2  H N N 375 
TYR HH   H N N 376 
TYR HXT  H N N 377 
VAL N    N N N 378 
VAL CA   C N S 379 
VAL C    C N N 380 
VAL O    O N N 381 
VAL CB   C N N 382 
VAL CG1  C N N 383 
VAL CG2  C N N 384 
VAL OXT  O N N 385 
VAL H    H N N 386 
VAL H2   H N N 387 
VAL HA   H N N 388 
VAL HB   H N N 389 
VAL HG11 H N N 390 
VAL HG12 H N N 391 
VAL HG13 H N N 392 
VAL HG21 H N N 393 
VAL HG22 H N N 394 
VAL HG23 H N N 395 
VAL HXT  H N N 396 
# 
loop_
_chem_comp_bond.comp_id 
_chem_comp_bond.atom_id_1 
_chem_comp_bond.atom_id_2 
_chem_comp_bond.value_order 
_chem_comp_bond.pdbx_aromatic_flag 
_chem_comp_bond.pdbx_stereo_config 
_chem_comp_bond.pdbx_ordinal 
ACE C   O    doub N N 1   
ACE C   CH3  sing N N 2   
ACE C   H    sing N N 3   
ACE CH3 H1   sing N N 4   
ACE CH3 H2   sing N N 5   
ACE CH3 H3   sing N N 6   
ALA N   CA   sing N N 7   
ALA N   H    sing N N 8   
ALA N   H2   sing N N 9   
ALA CA  C    sing N N 10  
ALA CA  CB   sing N N 11  
ALA CA  HA   sing N N 12  
ALA C   O    doub N N 13  
ALA C   OXT  sing N N 14  
ALA CB  HB1  sing N N 15  
ALA CB  HB2  sing N N 16  
ALA CB  HB3  sing N N 17  
ALA OXT HXT  sing N N 18  
ARG N   CA   sing N N 19  
ARG N   H    sing N N 20  
ARG N   H2   sing N N 21  
ARG CA  C    sing N N 22  
ARG CA  CB   sing N N 23  
ARG CA  HA   sing N N 24  
ARG C   O    doub N N 25  
ARG C   OXT  sing N N 26  
ARG CB  CG   sing N N 27  
ARG CB  HB2  sing N N 28  
ARG CB  HB3  sing N N 29  
ARG CG  CD   sing N N 30  
ARG CG  HG2  sing N N 31  
ARG CG  HG3  sing N N 32  
ARG CD  NE   sing N N 33  
ARG CD  HD2  sing N N 34  
ARG CD  HD3  sing N N 35  
ARG NE  CZ   sing N N 36  
ARG NE  HE   sing N N 37  
ARG CZ  NH1  sing N N 38  
ARG CZ  NH2  doub N N 39  
ARG NH1 HH11 sing N N 40  
ARG NH1 HH12 sing N N 41  
ARG NH2 HH21 sing N N 42  
ARG NH2 HH22 sing N N 43  
ARG OXT HXT  sing N N 44  
ASN N   CA   sing N N 45  
ASN N   H    sing N N 46  
ASN N   H2   sing N N 47  
ASN CA  C    sing N N 48  
ASN CA  CB   sing N N 49  
ASN CA  HA   sing N N 50  
ASN C   O    doub N N 51  
ASN C   OXT  sing N N 52  
ASN CB  CG   sing N N 53  
ASN CB  HB2  sing N N 54  
ASN CB  HB3  sing N N 55  
ASN CG  OD1  doub N N 56  
ASN CG  ND2  sing N N 57  
ASN ND2 HD21 sing N N 58  
ASN ND2 HD22 sing N N 59  
ASN OXT HXT  sing N N 60  
ASP N   CA   sing N N 61  
ASP N   H    sing N N 62  
ASP N   H2   sing N N 63  
ASP CA  C    sing N N 64  
ASP CA  CB   sing N N 65  
ASP CA  HA   sing N N 66  
ASP C   O    doub N N 67  
ASP C   OXT  sing N N 68  
ASP CB  CG   sing N N 69  
ASP CB  HB2  sing N N 70  
ASP CB  HB3  sing N N 71  
ASP CG  OD1  doub N N 72  
ASP CG  OD2  sing N N 73  
ASP OD2 HD2  sing N N 74  
ASP OXT HXT  sing N N 75  
CYS N   CA   sing N N 76  
CYS N   H    sing N N 77  
CYS N   H2   sing N N 78  
CYS CA  C    sing N N 79  
CYS CA  CB   sing N N 80  
CYS CA  HA   sing N N 81  
CYS C   O    doub N N 82  
CYS C   OXT  sing N N 83  
CYS CB  SG   sing N N 84  
CYS CB  HB2  sing N N 85  
CYS CB  HB3  sing N N 86  
CYS SG  HG   sing N N 87  
CYS OXT HXT  sing N N 88  
GLN N   CA   sing N N 89  
GLN N   H    sing N N 90  
GLN N   H2   sing N N 91  
GLN CA  C    sing N N 92  
GLN CA  CB   sing N N 93  
GLN CA  HA   sing N N 94  
GLN C   O    doub N N 95  
GLN C   OXT  sing N N 96  
GLN CB  CG   sing N N 97  
GLN CB  HB2  sing N N 98  
GLN CB  HB3  sing N N 99  
GLN CG  CD   sing N N 100 
GLN CG  HG2  sing N N 101 
GLN CG  HG3  sing N N 102 
GLN CD  OE1  doub N N 103 
GLN CD  NE2  sing N N 104 
GLN NE2 HE21 sing N N 105 
GLN NE2 HE22 sing N N 106 
GLN OXT HXT  sing N N 107 
GLU N   CA   sing N N 108 
GLU N   H    sing N N 109 
GLU N   H2   sing N N 110 
GLU CA  C    sing N N 111 
GLU CA  CB   sing N N 112 
GLU CA  HA   sing N N 113 
GLU C   O    doub N N 114 
GLU C   OXT  sing N N 115 
GLU CB  CG   sing N N 116 
GLU CB  HB2  sing N N 117 
GLU CB  HB3  sing N N 118 
GLU CG  CD   sing N N 119 
GLU CG  HG2  sing N N 120 
GLU CG  HG3  sing N N 121 
GLU CD  OE1  doub N N 122 
GLU CD  OE2  sing N N 123 
GLU OE2 HE2  sing N N 124 
GLU OXT HXT  sing N N 125 
GLY N   CA   sing N N 126 
GLY N   H    sing N N 127 
GLY N   H2   sing N N 128 
GLY CA  C    sing N N 129 
GLY CA  HA2  sing N N 130 
GLY CA  HA3  sing N N 131 
GLY C   O    doub N N 132 
GLY C   OXT  sing N N 133 
GLY OXT HXT  sing N N 134 
HIS N   CA   sing N N 135 
HIS N   H    sing N N 136 
HIS N   H2   sing N N 137 
HIS CA  C    sing N N 138 
HIS CA  CB   sing N N 139 
HIS CA  HA   sing N N 140 
HIS C   O    doub N N 141 
HIS C   OXT  sing N N 142 
HIS CB  CG   sing N N 143 
HIS CB  HB2  sing N N 144 
HIS CB  HB3  sing N N 145 
HIS CG  ND1  sing Y N 146 
HIS CG  CD2  doub Y N 147 
HIS ND1 CE1  doub Y N 148 
HIS ND1 HD1  sing N N 149 
HIS CD2 NE2  sing Y N 150 
HIS CD2 HD2  sing N N 151 
HIS CE1 NE2  sing Y N 152 
HIS CE1 HE1  sing N N 153 
HIS NE2 HE2  sing N N 154 
HIS OXT HXT  sing N N 155 
HOH O   H1   sing N N 156 
HOH O   H2   sing N N 157 
ILE N   CA   sing N N 158 
ILE N   H    sing N N 159 
ILE N   H2   sing N N 160 
ILE CA  C    sing N N 161 
ILE CA  CB   sing N N 162 
ILE CA  HA   sing N N 163 
ILE C   O    doub N N 164 
ILE C   OXT  sing N N 165 
ILE CB  CG1  sing N N 166 
ILE CB  CG2  sing N N 167 
ILE CB  HB   sing N N 168 
ILE CG1 CD1  sing N N 169 
ILE CG1 HG12 sing N N 170 
ILE CG1 HG13 sing N N 171 
ILE CG2 HG21 sing N N 172 
ILE CG2 HG22 sing N N 173 
ILE CG2 HG23 sing N N 174 
ILE CD1 HD11 sing N N 175 
ILE CD1 HD12 sing N N 176 
ILE CD1 HD13 sing N N 177 
ILE OXT HXT  sing N N 178 
LEU N   CA   sing N N 179 
LEU N   H    sing N N 180 
LEU N   H2   sing N N 181 
LEU CA  C    sing N N 182 
LEU CA  CB   sing N N 183 
LEU CA  HA   sing N N 184 
LEU C   O    doub N N 185 
LEU C   OXT  sing N N 186 
LEU CB  CG   sing N N 187 
LEU CB  HB2  sing N N 188 
LEU CB  HB3  sing N N 189 
LEU CG  CD1  sing N N 190 
LEU CG  CD2  sing N N 191 
LEU CG  HG   sing N N 192 
LEU CD1 HD11 sing N N 193 
LEU CD1 HD12 sing N N 194 
LEU CD1 HD13 sing N N 195 
LEU CD2 HD21 sing N N 196 
LEU CD2 HD22 sing N N 197 
LEU CD2 HD23 sing N N 198 
LEU OXT HXT  sing N N 199 
MET N   CA   sing N N 200 
MET N   H    sing N N 201 
MET N   H2   sing N N 202 
MET CA  C    sing N N 203 
MET CA  CB   sing N N 204 
MET CA  HA   sing N N 205 
MET C   O    doub N N 206 
MET C   OXT  sing N N 207 
MET CB  CG   sing N N 208 
MET CB  HB2  sing N N 209 
MET CB  HB3  sing N N 210 
MET CG  SD   sing N N 211 
MET CG  HG2  sing N N 212 
MET CG  HG3  sing N N 213 
MET SD  CE   sing N N 214 
MET CE  HE1  sing N N 215 
MET CE  HE2  sing N N 216 
MET CE  HE3  sing N N 217 
MET OXT HXT  sing N N 218 
PHE N   CA   sing N N 219 
PHE N   H    sing N N 220 
PHE N   H2   sing N N 221 
PHE CA  C    sing N N 222 
PHE CA  CB   sing N N 223 
PHE CA  HA   sing N N 224 
PHE C   O    doub N N 225 
PHE C   OXT  sing N N 226 
PHE CB  CG   sing N N 227 
PHE CB  HB2  sing N N 228 
PHE CB  HB3  sing N N 229 
PHE CG  CD1  doub Y N 230 
PHE CG  CD2  sing Y N 231 
PHE CD1 CE1  sing Y N 232 
PHE CD1 HD1  sing N N 233 
PHE CD2 CE2  doub Y N 234 
PHE CD2 HD2  sing N N 235 
PHE CE1 CZ   doub Y N 236 
PHE CE1 HE1  sing N N 237 
PHE CE2 CZ   sing Y N 238 
PHE CE2 HE2  sing N N 239 
PHE CZ  HZ   sing N N 240 
PHE OXT HXT  sing N N 241 
PHL N   CA   sing N N 242 
PHL N   H    sing N N 243 
PHL N   H2   sing N N 244 
PHL CA  C    sing N N 245 
PHL CA  CB   sing N N 246 
PHL CA  HA   sing N N 247 
PHL C   O    sing N N 248 
PHL C   HC1  sing N N 249 
PHL C   HC2  sing N N 250 
PHL O   HO   sing N N 251 
PHL CB  CG   sing N N 252 
PHL CB  HB2  sing N N 253 
PHL CB  HB3  sing N N 254 
PHL CG  CD1  doub Y N 255 
PHL CG  CD2  sing Y N 256 
PHL CD1 CE1  sing Y N 257 
PHL CD1 HD1  sing N N 258 
PHL CD2 CE2  doub Y N 259 
PHL CD2 HD2  sing N N 260 
PHL CE1 CZ   doub Y N 261 
PHL CE1 HE1  sing N N 262 
PHL CE2 CZ   sing Y N 263 
PHL CE2 HE2  sing N N 264 
PHL CZ  HZ   sing N N 265 
PRO N   CA   sing N N 266 
PRO N   CD   sing N N 267 
PRO N   H    sing N N 268 
PRO CA  C    sing N N 269 
PRO CA  CB   sing N N 270 
PRO CA  HA   sing N N 271 
PRO C   O    doub N N 272 
PRO C   OXT  sing N N 273 
PRO CB  CG   sing N N 274 
PRO CB  HB2  sing N N 275 
PRO CB  HB3  sing N N 276 
PRO CG  CD   sing N N 277 
PRO CG  HG2  sing N N 278 
PRO CG  HG3  sing N N 279 
PRO CD  HD2  sing N N 280 
PRO CD  HD3  sing N N 281 
PRO OXT HXT  sing N N 282 
SER N   CA   sing N N 283 
SER N   H    sing N N 284 
SER N   H2   sing N N 285 
SER CA  C    sing N N 286 
SER CA  CB   sing N N 287 
SER CA  HA   sing N N 288 
SER C   O    doub N N 289 
SER C   OXT  sing N N 290 
SER CB  OG   sing N N 291 
SER CB  HB2  sing N N 292 
SER CB  HB3  sing N N 293 
SER OG  HG   sing N N 294 
SER OXT HXT  sing N N 295 
THR N   CA   sing N N 296 
THR N   H    sing N N 297 
THR N   H2   sing N N 298 
THR CA  C    sing N N 299 
THR CA  CB   sing N N 300 
THR CA  HA   sing N N 301 
THR C   O    doub N N 302 
THR C   OXT  sing N N 303 
THR CB  OG1  sing N N 304 
THR CB  CG2  sing N N 305 
THR CB  HB   sing N N 306 
THR OG1 HG1  sing N N 307 
THR CG2 HG21 sing N N 308 
THR CG2 HG22 sing N N 309 
THR CG2 HG23 sing N N 310 
THR OXT HXT  sing N N 311 
TRP N   CA   sing N N 312 
TRP N   H    sing N N 313 
TRP N   H2   sing N N 314 
TRP CA  C    sing N N 315 
TRP CA  CB   sing N N 316 
TRP CA  HA   sing N N 317 
TRP C   O    doub N N 318 
TRP C   OXT  sing N N 319 
TRP CB  CG   sing N N 320 
TRP CB  HB2  sing N N 321 
TRP CB  HB3  sing N N 322 
TRP CG  CD1  doub Y N 323 
TRP CG  CD2  sing Y N 324 
TRP CD1 NE1  sing Y N 325 
TRP CD1 HD1  sing N N 326 
TRP CD2 CE2  doub Y N 327 
TRP CD2 CE3  sing Y N 328 
TRP NE1 CE2  sing Y N 329 
TRP NE1 HE1  sing N N 330 
TRP CE2 CZ2  sing Y N 331 
TRP CE3 CZ3  doub Y N 332 
TRP CE3 HE3  sing N N 333 
TRP CZ2 CH2  doub Y N 334 
TRP CZ2 HZ2  sing N N 335 
TRP CZ3 CH2  sing Y N 336 
TRP CZ3 HZ3  sing N N 337 
TRP CH2 HH2  sing N N 338 
TRP OXT HXT  sing N N 339 
TYR N   CA   sing N N 340 
TYR N   H    sing N N 341 
TYR N   H2   sing N N 342 
TYR CA  C    sing N N 343 
TYR CA  CB   sing N N 344 
TYR CA  HA   sing N N 345 
TYR C   O    doub N N 346 
TYR C   OXT  sing N N 347 
TYR CB  CG   sing N N 348 
TYR CB  HB2  sing N N 349 
TYR CB  HB3  sing N N 350 
TYR CG  CD1  doub Y N 351 
TYR CG  CD2  sing Y N 352 
TYR CD1 CE1  sing Y N 353 
TYR CD1 HD1  sing N N 354 
TYR CD2 CE2  doub Y N 355 
TYR CD2 HD2  sing N N 356 
TYR CE1 CZ   doub Y N 357 
TYR CE1 HE1  sing N N 358 
TYR CE2 CZ   sing Y N 359 
TYR CE2 HE2  sing N N 360 
TYR CZ  OH   sing N N 361 
TYR OH  HH   sing N N 362 
TYR OXT HXT  sing N N 363 
VAL N   CA   sing N N 364 
VAL N   H    sing N N 365 
VAL N   H2   sing N N 366 
VAL CA  C    sing N N 367 
VAL CA  CB   sing N N 368 
VAL CA  HA   sing N N 369 
VAL C   O    doub N N 370 
VAL C   OXT  sing N N 371 
VAL CB  CG1  sing N N 372 
VAL CB  CG2  sing N N 373 
VAL CB  HB   sing N N 374 
VAL CG1 HG11 sing N N 375 
VAL CG1 HG12 sing N N 376 
VAL CG1 HG13 sing N N 377 
VAL CG2 HG21 sing N N 378 
VAL CG2 HG22 sing N N 379 
VAL CG2 HG23 sing N N 380 
VAL OXT HXT  sing N N 381 
# 
_atom_sites.entry_id                    3SGA 
_atom_sites.fract_transf_matrix[1][1]   -0.00275996 
_atom_sites.fract_transf_matrix[1][2]   0.01641412 
_atom_sites.fract_transf_matrix[1][3]   -0.00716955 
_atom_sites.fract_transf_matrix[2][1]   -0.01260069 
_atom_sites.fract_transf_matrix[2][2]   -0.00693484 
_atom_sites.fract_transf_matrix[2][3]   -0.01102605 
_atom_sites.fract_transf_matrix[3][1]   -0.01285064 
_atom_sites.fract_transf_matrix[3][2]   0.00333711 
_atom_sites.fract_transf_matrix[3][3]   0.01258697 
_atom_sites.fract_transf_vector[1]      -0.156418 
_atom_sites.fract_transf_vector[2]      0.272329 
_atom_sites.fract_transf_vector[3]      0.371292 
# 
loop_
_atom_sites_footnote.id 
_atom_sites_footnote.text 
1 'THE SIDE CHAIN OF ARG E 221 IS VERY DISORDERED. COORDINATES FOR THE ATOMS BEYOND CB HAVE BEEN OMITTED.' 
2 'RESIDUE E 99A IS A CIS-PROLINE.' 
3 
'SOLVENT 229, ALTHOUGH REFINED AS AN OXYGEN ATOM, HAS BEEN INTERPRETED AS A NA+ ION.  SEE REFERENCE 2 ABOVE FOR FURTHER DETAILS.' 
# 
loop_
_atom_type.symbol 
C 
N 
O 
S 
# 
loop_
_atom_site.group_PDB 
_atom_site.id 
_atom_site.type_symbol 
_atom_site.label_atom_id 
_atom_site.label_alt_id 
_atom_site.label_comp_id 
_atom_site.label_asym_id 
_atom_site.label_entity_id 
_atom_site.label_seq_id 
_atom_site.pdbx_PDB_ins_code 
_atom_site.Cartn_x 
_atom_site.Cartn_y 
_atom_site.Cartn_z 
_atom_site.occupancy 
_atom_site.B_iso_or_equiv 
_atom_site.pdbx_formal_charge 
_atom_site.auth_seq_id 
_atom_site.auth_comp_id 
_atom_site.auth_asym_id 
_atom_site.auth_atom_id 
_atom_site.pdbx_PDB_model_num 
ATOM   1    N N   . ILE A 1 1   ? 0.901   11.287  10.178  1.00 7.96  ? 16  ILE E N   1 
ATOM   2    C CA  . ILE A 1 1   ? 0.677   9.836   9.913   1.00 9.31  ? 16  ILE E CA  1 
ATOM   3    C C   . ILE A 1 1   ? 1.602   9.344   8.810   1.00 9.44  ? 16  ILE E C   1 
ATOM   4    O O   . ILE A 1 1   ? 1.744   9.991   7.742   1.00 9.46  ? 16  ILE E O   1 
ATOM   5    C CB  . ILE A 1 1   ? -0.862  9.666   9.575   1.00 11.03 ? 16  ILE E CB  1 
ATOM   6    C CG1 . ILE A 1 1   ? -1.193  8.161   9.581   1.00 9.31  ? 16  ILE E CG1 1 
ATOM   7    C CG2 . ILE A 1 1   ? -1.116  10.420  8.245   1.00 9.75  ? 16  ILE E CG2 1 
ATOM   8    C CD1 . ILE A 1 1   ? -2.634  7.739   9.276   1.00 13.02 ? 16  ILE E CD1 1 
ATOM   9    N N   . ALA A 1 2   ? 2.224   8.177   9.015   1.00 9.10  ? 17  ALA E N   1 
ATOM   10   C CA  . ALA A 1 2   ? 3.219   7.613   8.089   1.00 8.81  ? 17  ALA E CA  1 
ATOM   11   C C   . ALA A 1 2   ? 2.758   6.362   7.368   1.00 8.27  ? 17  ALA E C   1 
ATOM   12   O O   . ALA A 1 2   ? 1.625   5.869   7.635   1.00 9.29  ? 17  ALA E O   1 
ATOM   13   C CB  . ALA A 1 2   ? 4.508   7.383   8.925   1.00 4.51  ? 17  ALA E CB  1 
ATOM   14   N N   . GLY A 1 3   ? 3.596   5.849   6.480   1.00 5.66  ? 18  GLY E N   1 
ATOM   15   C CA  . GLY A 1 3   ? 3.216   4.610   5.736   1.00 7.35  ? 18  GLY E CA  1 
ATOM   16   C C   . GLY A 1 3   ? 2.952   3.518   6.777   1.00 13.60 ? 18  GLY E C   1 
ATOM   17   O O   . GLY A 1 3   ? 3.585   3.459   7.861   1.00 9.59  ? 18  GLY E O   1 
ATOM   18   N N   . GLY A 1 4   ? 2.022   2.640   6.433   1.00 11.09 ? 19  GLY E N   1 
ATOM   19   C CA  . GLY A 1 4   ? 1.638   1.495   7.261   1.00 12.23 ? 19  GLY E CA  1 
ATOM   20   C C   . GLY A 1 4   ? 0.661   1.776   8.362   1.00 11.31 ? 19  GLY E C   1 
ATOM   21   O O   . GLY A 1 4   ? 0.236   0.773   9.001   1.00 12.11 ? 19  GLY E O   1 
ATOM   22   N N   . GLU A 1 5   ? 0.313   3.038   8.568   1.00 8.74  ? 29  GLU E N   1 
ATOM   23   C CA  . GLU A 1 5   ? -0.630  3.318   9.687   1.00 7.71  ? 29  GLU E CA  1 
ATOM   24   C C   . GLU A 1 5   ? -2.074  3.241   9.251   1.00 8.94  ? 29  GLU E C   1 
ATOM   25   O O   . GLU A 1 5   ? -2.380  3.344   8.060   1.00 6.10  ? 29  GLU E O   1 
ATOM   26   C CB  . GLU A 1 5   ? -0.261  4.624   10.386  1.00 11.52 ? 29  GLU E CB  1 
ATOM   27   C CG  . GLU A 1 5   ? 1.129   4.516   11.053  1.00 12.60 ? 29  GLU E CG  1 
ATOM   28   C CD  . GLU A 1 5   ? 1.446   5.770   11.871  1.00 19.79 ? 29  GLU E CD  1 
ATOM   29   O OE1 . GLU A 1 5   ? 1.979   6.731   11.402  1.00 13.18 ? 29  GLU E OE1 1 
ATOM   30   O OE2 . GLU A 1 5   ? 1.084   5.717   13.061  1.00 21.21 ? 29  GLU E OE2 1 
ATOM   31   N N   . ALA A 1 6   ? -2.929  3.075   10.247  1.00 9.33  ? 30  ALA E N   1 
ATOM   32   C CA  . ALA A 1 6   ? -4.380  2.924   9.969   1.00 10.15 ? 30  ALA E CA  1 
ATOM   33   C C   . ALA A 1 6   ? -5.029  4.164   9.412   1.00 9.99  ? 30  ALA E C   1 
ATOM   34   O O   . ALA A 1 6   ? -4.763  5.270   9.896   1.00 8.32  ? 30  ALA E O   1 
ATOM   35   C CB  . ALA A 1 6   ? -5.095  2.446   11.251  1.00 8.04  ? 30  ALA E CB  1 
ATOM   36   N N   . ILE A 1 7   ? -5.914  3.944   8.436   1.00 7.86  ? 31  ILE E N   1 
ATOM   37   C CA  . ILE A 1 7   ? -6.736  4.996   7.795   1.00 9.50  ? 31  ILE E CA  1 
ATOM   38   C C   . ILE A 1 7   ? -8.156  4.319   7.823   1.00 12.89 ? 31  ILE E C   1 
ATOM   39   O O   . ILE A 1 7   ? -8.209  3.100   7.633   1.00 9.48  ? 31  ILE E O   1 
ATOM   40   C CB  . ILE A 1 7   ? -6.278  5.485   6.417   1.00 6.88  ? 31  ILE E CB  1 
ATOM   41   C CG1 . ILE A 1 7   ? -6.041  4.281   5.475   1.00 14.16 ? 31  ILE E CG1 1 
ATOM   42   C CG2 . ILE A 1 7   ? -4.993  6.380   6.496   1.00 8.84  ? 31  ILE E CG2 1 
ATOM   43   C CD1 . ILE A 1 7   ? -6.028  4.696   3.973   1.00 14.09 ? 31  ILE E CD1 1 
ATOM   44   N N   . THR A 1 8   ? -9.167  5.084   8.136   1.00 11.11 ? 32  THR E N   1 
ATOM   45   C CA  . THR A 1 8   ? -10.509 4.484   8.268   1.00 11.26 ? 32  THR E CA  1 
ATOM   46   C C   . THR A 1 8   ? -11.591 5.308   7.603   1.00 12.67 ? 32  THR E C   1 
ATOM   47   O O   . THR A 1 8   ? -11.350 6.490   7.365   1.00 11.80 ? 32  THR E O   1 
ATOM   48   C CB  . THR A 1 8   ? -10.834 4.235   9.805   1.00 10.87 ? 32  THR E CB  1 
ATOM   49   O OG1 . THR A 1 8   ? -10.821 5.562   10.430  1.00 17.78 ? 32  THR E OG1 1 
ATOM   50   C CG2 . THR A 1 8   ? -9.776  3.359   10.469  1.00 11.75 ? 32  THR E CG2 1 
ATOM   51   N N   . THR A 1 9   ? -12.710 4.618   7.374   1.00 12.47 ? 33  THR E N   1 
ATOM   52   C CA  . THR A 1 9   ? -13.906 5.253   6.778   1.00 14.97 ? 33  THR E CA  1 
ATOM   53   C C   . THR A 1 9   ? -15.056 4.483   7.432   1.00 20.20 ? 33  THR E C   1 
ATOM   54   O O   . THR A 1 9   ? -15.052 3.259   7.254   1.00 19.70 ? 33  THR E O   1 
ATOM   55   C CB  . THR A 1 9   ? -13.905 5.213   5.238   1.00 16.16 ? 33  THR E CB  1 
ATOM   56   O OG1 . THR A 1 9   ? -15.137 5.853   4.778   1.00 13.45 ? 33  THR E OG1 1 
ATOM   57   C CG2 . THR A 1 9   ? -13.804 3.814   4.597   1.00 15.72 ? 33  THR E CG2 1 
ATOM   58   N N   . GLY A 1 10  ? -15.880 5.141   8.199   1.00 21.81 ? 34  GLY E N   1 
ATOM   59   C CA  . GLY A 1 10  ? -16.996 4.433   8.903   1.00 24.08 ? 34  GLY E CA  1 
ATOM   60   C C   . GLY A 1 10  ? -16.317 3.256   9.630   1.00 24.75 ? 34  GLY E C   1 
ATOM   61   O O   . GLY A 1 10  ? -15.253 3.527   10.208  1.00 26.10 ? 34  GLY E O   1 
ATOM   62   N N   . GLY A 1 11  ? -16.897 2.064   9.515   1.00 25.34 ? 39  GLY E N   1 
ATOM   63   C CA  . GLY A 1 11  ? -16.295 0.908   10.180  1.00 24.23 ? 39  GLY E CA  1 
ATOM   64   C C   . GLY A 1 11  ? -15.183 0.189   9.455   1.00 26.56 ? 39  GLY E C   1 
ATOM   65   O O   . GLY A 1 11  ? -14.751 -0.889  9.990   1.00 27.02 ? 39  GLY E O   1 
ATOM   66   N N   . SER A 1 12  ? -14.698 0.672   8.324   1.00 19.94 ? 40  SER E N   1 
ATOM   67   C CA  . SER A 1 12  ? -13.649 0.022   7.543   1.00 18.46 ? 40  SER E CA  1 
ATOM   68   C C   . SER A 1 12  ? -12.233 0.569   7.826   1.00 17.71 ? 40  SER E C   1 
ATOM   69   O O   . SER A 1 12  ? -12.108 1.792   7.971   1.00 18.33 ? 40  SER E O   1 
ATOM   70   C CB  . SER A 1 12  ? -13.915 0.165   6.053   1.00 17.71 ? 40  SER E CB  1 
ATOM   71   O OG  . SER A 1 12  ? -15.236 -0.268  5.716   1.00 26.28 ? 40  SER E OG  1 
ATOM   72   N N   . ARG A 1 13  ? -11.297 -0.385  7.838   1.00 12.86 ? 41  ARG E N   1 
ATOM   73   C CA  . ARG A 1 13  ? -9.890  -0.003  8.082   1.00 13.22 ? 41  ARG E CA  1 
ATOM   74   C C   . ARG A 1 13  ? -8.962  -0.526  6.993   1.00 13.86 ? 41  ARG E C   1 
ATOM   75   O O   . ARG A 1 13  ? -9.121  -1.648  6.503   1.00 13.46 ? 41  ARG E O   1 
ATOM   76   C CB  . ARG A 1 13  ? -9.460  -0.521  9.464   1.00 16.56 ? 41  ARG E CB  1 
ATOM   77   C CG  . ARG A 1 13  ? -8.017  -0.144  9.829   1.00 20.47 ? 41  ARG E CG  1 
ATOM   78   C CD  . ARG A 1 13  ? -7.714  -0.501  11.256  1.00 23.53 ? 41  ARG E CD  1 
ATOM   79   N NE  . ARG A 1 13  ? -7.911  -1.913  11.509  1.00 18.86 ? 41  ARG E NE  1 
ATOM   80   C CZ  . ARG A 1 13  ? -7.087  -2.934  11.268  1.00 26.35 ? 41  ARG E CZ  1 
ATOM   81   N NH1 . ARG A 1 13  ? -5.888  -2.888  10.695  1.00 21.06 ? 41  ARG E NH1 1 
ATOM   82   N NH2 . ARG A 1 13  ? -7.525  -4.147  11.646  1.00 26.25 ? 41  ARG E NH2 1 
ATOM   83   N N   . CYS A 1 14  ? -8.023  0.274   6.574   1.00 12.14 ? 42  CYS E N   1 
ATOM   84   C CA  . CYS A 1 14  ? -6.971  -0.024  5.583   1.00 10.67 ? 42  CYS E CA  1 
ATOM   85   C C   . CYS A 1 14  ? -5.678  0.564   6.179   1.00 12.95 ? 42  CYS E C   1 
ATOM   86   O O   . CYS A 1 14  ? -5.789  1.044   7.326   1.00 12.40 ? 42  CYS E O   1 
ATOM   87   C CB  . CYS A 1 14  ? -7.331  0.560   4.222   1.00 10.43 ? 42  CYS E CB  1 
ATOM   88   S SG  . CYS A 1 14  ? -8.592  -0.535  3.427   1.00 13.42 ? 42  CYS E SG  1 
ATOM   89   N N   . SER A 1 15  ? -4.601  0.515   5.450   1.00 10.76 ? 43  SER E N   1 
ATOM   90   C CA  . SER A 1 15  ? -3.308  1.090   5.940   1.00 7.03  ? 43  SER E CA  1 
ATOM   91   C C   . SER A 1 15  ? -2.875  2.144   4.920   1.00 9.88  ? 43  SER E C   1 
ATOM   92   O O   . SER A 1 15  ? -3.177  1.942   3.722   1.00 4.85  ? 43  SER E O   1 
ATOM   93   C CB  . SER A 1 15  ? -2.271  0.017   6.118   1.00 10.51 ? 43  SER E CB  1 
ATOM   94   O OG  . SER A 1 15  ? -2.749  -0.944  7.092   1.00 10.41 ? 43  SER E OG  1 
ATOM   95   N N   . LEU A 1 16  ? -2.164  3.173   5.357   1.00 5.97  ? 44  LEU E N   1 
ATOM   96   C CA  . LEU A 1 16  ? -1.704  4.236   4.393   1.00 4.67  ? 44  LEU E CA  1 
ATOM   97   C C   . LEU A 1 16  ? -0.535  3.642   3.659   1.00 4.36  ? 44  LEU E C   1 
ATOM   98   O O   . LEU A 1 16  ? 0.317   2.959   4.321   1.00 4.69  ? 44  LEU E O   1 
ATOM   99   C CB  . LEU A 1 16  ? -1.390  5.454   5.260   1.00 8.30  ? 44  LEU E CB  1 
ATOM   100  C CG  . LEU A 1 16  ? -1.100  6.770   4.528   1.00 10.75 ? 44  LEU E CG  1 
ATOM   101  C CD1 . LEU A 1 16  ? -1.346  7.880   5.497   1.00 11.55 ? 44  LEU E CD1 1 
ATOM   102  C CD2 . LEU A 1 16  ? 0.351   6.756   4.023   1.00 9.93  ? 44  LEU E CD2 1 
ATOM   103  N N   . GLY A 1 17  ? -0.368  3.849   2.372   1.00 2.50  ? 45  GLY E N   1 
ATOM   104  C CA  . GLY A 1 17  ? 0.715   3.325   1.571   1.00 2.84  ? 45  GLY E CA  1 
ATOM   105  C C   . GLY A 1 17  ? 1.935   4.267   1.704   1.00 7.70  ? 45  GLY E C   1 
ATOM   106  O O   . GLY A 1 17  ? 2.904   3.922   2.406   1.00 7.23  ? 45  GLY E O   1 
ATOM   107  N N   . PHE A 1 18  ? 1.852   5.413   1.039   1.00 8.93  ? 46  PHE E N   1 
ATOM   108  C CA  . PHE A 1 18  ? 2.945   6.395   1.038   1.00 9.27  ? 46  PHE E CA  1 
ATOM   109  C C   . PHE A 1 18  ? 2.354   7.791   0.963   1.00 12.43 ? 46  PHE E C   1 
ATOM   110  O O   . PHE A 1 18  ? 1.339   7.945   0.322   1.00 10.48 ? 46  PHE E O   1 
ATOM   111  C CB  . PHE A 1 18  ? 3.940   6.237   -0.140  1.00 4.69  ? 46  PHE E CB  1 
ATOM   112  C CG  . PHE A 1 18  ? 4.664   4.901   -0.116  1.00 6.18  ? 46  PHE E CG  1 
ATOM   113  C CD1 . PHE A 1 18  ? 5.728   4.725   0.783   1.00 11.28 ? 46  PHE E CD1 1 
ATOM   114  C CD2 . PHE A 1 18  ? 4.274   3.844   -0.933  1.00 5.19  ? 46  PHE E CD2 1 
ATOM   115  C CE1 . PHE A 1 18  ? 6.409   3.486   0.831   1.00 8.68  ? 46  PHE E CE1 1 
ATOM   116  C CE2 . PHE A 1 18  ? 4.945   2.627   -0.902  1.00 6.17  ? 46  PHE E CE2 1 
ATOM   117  C CZ  . PHE A 1 18  ? 6.005   2.443   0.001   1.00 7.02  ? 46  PHE E CZ  1 
ATOM   118  N N   . ASN A 1 19  ? 3.007   8.740   1.640   1.00 7.68  ? 47  ASN E N   1 
ATOM   119  C CA  . ASN A 1 19  ? 2.542   10.150  1.542   1.00 7.58  ? 47  ASN E CA  1 
ATOM   120  C C   . ASN A 1 19  ? 3.242   10.622  0.269   1.00 7.53  ? 47  ASN E C   1 
ATOM   121  O O   . ASN A 1 19  ? 4.415   10.279  0.028   1.00 7.27  ? 47  ASN E O   1 
ATOM   122  C CB  . ASN A 1 19  ? 2.877   10.931  2.791   1.00 9.59  ? 47  ASN E CB  1 
ATOM   123  C CG  . ASN A 1 19  ? 1.868   10.535  3.875   1.00 7.50  ? 47  ASN E CG  1 
ATOM   124  O OD1 . ASN A 1 19  ? 0.658   10.680  3.592   1.00 7.51  ? 47  ASN E OD1 1 
ATOM   125  N ND2 . ASN A 1 19  ? 2.347   10.083  4.997   1.00 8.63  ? 47  ASN E ND2 1 
ATOM   126  N N   . VAL A 1 20  ? 2.500   11.407  -0.573  1.00 4.19  ? 48  VAL E N   1 
ATOM   127  C CA  . VAL A 1 20  ? 3.072   11.875  -1.811  1.00 4.50  ? 48  VAL E CA  1 
ATOM   128  C C   . VAL A 1 20  ? 2.613   13.322  -2.091  1.00 4.41  ? 48  VAL E C   1 
ATOM   129  O O   . VAL A 1 20  ? 1.762   13.842  -1.388  1.00 7.92  ? 48  VAL E O   1 
ATOM   130  C CB  . VAL A 1 20  ? 2.639   10.954  -3.003  1.00 8.72  ? 48  VAL E CB  1 
ATOM   131  C CG1 . VAL A 1 20  ? 3.038   9.511   -2.801  1.00 8.79  ? 48  VAL E CG1 1 
ATOM   132  C CG2 . VAL A 1 20  ? 1.135   11.137  -3.218  1.00 8.99  ? 48  VAL E CG2 1 
ATOM   133  N N   . SER A 1 21  A 3.236   13.844  -3.121  1.00 8.07  ? 48  SER E N   1 
ATOM   134  C CA  . SER A 1 21  A 2.903   15.247  -3.510  1.00 9.66  ? 48  SER E CA  1 
ATOM   135  C C   . SER A 1 21  A 2.446   15.273  -4.949  1.00 9.52  ? 48  SER E C   1 
ATOM   136  O O   . SER A 1 21  A 3.038   14.571  -5.783  1.00 10.85 ? 48  SER E O   1 
ATOM   137  C CB  . SER A 1 21  A 4.188   16.040  -3.243  1.00 11.32 ? 48  SER E CB  1 
ATOM   138  O OG  . SER A 1 21  A 4.082   17.328  -3.778  1.00 17.37 ? 48  SER E OG  1 
ATOM   139  N N   . VAL A 1 22  B 1.389   16.062  -5.200  1.00 10.82 ? 48  VAL E N   1 
ATOM   140  C CA  . VAL A 1 22  B 0.882   16.230  -6.573  1.00 13.08 ? 48  VAL E CA  1 
ATOM   141  C C   . VAL A 1 22  B 0.937   17.764  -6.753  1.00 13.58 ? 48  VAL E C   1 
ATOM   142  O O   . VAL A 1 22  B 0.108   18.418  -6.104  1.00 12.02 ? 48  VAL E O   1 
ATOM   143  C CB  . VAL A 1 22  B -0.542  15.711  -6.828  1.00 15.71 ? 48  VAL E CB  1 
ATOM   144  C CG1 . VAL A 1 22  B -1.023  16.040  -8.225  1.00 12.69 ? 48  VAL E CG1 1 
ATOM   145  C CG2 . VAL A 1 22  B -0.696  14.230  -6.524  1.00 9.82  ? 48  VAL E CG2 1 
ATOM   146  N N   . ASN A 1 23  C 1.897   18.227  -7.495  1.00 16.50 ? 48  ASN E N   1 
ATOM   147  C CA  . ASN A 1 23  C 2.049   19.682  -7.721  1.00 20.83 ? 48  ASN E CA  1 
ATOM   148  C C   . ASN A 1 23  C 2.113   20.419  -6.385  1.00 21.26 ? 48  ASN E C   1 
ATOM   149  O O   . ASN A 1 23  C 1.386   21.426  -6.296  1.00 18.16 ? 48  ASN E O   1 
ATOM   150  C CB  . ASN A 1 23  C 0.840   20.277  -8.464  1.00 30.50 ? 48  ASN E CB  1 
ATOM   151  C CG  . ASN A 1 23  C 0.714   19.938  -9.923  1.00 40.41 ? 48  ASN E CG  1 
ATOM   152  O OD1 . ASN A 1 23  C 1.424   19.078  -10.480 1.00 44.38 ? 48  ASN E OD1 1 
ATOM   153  N ND2 . ASN A 1 23  C -0.224  20.644  -10.591 1.00 50.71 ? 48  ASN E ND2 1 
ATOM   154  N N   . GLY A 1 24  D 2.909   19.915  -5.468  1.00 17.58 ? 48  GLY E N   1 
ATOM   155  C CA  . GLY A 1 24  D 3.008   20.548  -4.154  1.00 17.69 ? 48  GLY E CA  1 
ATOM   156  C C   . GLY A 1 24  D 1.895   20.254  -3.171  1.00 15.42 ? 48  GLY E C   1 
ATOM   157  O O   . GLY A 1 24  D 2.044   20.661  -1.996  1.00 17.91 ? 48  GLY E O   1 
ATOM   158  N N   . VAL A 1 25  ? 0.820   19.578  -3.593  1.00 13.58 ? 49  VAL E N   1 
ATOM   159  C CA  . VAL A 1 25  ? -0.294  19.255  -2.718  1.00 10.16 ? 49  VAL E CA  1 
ATOM   160  C C   . VAL A 1 25  ? -0.140  17.835  -2.123  1.00 11.15 ? 49  VAL E C   1 
ATOM   161  O O   . VAL A 1 25  ? 0.018   16.875  -2.894  1.00 12.01 ? 49  VAL E O   1 
ATOM   162  C CB  . VAL A 1 25  ? -1.647  19.341  -3.450  1.00 12.95 ? 49  VAL E CB  1 
ATOM   163  C CG1 . VAL A 1 25  ? -2.814  19.161  -2.474  1.00 12.36 ? 49  VAL E CG1 1 
ATOM   164  C CG2 . VAL A 1 25  ? -1.734  20.651  -4.211  1.00 16.45 ? 49  VAL E CG2 1 
ATOM   165  N N   . ALA A 1 26  ? -0.228  17.802  -0.823  1.00 8.12  ? 50  ALA E N   1 
ATOM   166  C CA  . ALA A 1 26  ? -0.086  16.566  -0.027  1.00 8.83  ? 50  ALA E CA  1 
ATOM   167  C C   . ALA A 1 26  ? -1.241  15.585  -0.157  1.00 6.53  ? 50  ALA E C   1 
ATOM   168  O O   . ALA A 1 26  ? -2.402  15.962  0.100   1.00 7.47  ? 50  ALA E O   1 
ATOM   169  C CB  . ALA A 1 26  ? 0.063   16.962  1.455   1.00 13.30 ? 50  ALA E CB  1 
ATOM   170  N N   . HIS A 1 27  ? -0.904  14.348  -0.534  1.00 3.19  ? 51  HIS E N   1 
ATOM   171  C CA  . HIS A 1 27  ? -1.884  13.285  -0.700  1.00 6.46  ? 51  HIS E CA  1 
ATOM   172  C C   . HIS A 1 27  ? -1.269  12.002  -0.124  1.00 7.63  ? 51  HIS E C   1 
ATOM   173  O O   . HIS A 1 27  ? -0.061  11.967  0.250   1.00 6.74  ? 51  HIS E O   1 
ATOM   174  C CB  . HIS A 1 27  ? -2.193  12.983  -2.176  1.00 4.90  ? 51  HIS E CB  1 
ATOM   175  C CG  . HIS A 1 27  ? -2.841  14.091  -2.944  1.00 8.98  ? 51  HIS E CG  1 
ATOM   176  N ND1 . HIS A 1 27  ? -2.237  15.270  -3.332  1.00 9.57  ? 51  HIS E ND1 1 
ATOM   177  C CD2 . HIS A 1 27  ? -4.142  14.121  -3.422  1.00 4.69  ? 51  HIS E CD2 1 
ATOM   178  C CE1 . HIS A 1 27  ? -3.106  16.004  -4.026  1.00 8.98  ? 51  HIS E CE1 1 
ATOM   179  N NE2 . HIS A 1 27  ? -4.266  15.330  -4.093  1.00 6.67  ? 51  HIS E NE2 1 
ATOM   180  N N   . ALA A 1 28  ? -2.111  10.985  -0.074  1.00 6.71  ? 52  ALA E N   1 
ATOM   181  C CA  . ALA A 1 28  ? -1.654  9.677   0.412   1.00 5.27  ? 52  ALA E CA  1 
ATOM   182  C C   . ALA A 1 28  ? -2.141  8.566   -0.538  1.00 6.17  ? 52  ALA E C   1 
ATOM   183  O O   . ALA A 1 28  ? -3.318  8.617   -0.907  1.00 5.57  ? 52  ALA E O   1 
ATOM   184  C CB  . ALA A 1 28  ? -2.141  9.412   1.828   1.00 5.44  ? 52  ALA E CB  1 
ATOM   185  N N   . LEU A 1 29  ? -1.236  7.692   -0.877  1.00 8.94  ? 53  LEU E N   1 
ATOM   186  C CA  . LEU A 1 29  ? -1.634  6.526   -1.737  1.00 5.83  ? 53  LEU E CA  1 
ATOM   187  C C   . LEU A 1 29  ? -2.077  5.412   -0.781  1.00 9.80  ? 53  LEU E C   1 
ATOM   188  O O   . LEU A 1 29  ? -1.474  5.208   0.279   1.00 5.45  ? 53  LEU E O   1 
ATOM   189  C CB  . LEU A 1 29  ? -0.456  5.972   -2.505  1.00 10.39 ? 53  LEU E CB  1 
ATOM   190  C CG  . LEU A 1 29  ? -0.201  6.302   -3.958  1.00 20.34 ? 53  LEU E CG  1 
ATOM   191  C CD1 . LEU A 1 29  ? -1.030  7.463   -4.457  1.00 13.40 ? 53  LEU E CD1 1 
ATOM   192  C CD2 . LEU A 1 29  ? 1.275   6.616   -4.156  1.00 11.88 ? 53  LEU E CD2 1 
ATOM   193  N N   . THR A 1 30  ? -3.051  4.641   -1.285  1.00 6.43  ? 54  THR E N   1 
ATOM   194  C CA  . THR A 1 30  ? -3.541  3.473   -0.517  1.00 4.42  ? 54  THR E CA  1 
ATOM   195  C C   . THR A 1 30  ? -4.083  2.441   -1.562  1.00 2.33  ? 54  THR E C   1 
ATOM   196  O O   . THR A 1 30  ? -3.828  2.727   -2.779  1.00 4.49  ? 54  THR E O   1 
ATOM   197  C CB  . THR A 1 30  ? -4.567  3.828   0.571   1.00 4.47  ? 54  THR E CB  1 
ATOM   198  O OG1 . THR A 1 30  ? -4.695  2.518   1.295   1.00 7.74  ? 54  THR E OG1 1 
ATOM   199  C CG2 . THR A 1 30  ? -5.937  4.351   0.077   1.00 6.30  ? 54  THR E CG2 1 
ATOM   200  N N   . ALA A 1 31  ? -4.732  1.401   -1.072  1.00 5.63  ? 55  ALA E N   1 
ATOM   201  C CA  . ALA A 1 31  ? -5.230  0.414   -2.128  1.00 7.23  ? 55  ALA E CA  1 
ATOM   202  C C   . ALA A 1 31  ? -6.532  0.916   -2.718  1.00 7.73  ? 55  ALA E C   1 
ATOM   203  O O   . ALA A 1 31  ? -7.347  1.577   -2.065  1.00 6.49  ? 55  ALA E O   1 
ATOM   204  C CB  . ALA A 1 31  ? -5.353  -0.994  -1.474  1.00 9.27  ? 55  ALA E CB  1 
ATOM   205  N N   . GLY A 1 32  ? -6.771  0.597   -3.999  1.00 5.69  ? 56  GLY E N   1 
ATOM   206  C CA  . GLY A 1 32  ? -7.945  0.971   -4.749  1.00 7.22  ? 56  GLY E CA  1 
ATOM   207  C C   . GLY A 1 32  ? -9.180  0.291   -4.154  1.00 7.94  ? 56  GLY E C   1 
ATOM   208  O O   . GLY A 1 32  ? -10.248 0.853   -4.119  1.00 8.19  ? 56  GLY E O   1 
ATOM   209  N N   . HIS A 1 33  ? -8.995  -0.945  -3.690  1.00 6.88  ? 57  HIS E N   1 
ATOM   210  C CA  . HIS A 1 33  ? -10.095 -1.743  -3.084  1.00 10.29 ? 57  HIS E CA  1 
ATOM   211  C C   . HIS A 1 33  ? -10.576 -1.033  -1.833  1.00 10.07 ? 57  HIS E C   1 
ATOM   212  O O   . HIS A 1 33  ? -11.765 -1.179  -1.405  1.00 10.18 ? 57  HIS E O   1 
ATOM   213  C CB  . HIS A 1 33  ? -9.683  -3.204  -2.843  1.00 17.21 ? 57  HIS E CB  1 
ATOM   214  C CG  . HIS A 1 33  ? -10.763 -4.011  -2.155  1.00 26.69 ? 57  HIS E CG  1 
ATOM   215  N ND1 . HIS A 1 33  ? -10.731 -4.327  -0.806  1.00 26.58 ? 57  HIS E ND1 1 
ATOM   216  C CD2 . HIS A 1 33  ? -11.900 -4.561  -2.683  1.00 27.23 ? 57  HIS E CD2 1 
ATOM   217  C CE1 . HIS A 1 33  ? -11.833 -5.036  -0.557  1.00 31.29 ? 57  HIS E CE1 1 
ATOM   218  N NE2 . HIS A 1 33  ? -12.561 -5.194  -1.664  1.00 21.82 ? 57  HIS E NE2 1 
ATOM   219  N N   . CYS A 1 34  ? -9.685  -0.220  -1.235  1.00 9.80  ? 58  CYS E N   1 
ATOM   220  C CA  . CYS A 1 34  ? -10.044 0.570   -0.071  1.00 6.77  ? 58  CYS E CA  1 
ATOM   221  C C   . CYS A 1 34  ? -10.770 1.867   -0.531  1.00 5.89  ? 58  CYS E C   1 
ATOM   222  O O   . CYS A 1 34  ? -11.861 2.096   -0.034  1.00 8.06  ? 58  CYS E O   1 
ATOM   223  C CB  . CYS A 1 34  ? -8.833  1.007   0.790   1.00 7.05  ? 58  CYS E CB  1 
ATOM   224  S SG  . CYS A 1 34  ? -7.976  -0.473  1.497   1.00 12.96 ? 58  CYS E SG  1 
ATOM   225  N N   . THR A 1 35  ? -10.125 2.650   -1.360  1.00 6.88  ? 59  THR E N   1 
ATOM   226  C CA  . THR A 1 35  ? -10.758 3.927   -1.785  1.00 9.02  ? 59  THR E CA  1 
ATOM   227  C C   . THR A 1 35  ? -12.114 3.681   -2.478  1.00 11.06 ? 59  THR E C   1 
ATOM   228  O O   . THR A 1 35  ? -12.945 4.626   -2.449  1.00 11.11 ? 59  THR E O   1 
ATOM   229  C CB  . THR A 1 35  ? -9.797  4.880   -2.587  1.00 5.04  ? 59  THR E CB  1 
ATOM   230  O OG1 . THR A 1 35  ? -9.096  4.038   -3.512  1.00 5.76  ? 59  THR E OG1 1 
ATOM   231  C CG2 . THR A 1 35  ? -8.779  5.610   -1.709  1.00 11.51 ? 59  THR E CG2 1 
ATOM   232  N N   . ASN A 1 36  ? -12.340 2.499   -3.054  1.00 10.19 ? 62  ASN E N   1 
ATOM   233  C CA  . ASN A 1 36  ? -13.661 2.292   -3.713  1.00 11.42 ? 62  ASN E CA  1 
ATOM   234  C C   . ASN A 1 36  ? -14.828 2.414   -2.731  1.00 12.53 ? 62  ASN E C   1 
ATOM   235  O O   . ASN A 1 36  ? -15.978 2.756   -3.116  1.00 12.45 ? 62  ASN E O   1 
ATOM   236  C CB  . ASN A 1 36  ? -13.679 0.883   -4.358  1.00 6.66  ? 62  ASN E CB  1 
ATOM   237  C CG  . ASN A 1 36  ? -13.155 0.884   -5.766  1.00 9.41  ? 62  ASN E CG  1 
ATOM   238  O OD1 . ASN A 1 36  ? -12.517 1.901   -6.159  1.00 9.42  ? 62  ASN E OD1 1 
ATOM   239  N ND2 . ASN A 1 36  ? -13.385 -0.233  -6.474  1.00 5.48  ? 62  ASN E ND2 1 
ATOM   240  N N   . ILE A 1 37  ? -14.527 2.062   -1.466  1.00 11.41 ? 63  ILE E N   1 
ATOM   241  C CA  . ILE A 1 37  ? -15.544 2.069   -0.407  1.00 10.53 ? 63  ILE E CA  1 
ATOM   242  C C   . ILE A 1 37  ? -16.260 3.397   -0.202  1.00 12.29 ? 63  ILE E C   1 
ATOM   243  O O   . ILE A 1 37  ? -17.509 3.494   -0.100  1.00 13.11 ? 63  ILE E O   1 
ATOM   244  C CB  . ILE A 1 37  ? -14.910 1.589   0.960   1.00 9.66  ? 63  ILE E CB  1 
ATOM   245  C CG1 . ILE A 1 37  ? -14.436 0.108   0.871   1.00 14.71 ? 63  ILE E CG1 1 
ATOM   246  C CG2 . ILE A 1 37  ? -15.851 1.757   2.185   1.00 10.18 ? 63  ILE E CG2 1 
ATOM   247  C CD1 . ILE A 1 37  ? -13.524 -0.298  2.089   1.00 14.51 ? 63  ILE E CD1 1 
ATOM   248  N N   . SER A 1 38  ? -15.437 4.450   -0.082  1.00 12.22 ? 64  SER E N   1 
ATOM   249  C CA  . SER A 1 38  ? -15.984 5.793   0.192   1.00 12.97 ? 64  SER E CA  1 
ATOM   250  C C   . SER A 1 38  ? -15.082 6.935   -0.231  1.00 11.98 ? 64  SER E C   1 
ATOM   251  O O   . SER A 1 38  ? -13.853 6.709   -0.414  1.00 13.55 ? 64  SER E O   1 
ATOM   252  C CB  . SER A 1 38  ? -16.133 5.839   1.720   1.00 14.01 ? 64  SER E CB  1 
ATOM   253  O OG  . SER A 1 38  ? -16.541 7.088   2.198   1.00 20.01 ? 64  SER E OG  1 
ATOM   254  N N   . ALA A 1 39  ? -15.693 8.113   -0.292  1.00 9.86  ? 65  ALA E N   1 
ATOM   255  C CA  . ALA A 1 39  ? -14.918 9.331   -0.607  1.00 10.15 ? 65  ALA E CA  1 
ATOM   256  C C   . ALA A 1 39  ? -14.397 9.953   0.685   1.00 14.21 ? 65  ALA E C   1 
ATOM   257  O O   . ALA A 1 39  ? -13.479 10.809  0.614   1.00 13.87 ? 65  ALA E O   1 
ATOM   258  C CB  . ALA A 1 39  ? -15.734 10.355  -1.367  1.00 9.67  ? 65  ALA E CB  1 
ATOM   259  N N   . SER A 1 40  A -14.958 9.556   1.837   1.00 13.34 ? 65  SER E N   1 
ATOM   260  C CA  . SER A 1 40  A -14.541 10.222  3.094   1.00 15.59 ? 65  SER E CA  1 
ATOM   261  C C   . SER A 1 40  A -13.671 9.356   4.002   1.00 14.35 ? 65  SER E C   1 
ATOM   262  O O   . SER A 1 40  A -14.129 8.294   4.433   1.00 13.91 ? 65  SER E O   1 
ATOM   263  C CB  . SER A 1 40  A -15.826 10.744  3.769   1.00 15.78 ? 65  SER E CB  1 
ATOM   264  O OG  . SER A 1 40  A -15.506 11.383  4.999   1.00 27.45 ? 65  SER E OG  1 
ATOM   265  N N   . TRP A 1 41  ? -12.439 9.830   4.238   1.00 11.16 ? 66  TRP E N   1 
ATOM   266  C CA  . TRP A 1 41  ? -11.497 9.104   5.083   1.00 6.15  ? 66  TRP E CA  1 
ATOM   267  C C   . TRP A 1 41  ? -11.116 9.901   6.331   1.00 8.36  ? 66  TRP E C   1 
ATOM   268  O O   . TRP A 1 41  ? -11.256 11.106  6.396   1.00 10.37 ? 66  TRP E O   1 
ATOM   269  C CB  . TRP A 1 41  ? -10.242 8.734   4.231   1.00 8.85  ? 66  TRP E CB  1 
ATOM   270  C CG  . TRP A 1 41  ? -10.684 7.709   3.251   1.00 11.90 ? 66  TRP E CG  1 
ATOM   271  C CD1 . TRP A 1 41  ? -11.336 7.939   2.078   1.00 10.69 ? 66  TRP E CD1 1 
ATOM   272  C CD2 . TRP A 1 41  ? -10.581 6.285   3.409   1.00 8.50  ? 66  TRP E CD2 1 
ATOM   273  N NE1 . TRP A 1 41  ? -11.653 6.704   1.480   1.00 11.06 ? 66  TRP E NE1 1 
ATOM   274  C CE2 . TRP A 1 41  ? -11.185 5.702   2.294   1.00 8.48  ? 66  TRP E CE2 1 
ATOM   275  C CE3 . TRP A 1 41  ? -10.027 5.478   4.404   1.00 14.22 ? 66  TRP E CE3 1 
ATOM   276  C CZ2 . TRP A 1 41  ? -11.268 4.329   2.120   1.00 9.74  ? 66  TRP E CZ2 1 
ATOM   277  C CZ3 . TRP A 1 41  ? -10.101 4.101   4.235   1.00 17.01 ? 66  TRP E CZ3 1 
ATOM   278  C CH2 . TRP A 1 41  ? -10.694 3.528   3.124   1.00 10.53 ? 66  TRP E CH2 1 
ATOM   279  N N   . SER A 1 42  ? -10.605 9.180   7.340   1.00 9.54  ? 84  SER E N   1 
ATOM   280  C CA  . SER A 1 42  ? -10.152 9.898   8.579   1.00 14.06 ? 84  SER E CA  1 
ATOM   281  C C   . SER A 1 42  ? -9.160  11.003  8.215   1.00 10.72 ? 84  SER E C   1 
ATOM   282  O O   . SER A 1 42  ? -9.190  12.061  8.886   1.00 16.58 ? 84  SER E O   1 
ATOM   283  C CB  . SER A 1 42  ? -9.499  8.916   9.530   1.00 13.06 ? 84  SER E CB  1 
ATOM   284  O OG  . SER A 1 42  ? -8.566  8.152   8.778   1.00 10.25 ? 84  SER E OG  1 
ATOM   285  N N   . ILE A 1 43  ? -8.347  10.783  7.175   1.00 9.97  ? 85  ILE E N   1 
ATOM   286  C CA  . ILE A 1 43  ? -7.309  11.770  6.791   1.00 5.77  ? 85  ILE E CA  1 
ATOM   287  C C   . ILE A 1 43  ? -7.670  12.786  5.704   1.00 8.42  ? 85  ILE E C   1 
ATOM   288  O O   . ILE A 1 43  ? -6.812  13.684  5.502   1.00 7.37  ? 85  ILE E O   1 
ATOM   289  C CB  . ILE A 1 43  ? -5.958  11.102  6.321   1.00 11.66 ? 85  ILE E CB  1 
ATOM   290  C CG1 . ILE A 1 43  ? -6.154  10.205  5.080   1.00 8.81  ? 85  ILE E CG1 1 
ATOM   291  C CG2 . ILE A 1 43  ? -5.298  10.297  7.495   1.00 8.13  ? 85  ILE E CG2 1 
ATOM   292  C CD1 . ILE A 1 43  ? -4.857  9.656   4.405   1.00 13.71 ? 85  ILE E CD1 1 
ATOM   293  N N   . GLY A 1 44  ? -8.828  12.592  5.106   1.00 6.39  ? 86  GLY E N   1 
ATOM   294  C CA  . GLY A 1 44  ? -9.173  13.577  4.037   1.00 5.21  ? 86  GLY E CA  1 
ATOM   295  C C   . GLY A 1 44  ? -10.150 12.966  3.061   1.00 7.26  ? 86  GLY E C   1 
ATOM   296  O O   . GLY A 1 44  ? -10.890 12.029  3.381   1.00 11.29 ? 86  GLY E O   1 
ATOM   297  N N   . THR A 1 45  ? -10.163 13.595  1.880   1.00 9.10  ? 87  THR E N   1 
ATOM   298  C CA  . THR A 1 45  ? -11.069 13.226  0.784   1.00 5.33  ? 87  THR E CA  1 
ATOM   299  C C   . THR A 1 45  ? -10.413 12.474  -0.351  1.00 6.61  ? 87  THR E C   1 
ATOM   300  O O   . THR A 1 45  ? -9.353  12.834  -0.876  1.00 6.49  ? 87  THR E O   1 
ATOM   301  C CB  . THR A 1 45  ? -11.731 14.561  0.157   1.00 10.87 ? 87  THR E CB  1 
ATOM   302  O OG1 . THR A 1 45  ? -12.342 15.258  1.255   1.00 9.29  ? 87  THR E OG1 1 
ATOM   303  C CG2 . THR A 1 45  ? -12.771 14.231  -0.917  1.00 11.59 ? 87  THR E CG2 1 
ATOM   304  N N   . ARG A 1 46  ? -11.090 11.389  -0.785  1.00 7.45  ? 88  ARG E N   1 
ATOM   305  C CA  . ARG A 1 46  ? -10.547 10.580  -1.907  1.00 4.01  ? 88  ARG E CA  1 
ATOM   306  C C   . ARG A 1 46  ? -10.524 11.421  -3.166  1.00 6.73  ? 88  ARG E C   1 
ATOM   307  O O   . ARG A 1 46  ? -11.598 12.052  -3.409  1.00 6.54  ? 88  ARG E O   1 
ATOM   308  C CB  . ARG A 1 46  ? -11.465 9.348   -2.119  1.00 6.07  ? 88  ARG E CB  1 
ATOM   309  C CG  . ARG A 1 46  ? -11.059 8.475   -3.316  1.00 5.23  ? 88  ARG E CG  1 
ATOM   310  C CD  . ARG A 1 46  ? -12.154 7.460   -3.588  1.00 9.12  ? 88  ARG E CD  1 
ATOM   311  N NE  . ARG A 1 46  ? -13.386 8.119   -4.040  1.00 11.71 ? 88  ARG E NE  1 
ATOM   312  C CZ  . ARG A 1 46  ? -14.594 7.516   -4.043  1.00 11.65 ? 88  ARG E CZ  1 
ATOM   313  N NH1 . ARG A 1 46  ? -14.856 6.295   -3.577  1.00 8.60  ? 88  ARG E NH1 1 
ATOM   314  N NH2 . ARG A 1 46  ? -15.621 8.207   -4.554  1.00 5.19  ? 88  ARG E NH2 1 
ATOM   315  N N   . THR A 1 47  ? -9.497  11.450  -3.955  1.00 8.29  ? 89  THR E N   1 
ATOM   316  C CA  . THR A 1 47  ? -9.508  12.204  -5.231  1.00 7.94  ? 89  THR E CA  1 
ATOM   317  C C   . THR A 1 47  ? -9.256  11.281  -6.414  1.00 10.53 ? 89  THR E C   1 
ATOM   318  O O   . THR A 1 47  ? -9.229  11.765  -7.563  1.00 9.24  ? 89  THR E O   1 
ATOM   319  C CB  . THR A 1 47  ? -8.520  13.432  -5.230  1.00 6.43  ? 89  THR E CB  1 
ATOM   320  O OG1 . THR A 1 47  ? -7.219  12.854  -5.004  1.00 13.78 ? 89  THR E OG1 1 
ATOM   321  C CG2 . THR A 1 47  ? -8.917  14.443  -4.157  1.00 8.57  ? 89  THR E CG2 1 
ATOM   322  N N   . GLY A 1 48  ? -9.140  9.976   -6.169  1.00 10.65 ? 90  GLY E N   1 
ATOM   323  C CA  . GLY A 1 48  ? -8.899  9.015   -7.270  1.00 9.61  ? 90  GLY E CA  1 
ATOM   324  C C   . GLY A 1 48  ? -8.951  7.582   -6.779  1.00 9.73  ? 90  GLY E C   1 
ATOM   325  O O   . GLY A 1 48  ? -8.519  7.320   -5.628  1.00 5.60  ? 90  GLY E O   1 
ATOM   326  N N   . THR A 1 49  ? -9.430  6.682   -7.651  1.00 6.21  ? 91  THR E N   1 
ATOM   327  C CA  . THR A 1 49  ? -9.496  5.254   -7.254  1.00 6.38  ? 91  THR E CA  1 
ATOM   328  C C   . THR A 1 49  ? -9.477  4.374   -8.512  1.00 5.77  ? 91  THR E C   1 
ATOM   329  O O   . THR A 1 49  ? -10.028 4.817   -9.529  1.00 4.89  ? 91  THR E O   1 
ATOM   330  C CB  . THR A 1 49  ? -10.729 4.940   -6.331  1.00 7.03  ? 91  THR E CB  1 
ATOM   331  O OG1 . THR A 1 49  ? -10.447 3.622   -5.750  1.00 5.04  ? 91  THR E OG1 1 
ATOM   332  C CG2 . THR A 1 49  ? -12.109 4.958   -7.015  1.00 9.51  ? 91  THR E CG2 1 
ATOM   333  N N   . SER A 1 50  ? -8.845  3.233   -8.457  1.00 3.98  ? 93  SER E N   1 
ATOM   334  C CA  . SER A 1 50  ? -8.782  2.282   -9.567  1.00 8.88  ? 93  SER E CA  1 
ATOM   335  C C   . SER A 1 50  ? -8.746  0.835   -9.047  1.00 6.28  ? 93  SER E C   1 
ATOM   336  O O   . SER A 1 50  ? -7.663  0.384   -8.673  1.00 4.90  ? 93  SER E O   1 
ATOM   337  C CB  . SER A 1 50  ? -7.575  2.544   -10.466 1.00 8.43  ? 93  SER E CB  1 
ATOM   338  O OG  . SER A 1 50  ? -7.779  1.952   -11.743 1.00 9.14  ? 93  SER E OG  1 
ATOM   339  N N   . PHE A 1 51  ? -9.861  0.146   -9.091  1.00 8.39  ? 94  PHE E N   1 
ATOM   340  C CA  . PHE A 1 51  ? -9.892  -1.300  -8.655  1.00 9.48  ? 94  PHE E CA  1 
ATOM   341  C C   . PHE A 1 51  ? -11.160 -1.916  -9.268  1.00 4.78  ? 94  PHE E C   1 
ATOM   342  O O   . PHE A 1 51  ? -12.221 -1.252  -9.201  1.00 7.20  ? 94  PHE E O   1 
ATOM   343  C CB  . PHE A 1 51  ? -9.859  -1.443  -7.129  1.00 4.49  ? 94  PHE E CB  1 
ATOM   344  C CG  . PHE A 1 51  ? -10.011 -2.901  -6.672  1.00 8.93  ? 94  PHE E CG  1 
ATOM   345  C CD1 . PHE A 1 51  ? -8.883  -3.695  -6.567  1.00 8.10  ? 94  PHE E CD1 1 
ATOM   346  C CD2 . PHE A 1 51  ? -11.280 -3.418  -6.441  1.00 8.75  ? 94  PHE E CD2 1 
ATOM   347  C CE1 . PHE A 1 51  ? -9.027  -5.045  -6.220  1.00 8.09  ? 94  PHE E CE1 1 
ATOM   348  C CE2 . PHE A 1 51  ? -11.453 -4.752  -6.040  1.00 12.21 ? 94  PHE E CE2 1 
ATOM   349  C CZ  . PHE A 1 51  ? -10.294 -5.541  -5.950  1.00 9.39  ? 94  PHE E CZ  1 
ATOM   350  N N   . PRO A 1 52  A -11.102 -3.118  -9.785  1.00 5.67  ? 99  PRO E N   1 
ATOM   351  C CA  . PRO A 1 52  A -9.939  -4.001  -9.921  1.00 5.11  ? 99  PRO E CA  1 
ATOM   352  C C   . PRO A 1 52  A -9.140  -3.666  -11.155 1.00 7.99  ? 99  PRO E C   1 
ATOM   353  O O   . PRO A 1 52  A -9.160  -2.504  -11.629 1.00 7.71  ? 99  PRO E O   1 
ATOM   354  C CB  . PRO A 1 52  A -10.584 -5.414  -9.929  1.00 7.58  ? 99  PRO E CB  1 
ATOM   355  C CG  . PRO A 1 52  A -11.875 -5.201  -10.698 1.00 5.48  ? 99  PRO E CG  1 
ATOM   356  C CD  . PRO A 1 52  A -12.315 -3.761  -10.351 1.00 5.28  ? 99  PRO E CD  1 
ATOM   357  N N   . ASN A 1 53  ? -8.415  -4.603  -11.743 1.00 7.19  ? 100 ASN E N   1 
ATOM   358  C CA  . ASN A 1 53  ? -7.531  -4.417  -12.901 1.00 5.33  ? 100 ASN E CA  1 
ATOM   359  C C   . ASN A 1 53  ? -6.217  -3.916  -12.204 1.00 10.78 ? 100 ASN E C   1 
ATOM   360  O O   . ASN A 1 53  ? -5.216  -4.642  -12.164 1.00 9.23  ? 100 ASN E O   1 
ATOM   361  C CB  . ASN A 1 53  ? -8.020  -3.516  -14.004 1.00 9.49  ? 100 ASN E CB  1 
ATOM   362  C CG  . ASN A 1 53  ? -6.976  -3.289  -15.088 1.00 16.85 ? 100 ASN E CG  1 
ATOM   363  O OD1 . ASN A 1 53  ? -6.210  -4.183  -15.493 1.00 16.65 ? 100 ASN E OD1 1 
ATOM   364  N ND2 . ASN A 1 53  ? -6.875  -2.077  -15.661 1.00 16.47 ? 100 ASN E ND2 1 
ATOM   365  N N   . ASN A 1 54  ? -6.343  -2.702  -11.666 1.00 10.37 ? 101 ASN E N   1 
ATOM   366  C CA  . ASN A 1 54  ? -5.280  -2.098  -10.847 1.00 10.04 ? 101 ASN E CA  1 
ATOM   367  C C   . ASN A 1 54  ? -5.760  -2.248  -9.374  1.00 8.66  ? 101 ASN E C   1 
ATOM   368  O O   . ASN A 1 54  ? -6.857  -2.730  -9.048  1.00 8.20  ? 101 ASN E O   1 
ATOM   369  C CB  . ASN A 1 54  ? -5.051  -0.611  -11.068 1.00 10.90 ? 101 ASN E CB  1 
ATOM   370  C CG  . ASN A 1 54  ? -4.829  -0.190  -12.497 1.00 9.09  ? 101 ASN E CG  1 
ATOM   371  O OD1 . ASN A 1 54  ? -5.629  0.597   -13.024 1.00 16.39 ? 101 ASN E OD1 1 
ATOM   372  N ND2 . ASN A 1 54  ? -3.789  -0.748  -13.086 1.00 10.34 ? 101 ASN E ND2 1 
ATOM   373  N N   . ASP A 1 55  ? -4.929  -1.737  -8.442  1.00 5.54  ? 102 ASP E N   1 
ATOM   374  C CA  . ASP A 1 55  ? -5.312  -1.712  -7.028  1.00 5.01  ? 102 ASP E CA  1 
ATOM   375  C C   . ASP A 1 55  ? -4.627  -0.467  -6.389  1.00 7.05  ? 102 ASP E C   1 
ATOM   376  O O   . ASP A 1 55  ? -3.742  -0.742  -5.566  1.00 6.04  ? 102 ASP E O   1 
ATOM   377  C CB  . ASP A 1 55  ? -5.088  -3.035  -6.293  1.00 3.92  ? 102 ASP E CB  1 
ATOM   378  C CG  . ASP A 1 55  ? -5.829  -3.090  -4.986  1.00 5.94  ? 102 ASP E CG  1 
ATOM   379  O OD1 . ASP A 1 55  ? -5.783  -4.086  -4.231  1.00 10.03 ? 102 ASP E OD1 1 
ATOM   380  O OD2 . ASP A 1 55  ? -6.523  -2.091  -4.638  1.00 12.39 ? 102 ASP E OD2 1 
ATOM   381  N N   . TYR A 1 56  ? -5.086  0.707   -6.784  1.00 6.82  ? 103 TYR E N   1 
ATOM   382  C CA  . TYR A 1 56  ? -4.518  1.953   -6.171  1.00 7.84  ? 103 TYR E CA  1 
ATOM   383  C C   . TYR A 1 56  ? -5.593  3.016   -6.048  1.00 7.47  ? 103 TYR E C   1 
ATOM   384  O O   . TYR A 1 56  ? -6.631  2.987   -6.756  1.00 6.65  ? 103 TYR E O   1 
ATOM   385  C CB  . TYR A 1 56  ? -3.275  2.413   -6.910  1.00 4.60  ? 103 TYR E CB  1 
ATOM   386  C CG  . TYR A 1 56  ? -3.418  2.740   -8.384  1.00 10.26 ? 103 TYR E CG  1 
ATOM   387  C CD1 . TYR A 1 56  ? -2.657  2.021   -9.319  1.00 11.93 ? 103 TYR E CD1 1 
ATOM   388  C CD2 . TYR A 1 56  ? -4.266  3.742   -8.834  1.00 9.91  ? 103 TYR E CD2 1 
ATOM   389  C CE1 . TYR A 1 56  ? -2.735  2.275   -10.693 1.00 5.08  ? 103 TYR E CE1 1 
ATOM   390  C CE2 . TYR A 1 56  ? -4.362  4.027   -10.203 1.00 8.20  ? 103 TYR E CE2 1 
ATOM   391  C CZ  . TYR A 1 56  ? -3.611  3.283   -11.103 1.00 10.28 ? 103 TYR E CZ  1 
ATOM   392  O OH  . TYR A 1 56  ? -3.709  3.594   -12.430 1.00 9.61  ? 103 TYR E OH  1 
ATOM   393  N N   . GLY A 1 57  ? -5.369  3.946   -5.114  1.00 3.64  ? 104 GLY E N   1 
ATOM   394  C CA  . GLY A 1 57  ? -6.345  5.043   -4.862  1.00 1.81  ? 104 GLY E CA  1 
ATOM   395  C C   . GLY A 1 57  ? -5.486  6.165   -4.195  1.00 10.03 ? 104 GLY E C   1 
ATOM   396  O O   . GLY A 1 57  ? -4.361  5.900   -3.789  1.00 3.78  ? 104 GLY E O   1 
ATOM   397  N N   . ILE A 1 58  ? -6.060  7.357   -4.140  1.00 7.35  ? 105 ILE E N   1 
ATOM   398  C CA  . ILE A 1 58  ? -5.313  8.512   -3.569  1.00 3.38  ? 105 ILE E CA  1 
ATOM   399  C C   . ILE A 1 58  ? -6.357  9.355   -2.851  1.00 5.68  ? 105 ILE E C   1 
ATOM   400  O O   . ILE A 1 58  ? -7.519  9.503   -3.276  1.00 7.47  ? 105 ILE E O   1 
ATOM   401  C CB  . ILE A 1 58  ? -4.554  9.224   -4.714  1.00 4.80  ? 105 ILE E CB  1 
ATOM   402  C CG1 . ILE A 1 58  ? -3.654  10.415  -4.200  1.00 2.97  ? 105 ILE E CG1 1 
ATOM   403  C CG2 . ILE A 1 58  ? -5.553  9.823   -5.769  1.00 3.52  ? 105 ILE E CG2 1 
ATOM   404  C CD1 . ILE A 1 58  ? -2.719  10.825  -5.410  1.00 2.77  ? 105 ILE E CD1 1 
ATOM   405  N N   . ILE A 1 59  ? -5.920  9.892   -1.752  1.00 5.48  ? 106 ILE E N   1 
ATOM   406  C CA  . ILE A 1 59  ? -6.621  10.727  -0.814  1.00 6.78  ? 106 ILE E CA  1 
ATOM   407  C C   . ILE A 1 59  ? -5.821  12.029  -0.542  1.00 7.98  ? 106 ILE E C   1 
ATOM   408  O O   . ILE A 1 59  ? -4.626  11.930  -0.304  1.00 6.30  ? 106 ILE E O   1 
ATOM   409  C CB  . ILE A 1 59  ? -6.821  9.986   0.541   1.00 5.69  ? 106 ILE E CB  1 
ATOM   410  C CG1 . ILE A 1 59  ? -7.569  8.636   0.249   1.00 2.01  ? 106 ILE E CG1 1 
ATOM   411  C CG2 . ILE A 1 59  ? -7.509  10.894  1.586   1.00 2.49  ? 106 ILE E CG2 1 
ATOM   412  C CD1 . ILE A 1 59  ? -7.397  7.615   1.399   1.00 8.88  ? 106 ILE E CD1 1 
ATOM   413  N N   . ARG A 1 60  ? -6.556  13.119  -0.689  1.00 6.83  ? 107 ARG E N   1 
ATOM   414  C CA  . ARG A 1 60  ? -5.915  14.443  -0.446  1.00 4.84  ? 107 ARG E CA  1 
ATOM   415  C C   . ARG A 1 60  ? -5.990  14.651  1.056   1.00 3.94  ? 107 ARG E C   1 
ATOM   416  O O   . ARG A 1 60  ? -7.095  14.502  1.644   1.00 6.51  ? 107 ARG E O   1 
ATOM   417  C CB  . ARG A 1 60  ? -6.626  15.518  -1.223  1.00 5.61  ? 107 ARG E CB  1 
ATOM   418  C CG  . ARG A 1 60  ? -6.068  16.926  -0.790  1.00 11.24 ? 107 ARG E CG  1 
ATOM   419  C CD  . ARG A 1 60  ? -6.504  17.927  -1.817  1.00 11.99 ? 107 ARG E CD  1 
ATOM   420  N NE  . ARG A 1 60  ? -5.966  19.218  -1.433  1.00 12.90 ? 107 ARG E NE  1 
ATOM   421  C CZ  . ARG A 1 60  ? -6.047  20.363  -2.111  1.00 20.03 ? 107 ARG E CZ  1 
ATOM   422  N NH1 . ARG A 1 60  ? -6.589  20.498  -3.302  1.00 18.49 ? 107 ARG E NH1 1 
ATOM   423  N NH2 . ARG A 1 60  ? -5.514  21.449  -1.514  1.00 18.02 ? 107 ARG E NH2 1 
ATOM   424  N N   . HIS A 1 61  ? -4.866  15.008  1.712   1.00 6.36  ? 108 HIS E N   1 
ATOM   425  C CA  . HIS A 1 61  ? -4.919  15.237  3.155   1.00 6.05  ? 108 HIS E CA  1 
ATOM   426  C C   . HIS A 1 61  ? -5.690  16.515  3.539   1.00 6.79  ? 108 HIS E C   1 
ATOM   427  O O   . HIS A 1 61  ? -5.474  17.557  2.917   1.00 7.07  ? 108 HIS E O   1 
ATOM   428  C CB  . HIS A 1 61  ? -3.502  15.508  3.741   1.00 4.39  ? 108 HIS E CB  1 
ATOM   429  C CG  . HIS A 1 61  ? -2.677  14.280  3.941   1.00 5.86  ? 108 HIS E CG  1 
ATOM   430  N ND1 . HIS A 1 61  ? -2.750  13.561  5.123   1.00 5.76  ? 108 HIS E ND1 1 
ATOM   431  C CD2 . HIS A 1 61  ? -1.786  13.657  3.094   1.00 4.77  ? 108 HIS E CD2 1 
ATOM   432  C CE1 . HIS A 1 61  ? -1.912  12.520  4.981   1.00 7.33  ? 108 HIS E CE1 1 
ATOM   433  N NE2 . HIS A 1 61  ? -1.313  12.571  3.811   1.00 6.60  ? 108 HIS E NE2 1 
ATOM   434  N N   . SER A 1 62  ? -6.494  16.457  4.565   1.00 6.12  ? 109 SER E N   1 
ATOM   435  C CA  . SER A 1 62  ? -7.217  17.564  5.165   1.00 12.50 ? 109 SER E CA  1 
ATOM   436  C C   . SER A 1 62  ? -6.201  18.448  5.934   1.00 10.98 ? 109 SER E C   1 
ATOM   437  O O   . SER A 1 62  ? -6.352  19.658  6.023   1.00 9.30  ? 109 SER E O   1 
ATOM   438  C CB  . SER A 1 62  ? -8.252  17.076  6.203   1.00 13.67 ? 109 SER E CB  1 
ATOM   439  O OG  . SER A 1 62  ? -9.371  16.564  5.469   1.00 23.99 ? 109 SER E OG  1 
ATOM   440  N N   . ASN A 1 63  ? -5.172  17.726  6.441   1.00 9.17  ? 110 ASN E N   1 
ATOM   441  C CA  . ASN A 1 63  ? -4.085  18.403  7.192   1.00 9.89  ? 110 ASN E CA  1 
ATOM   442  C C   . ASN A 1 63  ? -2.728  18.117  6.530   1.00 7.86  ? 110 ASN E C   1 
ATOM   443  O O   . ASN A 1 63  ? -2.177  17.033  6.810   1.00 10.29 ? 110 ASN E O   1 
ATOM   444  C CB  . ASN A 1 63  ? -4.142  17.898  8.634   1.00 13.55 ? 110 ASN E CB  1 
ATOM   445  C CG  . ASN A 1 63  ? -2.951  18.399  9.479   1.00 10.53 ? 110 ASN E CG  1 
ATOM   446  O OD1 . ASN A 1 63  ? -2.427  19.446  9.109   1.00 11.07 ? 110 ASN E OD1 1 
ATOM   447  N ND2 . ASN A 1 63  ? -2.638  17.706  10.561  1.00 13.71 ? 110 ASN E ND2 1 
ATOM   448  N N   . PRO A 1 64  ? -2.243  19.001  5.714   1.00 8.43  ? 111 PRO E N   1 
ATOM   449  C CA  . PRO A 1 64  ? -0.959  18.817  5.041   1.00 10.22 ? 111 PRO E CA  1 
ATOM   450  C C   . PRO A 1 64  ? 0.203   18.587  6.001   1.00 10.41 ? 111 PRO E C   1 
ATOM   451  O O   . PRO A 1 64  ? 1.175   17.958  5.606   1.00 9.94  ? 111 PRO E O   1 
ATOM   452  C CB  . PRO A 1 64  ? -0.799  20.033  4.130   1.00 11.69 ? 111 PRO E CB  1 
ATOM   453  C CG  . PRO A 1 64  ? -1.924  20.937  4.448   1.00 13.35 ? 111 PRO E CG  1 
ATOM   454  C CD  . PRO A 1 64  ? -2.926  20.280  5.343   1.00 10.53 ? 111 PRO E CD  1 
ATOM   455  N N   . ALA A 1 65  ? 0.075   19.040  7.265   1.00 10.19 ? 112 ALA E N   1 
ATOM   456  C CA  . ALA A 1 65  ? 1.180   18.817  8.222   1.00 11.13 ? 112 ALA E CA  1 
ATOM   457  C C   . ALA A 1 65  ? 1.316   17.355  8.524   1.00 11.96 ? 112 ALA E C   1 
ATOM   458  O O   . ALA A 1 65  ? 2.397   16.953  9.027   1.00 12.75 ? 112 ALA E O   1 
ATOM   459  C CB  . ALA A 1 65  ? 0.918   19.579  9.521   1.00 11.86 ? 112 ALA E CB  1 
ATOM   460  N N   . ALA A 1 66  ? 0.258   16.574  8.279   1.00 10.20 ? 113 ALA E N   1 
ATOM   461  C CA  . ALA A 1 66  ? 0.251   15.136  8.541   1.00 11.52 ? 113 ALA E CA  1 
ATOM   462  C C   . ALA A 1 66  ? 0.952   14.287  7.487   1.00 11.73 ? 113 ALA E C   1 
ATOM   463  O O   . ALA A 1 66  ? 1.104   13.065  7.718   1.00 8.46  ? 113 ALA E O   1 
ATOM   464  C CB  . ALA A 1 66  ? -1.209  14.613  8.588   1.00 9.87  ? 113 ALA E CB  1 
ATOM   465  N N   . ALA A 1 67  ? 1.304   14.843  6.348   1.00 7.50  ? 114 ALA E N   1 
ATOM   466  C CA  . ALA A 1 67  ? 1.961   14.073  5.292   1.00 9.87  ? 114 ALA E CA  1 
ATOM   467  C C   . ALA A 1 67  ? 3.424   13.773  5.626   1.00 10.94 ? 114 ALA E C   1 
ATOM   468  O O   . ALA A 1 67  ? 4.369   14.386  5.122   1.00 9.66  ? 114 ALA E O   1 
ATOM   469  C CB  . ALA A 1 67  ? 1.811   14.789  3.942   1.00 5.47  ? 114 ALA E CB  1 
ATOM   470  N N   . ASP A 1 68  ? 3.602   12.774  6.460   1.00 8.58  ? 115 ASP E N   1 
ATOM   471  C CA  . ASP A 1 68  ? 4.922   12.280  6.915   1.00 6.52  ? 115 ASP E CA  1 
ATOM   472  C C   . ASP A 1 68  ? 5.596   11.397  5.885   1.00 5.67  ? 115 ASP E C   1 
ATOM   473  O O   . ASP A 1 68  ? 4.989   10.317  5.636   1.00 10.03 ? 115 ASP E O   1 
ATOM   474  C CB  . ASP A 1 68  ? 4.658   11.572  8.256   1.00 7.35  ? 115 ASP E CB  1 
ATOM   475  C CG  . ASP A 1 68  ? 5.948   11.211  8.977   1.00 11.49 ? 115 ASP E CG  1 
ATOM   476  O OD1 . ASP A 1 68  ? 7.057   11.369  8.426   1.00 10.17 ? 115 ASP E OD1 1 
ATOM   477  O OD2 . ASP A 1 68  ? 5.868   10.698  10.110  1.00 11.03 ? 115 ASP E OD2 1 
ATOM   478  N N   . GLY A 1 69  ? 6.673   11.759  5.274   1.00 4.40  ? 116 GLY E N   1 
ATOM   479  C CA  . GLY A 1 69  ? 7.376   10.992  4.244   1.00 6.26  ? 116 GLY E CA  1 
ATOM   480  C C   . GLY A 1 69  ? 8.233   9.837   4.726   1.00 3.98  ? 116 GLY E C   1 
ATOM   481  O O   . GLY A 1 69  ? 9.400   9.646   4.278   1.00 6.61  ? 116 GLY E O   1 
ATOM   482  N N   . ARG A 1 70  ? 7.660   9.040   5.583   1.00 8.74  ? 117 ARG E N   1 
ATOM   483  C CA  . ARG A 1 70  ? 8.304   7.860   6.179   1.00 7.09  ? 117 ARG E CA  1 
ATOM   484  C C   . ARG A 1 70  ? 7.315   6.711   6.287   1.00 11.44 ? 117 ARG E C   1 
ATOM   485  O O   . ARG A 1 70  ? 6.096   6.833   6.033   1.00 11.18 ? 117 ARG E O   1 
ATOM   486  C CB  . ARG A 1 70  ? 8.748   8.256   7.617   1.00 10.46 ? 117 ARG E CB  1 
ATOM   487  C CG  . ARG A 1 70  ? 9.588   9.560   7.625   1.00 5.48  ? 117 ARG E CG  1 
ATOM   488  C CD  . ARG A 1 70  ? 10.195  9.872   8.979   1.00 10.41 ? 117 ARG E CD  1 
ATOM   489  N NE  . ARG A 1 70  ? 9.168   10.228  9.938   1.00 6.66  ? 117 ARG E NE  1 
ATOM   490  C CZ  . ARG A 1 70  ? 9.154   10.312  11.245  1.00 13.63 ? 117 ARG E CZ  1 
ATOM   491  N NH1 . ARG A 1 70  ? 10.245  10.029  12.005  1.00 13.62 ? 117 ARG E NH1 1 
ATOM   492  N NH2 . ARG A 1 70  ? 8.087   10.698  11.943  1.00 8.72  ? 117 ARG E NH2 1 
ATOM   493  N N   . VAL A 1 71  ? 7.826   5.584   6.737   1.00 10.03 ? 118 VAL E N   1 
ATOM   494  C CA  . VAL A 1 71  ? 7.044   4.371   6.971   1.00 11.39 ? 118 VAL E CA  1 
ATOM   495  C C   . VAL A 1 71  ? 7.244   4.063   8.468   1.00 11.87 ? 118 VAL E C   1 
ATOM   496  O O   . VAL A 1 71  ? 8.430   4.081   8.881   1.00 9.01  ? 118 VAL E O   1 
ATOM   497  C CB  . VAL A 1 71  ? 7.468   3.222   6.053   1.00 9.33  ? 118 VAL E CB  1 
ATOM   498  C CG1 . VAL A 1 71  ? 6.748   1.907   6.420   1.00 9.07  ? 118 VAL E CG1 1 
ATOM   499  C CG2 . VAL A 1 71  ? 7.229   3.535   4.576   1.00 6.71  ? 118 VAL E CG2 1 
ATOM   500  N N   . TYR A 1 72  ? 6.170   3.794   9.155   1.00 9.34  ? 119 TYR E N   1 
ATOM   501  C CA  . TYR A 1 72  ? 6.248   3.465   10.596  1.00 13.19 ? 119 TYR E CA  1 
ATOM   502  C C   . TYR A 1 72  ? 6.664   2.002   10.753  1.00 11.16 ? 119 TYR E C   1 
ATOM   503  O O   . TYR A 1 72  ? 6.044   1.112   10.110  1.00 11.86 ? 119 TYR E O   1 
ATOM   504  C CB  . TYR A 1 72  ? 4.910   3.796   11.260  1.00 11.26 ? 119 TYR E CB  1 
ATOM   505  C CG  . TYR A 1 72  ? 4.978   3.514   12.747  1.00 15.24 ? 119 TYR E CG  1 
ATOM   506  C CD1 . TYR A 1 72  ? 6.021   4.101   13.493  1.00 18.42 ? 119 TYR E CD1 1 
ATOM   507  C CD2 . TYR A 1 72  ? 4.068   2.678   13.370  1.00 15.05 ? 119 TYR E CD2 1 
ATOM   508  C CE1 . TYR A 1 72  ? 6.103   3.826   14.866  1.00 16.56 ? 119 TYR E CE1 1 
ATOM   509  C CE2 . TYR A 1 72  ? 4.154   2.405   14.743  1.00 17.97 ? 119 TYR E CE2 1 
ATOM   510  C CZ  . TYR A 1 72  ? 5.167   2.990   15.485  1.00 18.67 ? 119 TYR E CZ  1 
ATOM   511  O OH  . TYR A 1 72  ? 5.231   2.737   16.820  1.00 20.37 ? 119 TYR E OH  1 
ATOM   512  N N   . LEU A 1 73  ? 7.669   1.730   11.579  1.00 15.11 ? 120 LEU E N   1 
ATOM   513  C CA  . LEU A 1 73  ? 8.183   0.384   11.771  1.00 15.35 ? 120 LEU E CA  1 
ATOM   514  C C   . LEU A 1 73  ? 7.533   -0.389  12.911  1.00 15.94 ? 120 LEU E C   1 
ATOM   515  O O   . LEU A 1 73  ? 7.943   -1.556  13.128  1.00 17.99 ? 120 LEU E O   1 
ATOM   516  C CB  . LEU A 1 73  ? 9.736   0.491   11.873  1.00 16.82 ? 120 LEU E CB  1 
ATOM   517  C CG  . LEU A 1 73  ? 10.356  1.155   10.653  1.00 13.35 ? 120 LEU E CG  1 
ATOM   518  C CD1 . LEU A 1 73  ? 11.849  1.375   10.851  1.00 9.59  ? 120 LEU E CD1 1 
ATOM   519  C CD2 . LEU A 1 73  ? 10.142  0.342   9.377   1.00 16.92 ? 120 LEU E CD2 1 
ATOM   520  N N   . TYR A 1 74  A 6.598   0.216   13.587  1.00 12.08 ? 120 TYR E N   1 
ATOM   521  C CA  . TYR A 1 74  A 5.863   -0.442  14.656  1.00 16.24 ? 120 TYR E CA  1 
ATOM   522  C C   . TYR A 1 74  A 6.739   -0.861  15.828  1.00 20.46 ? 120 TYR E C   1 
ATOM   523  O O   . TYR A 1 74  A 6.390   -1.858  16.489  1.00 20.46 ? 120 TYR E O   1 
ATOM   524  C CB  . TYR A 1 74  A 5.111   -1.679  14.026  1.00 13.86 ? 120 TYR E CB  1 
ATOM   525  C CG  . TYR A 1 74  A 3.828   -1.124  13.376  1.00 17.25 ? 120 TYR E CG  1 
ATOM   526  C CD1 . TYR A 1 74  A 2.735   -0.799  14.150  1.00 18.98 ? 120 TYR E CD1 1 
ATOM   527  C CD2 . TYR A 1 74  A 3.757   -0.928  11.992  1.00 18.36 ? 120 TYR E CD2 1 
ATOM   528  C CE1 . TYR A 1 74  A 1.551   -0.308  13.598  1.00 17.25 ? 120 TYR E CE1 1 
ATOM   529  C CE2 . TYR A 1 74  A 2.593   -0.407  11.426  1.00 7.14  ? 120 TYR E CE2 1 
ATOM   530  C CZ  . TYR A 1 74  A 1.507   -0.110  12.203  1.00 15.30 ? 120 TYR E CZ  1 
ATOM   531  O OH  . TYR A 1 74  A 0.376   0.400   11.642  1.00 18.51 ? 120 TYR E OH  1 
ATOM   532  N N   . ASN A 1 75  B 7.785   -0.082  16.041  1.00 22.37 ? 120 ASN E N   1 
ATOM   533  C CA  . ASN A 1 75  B 8.713   -0.316  17.191  1.00 23.47 ? 120 ASN E CA  1 
ATOM   534  C C   . ASN A 1 75  B 9.175   1.055   17.707  1.00 23.34 ? 120 ASN E C   1 
ATOM   535  O O   . ASN A 1 75  B 10.297  1.178   18.232  1.00 25.96 ? 120 ASN E O   1 
ATOM   536  C CB  . ASN A 1 75  B 9.899   -1.171  16.825  1.00 21.52 ? 120 ASN E CB  1 
ATOM   537  C CG  . ASN A 1 75  B 10.705  -0.481  15.706  1.00 24.62 ? 120 ASN E CG  1 
ATOM   538  O OD1 . ASN A 1 75  B 10.499  0.708   15.382  1.00 23.76 ? 120 ASN E OD1 1 
ATOM   539  N ND2 . ASN A 1 75  B 11.631  -1.282  15.152  1.00 30.64 ? 120 ASN E ND2 1 
ATOM   540  N N   . GLY A 1 76  C 8.359   2.052   17.508  1.00 22.65 ? 120 GLY E N   1 
ATOM   541  C CA  . GLY A 1 76  C 8.632   3.428   17.910  1.00 22.79 ? 120 GLY E CA  1 
ATOM   542  C C   . GLY A 1 76  C 9.552   4.200   16.981  1.00 23.59 ? 120 GLY E C   1 
ATOM   543  O O   . GLY A 1 76  C 9.840   5.394   17.273  1.00 25.23 ? 120 GLY E O   1 
ATOM   544  N N   . SER A 1 77  D 9.994   3.575   15.914  1.00 22.44 ? 120 SER E N   1 
ATOM   545  C CA  . SER A 1 77  D 10.884  4.147   14.915  1.00 20.38 ? 120 SER E CA  1 
ATOM   546  C C   . SER A 1 77  D 10.205  4.163   13.526  1.00 20.62 ? 120 SER E C   1 
ATOM   547  O O   . SER A 1 77  D 9.136   3.551   13.338  1.00 19.42 ? 120 SER E O   1 
ATOM   548  C CB  . SER A 1 77  D 12.181  3.331   14.851  1.00 26.12 ? 120 SER E CB  1 
ATOM   549  O OG  . SER A 1 77  D 13.200  4.228   14.366  1.00 41.33 ? 120 SER E OG  1 
ATOM   550  N N   . TYR A 1 78  ? 10.839  4.872   12.618  1.00 17.33 ? 121 TYR E N   1 
ATOM   551  C CA  . TYR A 1 78  ? 10.372  5.053   11.247  1.00 16.31 ? 121 TYR E CA  1 
ATOM   552  C C   . TYR A 1 78  ? 11.482  4.933   10.235  1.00 16.30 ? 121 TYR E C   1 
ATOM   553  O O   . TYR A 1 78  ? 12.647  5.250   10.548  1.00 17.30 ? 121 TYR E O   1 
ATOM   554  C CB  . TYR A 1 78  ? 9.826   6.501   11.038  1.00 12.05 ? 121 TYR E CB  1 
ATOM   555  C CG  . TYR A 1 78  ? 8.644   6.889   11.866  1.00 13.83 ? 121 TYR E CG  1 
ATOM   556  C CD1 . TYR A 1 78  ? 8.818   7.182   13.245  1.00 10.76 ? 121 TYR E CD1 1 
ATOM   557  C CD2 . TYR A 1 78  ? 7.360   6.994   11.313  1.00 12.11 ? 121 TYR E CD2 1 
ATOM   558  C CE1 . TYR A 1 78  ? 7.727   7.523   14.015  1.00 8.57  ? 121 TYR E CE1 1 
ATOM   559  C CE2 . TYR A 1 78  ? 6.271   7.349   12.096  1.00 10.85 ? 121 TYR E CE2 1 
ATOM   560  C CZ  . TYR A 1 78  ? 6.469   7.632   13.448  1.00 13.58 ? 121 TYR E CZ  1 
ATOM   561  O OH  . TYR A 1 78  ? 5.388   7.987   14.213  1.00 11.45 ? 121 TYR E OH  1 
ATOM   562  N N   . GLN A 1 79  ? 11.110  4.533   9.035   1.00 11.01 ? 122 GLN E N   1 
ATOM   563  C CA  . GLN A 1 79  ? 12.053  4.415   7.917   1.00 9.17  ? 122 GLN E CA  1 
ATOM   564  C C   . GLN A 1 79  ? 11.795  5.616   7.001   1.00 11.92 ? 122 GLN E C   1 
ATOM   565  O O   . GLN A 1 79  ? 10.599  5.797   6.621   1.00 11.70 ? 122 GLN E O   1 
ATOM   566  C CB  . GLN A 1 79  ? 11.876  3.146   7.102   1.00 11.28 ? 122 GLN E CB  1 
ATOM   567  C CG  . GLN A 1 79  ? 12.602  3.130   5.781   1.00 11.68 ? 122 GLN E CG  1 
ATOM   568  C CD  . GLN A 1 79  ? 14.104  3.121   5.968   1.00 16.61 ? 122 GLN E CD  1 
ATOM   569  O OE1 . GLN A 1 79  ? 14.865  3.940   5.424   1.00 18.21 ? 122 GLN E OE1 1 
ATOM   570  N NE2 . GLN A 1 79  ? 14.468  2.088   6.721   1.00 14.22 ? 122 GLN E NE2 1 
ATOM   571  N N   . ASP A 1 80  ? 12.849  6.360   6.684   1.00 8.92  ? 123 ASP E N   1 
ATOM   572  C CA  . ASP A 1 80  ? 12.612  7.542   5.785   1.00 10.00 ? 123 ASP E CA  1 
ATOM   573  C C   . ASP A 1 80  ? 12.516  7.013   4.345   1.00 9.79  ? 123 ASP E C   1 
ATOM   574  O O   . ASP A 1 80  ? 13.302  6.123   3.940   1.00 11.15 ? 123 ASP E O   1 
ATOM   575  C CB  . ASP A 1 80  ? 13.706  8.588   5.963   1.00 14.15 ? 123 ASP E CB  1 
ATOM   576  C CG  . ASP A 1 80  ? 13.336  9.985   5.463   1.00 15.20 ? 123 ASP E CG  1 
ATOM   577  O OD1 . ASP A 1 80  ? 12.189  10.310  5.119   1.00 10.15 ? 123 ASP E OD1 1 
ATOM   578  O OD2 . ASP A 1 80  ? 14.306  10.805  5.385   1.00 15.28 ? 123 ASP E OD2 1 
ATOM   579  N N   . ILE A 1 81  ? 11.623  7.635   3.590   1.00 9.21  ? 124 ILE E N   1 
ATOM   580  C CA  . ILE A 1 81  ? 11.455  7.286   2.188   1.00 8.76  ? 124 ILE E CA  1 
ATOM   581  C C   . ILE A 1 81  ? 11.986  8.478   1.371   1.00 7.45  ? 124 ILE E C   1 
ATOM   582  O O   . ILE A 1 81  ? 11.610  9.627   1.709   1.00 10.20 ? 124 ILE E O   1 
ATOM   583  C CB  . ILE A 1 81  ? 9.964   7.008   1.823   1.00 7.24  ? 124 ILE E CB  1 
ATOM   584  C CG1 . ILE A 1 81  ? 9.438   5.801   2.648   1.00 15.21 ? 124 ILE E CG1 1 
ATOM   585  C CG2 . ILE A 1 81  ? 9.809   6.929   0.265   1.00 8.50  ? 124 ILE E CG2 1 
ATOM   586  C CD1 . ILE A 1 81  ? 10.156  4.452   2.359   1.00 10.49 ? 124 ILE E CD1 1 
ATOM   587  N N   . THR A 1 82  ? 12.758  8.172   0.370   1.00 10.51 ? 125 THR E N   1 
ATOM   588  C CA  . THR A 1 82  ? 13.275  9.247   -0.513  1.00 13.82 ? 125 THR E CA  1 
ATOM   589  C C   . THR A 1 82  ? 12.955  9.012   -1.966  1.00 14.34 ? 125 THR E C   1 
ATOM   590  O O   . THR A 1 82  ? 12.816  10.017  -2.742  1.00 14.45 ? 125 THR E O   1 
ATOM   591  C CB  . THR A 1 82  ? 14.802  9.505   -0.188  1.00 17.51 ? 125 THR E CB  1 
ATOM   592  O OG1 . THR A 1 82  ? 15.507  8.374   -0.747  1.00 21.55 ? 125 THR E OG1 1 
ATOM   593  C CG2 . THR A 1 82  ? 15.143  9.658   1.288   1.00 15.92 ? 125 THR E CG2 1 
ATOM   594  N N   . THR A 1 83  ? 12.812  7.741   -2.401  1.00 11.18 ? 126 THR E N   1 
ATOM   595  C CA  . THR A 1 83  ? 12.491  7.492   -3.818  1.00 10.49 ? 126 THR E CA  1 
ATOM   596  C C   . THR A 1 83  ? 11.509  6.341   -4.036  1.00 10.71 ? 126 THR E C   1 
ATOM   597  O O   . THR A 1 83  ? 11.146  5.696   -3.044  1.00 8.50  ? 126 THR E O   1 
ATOM   598  C CB  . THR A 1 83  ? 13.887  7.221   -4.538  1.00 14.27 ? 126 THR E CB  1 
ATOM   599  O OG1 . THR A 1 83  ? 13.563  7.476   -5.942  1.00 27.03 ? 126 THR E OG1 1 
ATOM   600  C CG2 . THR A 1 83  ? 14.469  5.852   -4.230  1.00 9.88  ? 126 THR E CG2 1 
ATOM   601  N N   . ALA A 1 84  ? 11.128  6.144   -5.287  1.00 7.47  ? 127 ALA E N   1 
ATOM   602  C CA  . ALA A 1 84  ? 10.208  5.013   -5.653  1.00 11.68 ? 127 ALA E CA  1 
ATOM   603  C C   . ALA A 1 84  ? 11.009  4.135   -6.589  1.00 11.09 ? 127 ALA E C   1 
ATOM   604  O O   . ALA A 1 84  ? 11.818  4.730   -7.372  1.00 13.73 ? 127 ALA E O   1 
ATOM   605  C CB  . ALA A 1 84  ? 8.887   5.465   -6.301  1.00 7.34  ? 127 ALA E CB  1 
ATOM   606  N N   . GLY A 1 85  ? 10.859  2.805   -6.579  1.00 11.65 ? 128 GLY E N   1 
ATOM   607  C CA  . GLY A 1 85  ? 11.615  1.990   -7.527  1.00 10.11 ? 128 GLY E CA  1 
ATOM   608  C C   . GLY A 1 85  ? 10.791  0.815   -7.985  1.00 10.98 ? 128 GLY E C   1 
ATOM   609  O O   . GLY A 1 85  ? 9.611   0.761   -7.588  1.00 12.35 ? 128 GLY E O   1 
ATOM   610  N N   . ASN A 1 86  ? 11.431  -0.071  -8.745  1.00 9.73  ? 129 ASN E N   1 
ATOM   611  C CA  . ASN A 1 86  ? 10.734  -1.279  -9.233  1.00 12.57 ? 129 ASN E CA  1 
ATOM   612  C C   . ASN A 1 86  ? 11.344  -2.470  -8.466  1.00 12.28 ? 129 ASN E C   1 
ATOM   613  O O   . ASN A 1 86  ? 12.557  -2.378  -8.321  1.00 16.13 ? 129 ASN E O   1 
ATOM   614  C CB  . ASN A 1 86  ? 10.920  -1.471  -10.724 1.00 12.93 ? 129 ASN E CB  1 
ATOM   615  C CG  . ASN A 1 86  ? 10.221  -0.313  -11.474 1.00 19.16 ? 129 ASN E CG  1 
ATOM   616  O OD1 . ASN A 1 86  ? 8.996   -0.183  -11.341 1.00 16.27 ? 129 ASN E OD1 1 
ATOM   617  N ND2 . ASN A 1 86  ? 11.043  0.463   -12.142 1.00 23.94 ? 129 ASN E ND2 1 
ATOM   618  N N   . ALA A 1 87  ? 10.503  -3.397  -8.113  1.00 12.52 ? 130 ALA E N   1 
ATOM   619  C CA  . ALA A 1 87  ? 10.964  -4.599  -7.381  1.00 12.79 ? 130 ALA E CA  1 
ATOM   620  C C   . ALA A 1 87  ? 11.653  -5.568  -8.323  1.00 14.45 ? 130 ALA E C   1 
ATOM   621  O O   . ALA A 1 87  ? 11.424  -5.545  -9.544  1.00 11.44 ? 130 ALA E O   1 
ATOM   622  C CB  . ALA A 1 87  ? 9.717   -5.207  -6.722  1.00 15.03 ? 130 ALA E CB  1 
ATOM   623  N N   . PHE A 1 88  ? 12.507  -6.435  -7.741  1.00 14.11 ? 131 PHE E N   1 
ATOM   624  C CA  . PHE A 1 88  ? 13.213  -7.445  -8.560  1.00 10.02 ? 131 PHE E CA  1 
ATOM   625  C C   . PHE A 1 88  ? 13.096  -8.758  -7.781  1.00 9.63  ? 131 PHE E C   1 
ATOM   626  O O   . PHE A 1 88  ? 13.004  -8.732  -6.552  1.00 10.05 ? 131 PHE E O   1 
ATOM   627  C CB  . PHE A 1 88  ? 14.643  -7.033  -8.918  1.00 9.36  ? 131 PHE E CB  1 
ATOM   628  C CG  . PHE A 1 88  ? 15.566  -6.737  -7.783  1.00 9.52  ? 131 PHE E CG  1 
ATOM   629  C CD1 . PHE A 1 88  ? 15.762  -5.438  -7.334  1.00 11.26 ? 131 PHE E CD1 1 
ATOM   630  C CD2 . PHE A 1 88  ? 16.243  -7.782  -7.142  1.00 11.74 ? 131 PHE E CD2 1 
ATOM   631  C CE1 . PHE A 1 88  ? 16.622  -5.139  -6.274  1.00 9.88  ? 131 PHE E CE1 1 
ATOM   632  C CE2 . PHE A 1 88  ? 17.111  -7.514  -6.073  1.00 14.07 ? 131 PHE E CE2 1 
ATOM   633  C CZ  . PHE A 1 88  ? 17.325  -6.186  -5.664  1.00 10.02 ? 131 PHE E CZ  1 
ATOM   634  N N   . VAL A 1 89  ? 13.020  -9.821  -8.564  1.00 12.21 ? 132 VAL E N   1 
ATOM   635  C CA  . VAL A 1 89  ? 12.878  -11.183 -7.939  1.00 9.98  ? 132 VAL E CA  1 
ATOM   636  C C   . VAL A 1 89  ? 14.134  -11.426 -7.096  1.00 10.53 ? 132 VAL E C   1 
ATOM   637  O O   . VAL A 1 89  ? 15.242  -11.251 -7.590  1.00 10.73 ? 132 VAL E O   1 
ATOM   638  C CB  . VAL A 1 89  ? 12.647  -12.202 -9.043  1.00 13.39 ? 132 VAL E CB  1 
ATOM   639  C CG1 . VAL A 1 89  ? 12.839  -13.623 -8.508  1.00 17.18 ? 132 VAL E CG1 1 
ATOM   640  C CG2 . VAL A 1 89  ? 11.267  -12.050 -9.725  1.00 9.74  ? 132 VAL E CG2 1 
ATOM   641  N N   . GLY A 1 90  ? 13.917  -11.796 -5.863  1.00 13.63 ? 133 GLY E N   1 
ATOM   642  C CA  . GLY A 1 90  ? 14.922  -12.092 -4.857  1.00 12.39 ? 133 GLY E CA  1 
ATOM   643  C C   . GLY A 1 90  ? 15.225  -10.883 -3.969  1.00 14.58 ? 133 GLY E C   1 
ATOM   644  O O   . GLY A 1 90  ? 16.116  -11.008 -3.095  1.00 14.87 ? 133 GLY E O   1 
ATOM   645  N N   . GLN A 1 91  ? 14.538  -9.765  -4.191  1.00 8.95  ? 134 GLN E N   1 
ATOM   646  C CA  . GLN A 1 91  ? 14.814  -8.586  -3.358  1.00 5.11  ? 134 GLN E CA  1 
ATOM   647  C C   . GLN A 1 91  ? 14.286  -8.762  -1.959  1.00 9.52  ? 134 GLN E C   1 
ATOM   648  O O   . GLN A 1 91  ? 13.175  -9.243  -1.749  1.00 12.10 ? 134 GLN E O   1 
ATOM   649  C CB  . GLN A 1 91  ? 14.149  -7.391  -4.038  1.00 7.86  ? 134 GLN E CB  1 
ATOM   650  C CG  . GLN A 1 91  ? 14.453  -6.071  -3.347  1.00 3.79  ? 134 GLN E CG  1 
ATOM   651  C CD  . GLN A 1 91  ? 13.861  -4.943  -4.200  1.00 11.46 ? 134 GLN E CD  1 
ATOM   652  O OE1 . GLN A 1 91  ? 12.890  -5.227  -4.910  1.00 13.88 ? 134 GLN E OE1 1 
ATOM   653  N NE2 . GLN A 1 91  ? 14.431  -3.757  -4.129  1.00 14.52 ? 134 GLN E NE2 1 
ATOM   654  N N   . ALA A 1 92  ? 15.086  -8.370  -0.997  1.00 10.48 ? 135 ALA E N   1 
ATOM   655  C CA  . ALA A 1 92  ? 14.765  -8.391  0.449   1.00 10.20 ? 135 ALA E CA  1 
ATOM   656  C C   . ALA A 1 92  ? 13.824  -7.190  0.640   1.00 13.53 ? 135 ALA E C   1 
ATOM   657  O O   . ALA A 1 92  ? 14.263  -6.071  0.273   1.00 12.30 ? 135 ALA E O   1 
ATOM   658  C CB  . ALA A 1 92  ? 16.078  -8.254  1.218   1.00 7.76  ? 135 ALA E CB  1 
ATOM   659  N N   . VAL A 1 93  ? 12.611  -7.389  1.131   1.00 9.36  ? 136 VAL E N   1 
ATOM   660  C CA  . VAL A 1 93  ? 11.667  -6.281  1.331   1.00 10.07 ? 136 VAL E CA  1 
ATOM   661  C C   . VAL A 1 93  ? 11.000  -6.360  2.707   1.00 8.74  ? 136 VAL E C   1 
ATOM   662  O O   . VAL A 1 93  ? 11.082  -7.359  3.451   1.00 10.87 ? 136 VAL E O   1 
ATOM   663  C CB  . VAL A 1 93  ? 10.612  -6.309  0.190   1.00 10.85 ? 136 VAL E CB  1 
ATOM   664  C CG1 . VAL A 1 93  ? 11.219  -6.112  -1.197  1.00 6.01  ? 136 VAL E CG1 1 
ATOM   665  C CG2 . VAL A 1 93  ? 9.835   -7.606  0.257   1.00 5.38  ? 136 VAL E CG2 1 
ATOM   666  N N   . GLN A 1 94  ? 10.325  -5.300  3.059   1.00 5.32  ? 137 GLN E N   1 
ATOM   667  C CA  . GLN A 1 94  ? 9.573   -5.169  4.310   1.00 7.67  ? 137 GLN E CA  1 
ATOM   668  C C   . GLN A 1 94  ? 8.196   -4.609  3.942   1.00 9.62  ? 137 GLN E C   1 
ATOM   669  O O   . GLN A 1 94  ? 8.095   -3.905  2.910   1.00 8.57  ? 137 GLN E O   1 
ATOM   670  C CB  . GLN A 1 94  ? 10.298  -4.265  5.292   1.00 15.90 ? 137 GLN E CB  1 
ATOM   671  C CG  . GLN A 1 94  ? 11.595  -4.938  5.749   1.00 15.58 ? 137 GLN E CG  1 
ATOM   672  C CD  . GLN A 1 94  ? 12.245  -4.042  6.793   1.00 20.60 ? 137 GLN E CD  1 
ATOM   673  O OE1 . GLN A 1 94  ? 12.644  -2.920  6.483   1.00 24.62 ? 137 GLN E OE1 1 
ATOM   674  N NE2 . GLN A 1 94  ? 12.297  -4.544  8.014   1.00 21.74 ? 137 GLN E NE2 1 
ATOM   675  N N   . ARG A 1 95  ? 7.236   -4.964  4.776   1.00 8.25  ? 138 ARG E N   1 
ATOM   676  C CA  . ARG A 1 95  ? 5.848   -4.491  4.558   1.00 9.56  ? 138 ARG E CA  1 
ATOM   677  C C   . ARG A 1 95  ? 5.420   -3.971  5.890   1.00 8.01  ? 138 ARG E C   1 
ATOM   678  O O   . ARG A 1 95  ? 5.796   -4.594  6.896   1.00 13.44 ? 138 ARG E O   1 
ATOM   679  C CB  . ARG A 1 95  ? 4.977   -5.675  4.082   1.00 6.08  ? 138 ARG E CB  1 
ATOM   680  C CG  . ARG A 1 95  ? 3.507   -5.222  3.945   1.00 13.14 ? 138 ARG E CG  1 
ATOM   681  C CD  . ARG A 1 95  ? 2.591   -6.406  3.941   1.00 14.49 ? 138 ARG E CD  1 
ATOM   682  N NE  . ARG A 1 95  ? 2.675   -7.135  5.183   1.00 16.80 ? 138 ARG E NE  1 
ATOM   683  C CZ  . ARG A 1 95  ? 2.409   -6.821  6.430   1.00 12.81 ? 138 ARG E CZ  1 
ATOM   684  N NH1 . ARG A 1 95  ? 2.049   -5.630  6.883   1.00 13.02 ? 138 ARG E NH1 1 
ATOM   685  N NH2 . ARG A 1 95  ? 2.448   -7.864  7.320   1.00 14.14 ? 138 ARG E NH2 1 
ATOM   686  N N   . SER A 1 96  ? 4.704   -2.871  5.943   1.00 9.04  ? 139 SER E N   1 
ATOM   687  C CA  . SER A 1 96  ? 4.202   -2.251  7.162   1.00 5.38  ? 139 SER E CA  1 
ATOM   688  C C   . SER A 1 96  ? 2.674   -2.147  6.982   1.00 10.03 ? 139 SER E C   1 
ATOM   689  O O   . SER A 1 96  ? 2.218   -1.701  5.888   1.00 5.00  ? 139 SER E O   1 
ATOM   690  C CB  . SER A 1 96  ? 4.760   -0.843  7.427   1.00 6.59  ? 139 SER E CB  1 
ATOM   691  O OG  . SER A 1 96  ? 4.304   -0.365  8.689   1.00 10.04 ? 139 SER E OG  1 
ATOM   692  N N   . GLY A 1 97  ? 1.953   -2.564  8.020   1.00 9.67  ? 140 GLY E N   1 
ATOM   693  C CA  . GLY A 1 97  ? 0.466   -2.507  7.901   1.00 11.80 ? 140 GLY E CA  1 
ATOM   694  C C   . GLY A 1 97  ? -0.145  -2.464  9.286   1.00 7.73  ? 140 GLY E C   1 
ATOM   695  O O   . GLY A 1 97  ? 0.501   -2.963  10.225  1.00 11.91 ? 140 GLY E O   1 
ATOM   696  N N   . SER A 1 98  ? -1.336  -1.919  9.380   1.00 9.56  ? 141 SER E N   1 
ATOM   697  C CA  . SER A 1 98  ? -2.028  -1.745  10.656  1.00 11.73 ? 141 SER E CA  1 
ATOM   698  C C   . SER A 1 98  ? -2.525  -3.006  11.329  1.00 14.70 ? 141 SER E C   1 
ATOM   699  O O   . SER A 1 98  ? -2.876  -2.803  12.510  1.00 13.00 ? 141 SER E O   1 
ATOM   700  C CB  . SER A 1 98  ? -3.086  -0.659  10.572  1.00 17.07 ? 141 SER E CB  1 
ATOM   701  O OG  . SER A 1 98  ? -4.117  -0.837  9.643   1.00 16.79 ? 141 SER E OG  1 
ATOM   702  N N   . THR A 1 99  ? -2.536  -4.158  10.701  1.00 13.12 ? 142 THR E N   1 
ATOM   703  C CA  . THR A 1 99  ? -3.034  -5.340  11.441  1.00 16.72 ? 142 THR E CA  1 
ATOM   704  C C   . THR A 1 99  ? -1.860  -6.091  12.057  1.00 15.92 ? 142 THR E C   1 
ATOM   705  O O   . THR A 1 99  ? -1.793  -6.309  13.284  1.00 18.80 ? 142 THR E O   1 
ATOM   706  C CB  . THR A 1 99  ? -3.890  -6.274  10.528  1.00 16.36 ? 142 THR E CB  1 
ATOM   707  O OG1 . THR A 1 99  ? -5.077  -5.519  10.257  1.00 11.83 ? 142 THR E OG1 1 
ATOM   708  C CG2 . THR A 1 99  ? -4.226  -7.579  11.281  1.00 18.79 ? 142 THR E CG2 1 
ATOM   709  N N   . THR A 1 100 ? -0.937  -6.439  11.207  1.00 15.98 ? 143 THR E N   1 
ATOM   710  C CA  . THR A 1 100 ? 0.263   -7.214  11.580  1.00 12.94 ? 143 THR E CA  1 
ATOM   711  C C   . THR A 1 100 ? 1.519   -6.417  11.788  1.00 14.36 ? 143 THR E C   1 
ATOM   712  O O   . THR A 1 100 ? 2.520   -7.077  12.202  1.00 15.44 ? 143 THR E O   1 
ATOM   713  C CB  . THR A 1 100 ? 0.470   -8.338  10.504  1.00 14.05 ? 143 THR E CB  1 
ATOM   714  O OG1 . THR A 1 100 ? 0.601   -7.637  9.223   1.00 16.49 ? 143 THR E OG1 1 
ATOM   715  C CG2 . THR A 1 100 ? -0.695  -9.306  10.503  1.00 8.99  ? 143 THR E CG2 1 
ATOM   716  N N   . GLY A 1 101 ? 1.471   -5.117  11.590  1.00 12.96 ? 156 GLY E N   1 
ATOM   717  C CA  . GLY A 1 101 ? 2.698   -4.305  11.834  1.00 14.49 ? 156 GLY E CA  1 
ATOM   718  C C   . GLY A 1 101 ? 3.742   -4.449  10.757  1.00 11.78 ? 156 GLY E C   1 
ATOM   719  O O   . GLY A 1 101 ? 3.417   -4.295  9.550   1.00 15.54 ? 156 GLY E O   1 
ATOM   720  N N   . LEU A 1 102 ? 4.996   -4.712  11.148  1.00 12.89 ? 157 LEU E N   1 
ATOM   721  C CA  . LEU A 1 102 ? 6.092   -4.843  10.177  1.00 12.92 ? 157 LEU E CA  1 
ATOM   722  C C   . LEU A 1 102 ? 6.503   -6.282  9.979   1.00 15.97 ? 157 LEU E C   1 
ATOM   723  O O   . LEU A 1 102 ? 6.647   -7.036  10.990  1.00 20.80 ? 157 LEU E O   1 
ATOM   724  C CB  . LEU A 1 102 ? 7.233   -3.874  10.639  1.00 17.46 ? 157 LEU E CB  1 
ATOM   725  C CG  . LEU A 1 102 ? 8.465   -3.986  9.727   1.00 20.38 ? 157 LEU E CG  1 
ATOM   726  C CD1 . LEU A 1 102 ? 8.268   -3.267  8.406   1.00 17.63 ? 157 LEU E CD1 1 
ATOM   727  C CD2 . LEU A 1 102 ? 9.647   -3.451  10.510  1.00 26.73 ? 157 LEU E CD2 1 
ATOM   728  N N   . ARG A 1 103 ? 6.662   -6.744  8.770   1.00 12.27 ? 158 ARG E N   1 
ATOM   729  C CA  . ARG A 1 103 ? 7.083   -8.092  8.393   1.00 13.02 ? 158 ARG E CA  1 
ATOM   730  C C   . ARG A 1 103 ? 8.061   -8.019  7.231   1.00 14.66 ? 158 ARG E C   1 
ATOM   731  O O   . ARG A 1 103 ? 8.043   -7.018  6.459   1.00 17.32 ? 158 ARG E O   1 
ATOM   732  C CB  . ARG A 1 103 ? 5.900   -9.031  8.055   1.00 15.76 ? 158 ARG E CB  1 
ATOM   733  C CG  . ARG A 1 103 ? 4.902   -9.101  9.199   1.00 15.15 ? 158 ARG E CG  1 
ATOM   734  C CD  . ARG A 1 103 ? 5.335   -10.007 10.327  1.00 20.21 ? 158 ARG E CD  1 
ATOM   735  N NE  . ARG A 1 103 ? 4.496   -9.608  11.501  1.00 30.24 ? 158 ARG E NE  1 
ATOM   736  C CZ  . ARG A 1 103 ? 4.032   -10.589 12.298  1.00 31.08 ? 158 ARG E CZ  1 
ATOM   737  N NH1 . ARG A 1 103 ? 4.519   -11.831 12.199  1.00 28.98 ? 158 ARG E NH1 1 
ATOM   738  N NH2 . ARG A 1 103 ? 3.050   -10.298 13.142  1.00 30.90 ? 158 ARG E NH2 1 
ATOM   739  N N   . SER A 1 104 ? 8.898   -9.038  7.113   1.00 12.35 ? 159 SER E N   1 
ATOM   740  C CA  . SER A 1 104 ? 9.890   -9.042  6.010   1.00 12.69 ? 159 SER E CA  1 
ATOM   741  C C   . SER A 1 104 ? 9.836   -10.346 5.239   1.00 16.49 ? 159 SER E C   1 
ATOM   742  O O   . SER A 1 104 ? 9.237   -11.338 5.682   1.00 18.18 ? 159 SER E O   1 
ATOM   743  C CB  . SER A 1 104 ? 11.284  -8.726  6.511   1.00 24.72 ? 159 SER E CB  1 
ATOM   744  O OG  . SER A 1 104 ? 11.609  -9.582  7.566   1.00 29.23 ? 159 SER E OG  1 
ATOM   745  N N   . GLY A 1 105 ? 10.458  -10.294 4.075   1.00 10.26 ? 160 GLY E N   1 
ATOM   746  C CA  . GLY A 1 105 ? 10.492  -11.468 3.185   1.00 14.39 ? 160 GLY E CA  1 
ATOM   747  C C   . GLY A 1 105 ? 11.193  -11.057 1.897   1.00 14.90 ? 160 GLY E C   1 
ATOM   748  O O   . GLY A 1 105 ? 12.111  -10.204 1.939   1.00 13.14 ? 160 GLY E O   1 
ATOM   749  N N   . SER A 1 106 ? 10.763  -11.696 0.821   1.00 12.65 ? 161 SER E N   1 
ATOM   750  C CA  . SER A 1 106 ? 11.408  -11.360 -0.470  1.00 14.78 ? 161 SER E CA  1 
ATOM   751  C C   . SER A 1 106 ? 10.394  -11.553 -1.573  1.00 16.07 ? 161 SER E C   1 
ATOM   752  O O   . SER A 1 106 ? 9.371   -12.214 -1.415  1.00 11.99 ? 161 SER E O   1 
ATOM   753  C CB  . SER A 1 106 ? 12.711  -12.114 -0.633  1.00 22.17 ? 161 SER E CB  1 
ATOM   754  O OG  . SER A 1 106 ? 12.499  -13.476 -0.687  1.00 26.08 ? 161 SER E OG  1 
ATOM   755  N N   . VAL A 1 107 ? 10.746  -10.888 -2.683  1.00 14.68 ? 162 VAL E N   1 
ATOM   756  C CA  . VAL A 1 107 ? 9.935   -10.913 -3.877  1.00 12.42 ? 162 VAL E CA  1 
ATOM   757  C C   . VAL A 1 107 ? 10.179  -12.233 -4.591  1.00 14.28 ? 162 VAL E C   1 
ATOM   758  O O   . VAL A 1 107 ? 11.356  -12.567 -4.853  1.00 17.02 ? 162 VAL E O   1 
ATOM   759  C CB  . VAL A 1 107 ? 10.305  -9.711  -4.774  1.00 9.97  ? 162 VAL E CB  1 
ATOM   760  C CG1 . VAL A 1 107 ? 9.485   -9.851  -6.047  1.00 12.43 ? 162 VAL E CG1 1 
ATOM   761  C CG2 . VAL A 1 107 ? 10.158  -8.436  -3.986  1.00 8.91  ? 162 VAL E CG2 1 
ATOM   762  N N   . THR A 1 108 ? 9.093   -12.915 -4.874  1.00 12.92 ? 163 THR E N   1 
ATOM   763  C CA  . THR A 1 108 ? 9.179   -14.225 -5.550  1.00 13.28 ? 163 THR E CA  1 
ATOM   764  C C   . THR A 1 108 ? 8.623   -14.197 -6.950  1.00 18.98 ? 163 THR E C   1 
ATOM   765  O O   . THR A 1 108 ? 8.856   -15.161 -7.732  1.00 16.90 ? 163 THR E O   1 
ATOM   766  C CB  . THR A 1 108 ? 8.510   -15.262 -4.585  1.00 14.18 ? 163 THR E CB  1 
ATOM   767  O OG1 . THR A 1 108 ? 7.155   -14.746 -4.361  1.00 17.65 ? 163 THR E OG1 1 
ATOM   768  C CG2 . THR A 1 108 ? 9.253   -15.473 -3.246  1.00 14.05 ? 163 THR E CG2 1 
ATOM   769  N N   . GLY A 1 109 ? 7.942   -13.128 -7.353  1.00 15.94 ? 164 GLY E N   1 
ATOM   770  C CA  . GLY A 1 109 ? 7.395   -13.077 -8.736  1.00 17.12 ? 164 GLY E CA  1 
ATOM   771  C C   . GLY A 1 109 ? 6.935   -11.676 -9.079  1.00 14.60 ? 164 GLY E C   1 
ATOM   772  O O   . GLY A 1 109 ? 6.706   -10.902 -8.141  1.00 17.01 ? 164 GLY E O   1 
ATOM   773  N N   . LEU A 1 110 ? 6.861   -11.385 -10.332 1.00 15.33 ? 165 LEU E N   1 
ATOM   774  C CA  . LEU A 1 110 ? 6.447   -10.088 -10.856 1.00 16.75 ? 165 LEU E CA  1 
ATOM   775  C C   . LEU A 1 110 ? 5.334   -10.282 -11.888 1.00 17.94 ? 165 LEU E C   1 
ATOM   776  O O   . LEU A 1 110 ? 5.191   -11.388 -12.455 1.00 22.89 ? 165 LEU E O   1 
ATOM   777  C CB  . LEU A 1 110 ? 7.669   -9.435  -11.486 1.00 13.72 ? 165 LEU E CB  1 
ATOM   778  C CG  . LEU A 1 110 ? 8.790   -9.092  -10.500 1.00 12.33 ? 165 LEU E CG  1 
ATOM   779  C CD1 . LEU A 1 110 ? 9.927   -8.457  -11.273 1.00 16.84 ? 165 LEU E CD1 1 
ATOM   780  C CD2 . LEU A 1 110 ? 8.199   -8.150  -9.443  1.00 12.82 ? 165 LEU E CD2 1 
ATOM   781  N N   . ASN A 1 111 ? 4.625   -9.210  -12.090 1.00 18.72 ? 166 ASN E N   1 
ATOM   782  C CA  . ASN A 1 111 ? 3.539   -9.248  -13.083 1.00 18.77 ? 166 ASN E CA  1 
ATOM   783  C C   . ASN A 1 111 ? 2.599   -10.427 -12.884 1.00 17.12 ? 166 ASN E C   1 
ATOM   784  O O   . ASN A 1 111 ? 2.170   -11.023 -13.902 1.00 17.37 ? 166 ASN E O   1 
ATOM   785  C CB  . ASN A 1 111 ? 4.208   -9.231  -14.467 1.00 28.01 ? 166 ASN E CB  1 
ATOM   786  C CG  . ASN A 1 111 ? 3.301   -8.473  -15.429 1.00 41.60 ? 166 ASN E CG  1 
ATOM   787  O OD1 . ASN A 1 111 ? 3.822   -7.592  -16.143 1.00 54.75 ? 166 ASN E OD1 1 
ATOM   788  N ND2 . ASN A 1 111 ? 1.992   -8.733  -15.488 1.00 43.53 ? 166 ASN E ND2 1 
ATOM   789  N N   . ALA A 1 112 ? 2.259   -10.739 -11.658 1.00 14.33 ? 167 ALA E N   1 
ATOM   790  C CA  . ALA A 1 112 ? 1.317   -11.855 -11.365 1.00 13.82 ? 167 ALA E CA  1 
ATOM   791  C C   . ALA A 1 112 ? -0.131  -11.429 -11.522 1.00 16.78 ? 167 ALA E C   1 
ATOM   792  O O   . ALA A 1 112 ? -0.507  -10.272 -11.177 1.00 16.45 ? 167 ALA E O   1 
ATOM   793  C CB  . ALA A 1 112 ? 1.623   -12.316 -9.937  1.00 18.20 ? 167 ALA E CB  1 
ATOM   794  N N   . THR A 1 113 ? -0.956  -12.315 -12.063 1.00 17.83 ? 168 THR E N   1 
ATOM   795  C CA  . THR A 1 113 ? -2.399  -12.094 -12.231 1.00 14.60 ? 168 THR E CA  1 
ATOM   796  C C   . THR A 1 113 ? -3.088  -12.660 -11.004 1.00 18.13 ? 168 THR E C   1 
ATOM   797  O O   . THR A 1 113 ? -2.816  -13.863 -10.665 1.00 20.30 ? 168 THR E O   1 
ATOM   798  C CB  . THR A 1 113 ? -2.977  -12.775 -13.519 1.00 13.76 ? 168 THR E CB  1 
ATOM   799  O OG1 . THR A 1 113 ? -2.280  -12.027 -14.561 1.00 17.21 ? 168 THR E OG1 1 
ATOM   800  C CG2 . THR A 1 113 ? -4.506  -12.721 -13.657 1.00 14.36 ? 168 THR E CG2 1 
ATOM   801  N N   . VAL A 1 114 ? -3.931  -11.866 -10.358 1.00 15.02 ? 169 VAL E N   1 
ATOM   802  C CA  . VAL A 1 114 ? -4.604  -12.319 -9.139  1.00 16.25 ? 169 VAL E CA  1 
ATOM   803  C C   . VAL A 1 114 ? -6.112  -12.213 -9.251  1.00 15.04 ? 169 VAL E C   1 
ATOM   804  O O   . VAL A 1 114 ? -6.692  -11.143 -9.447  1.00 15.84 ? 169 VAL E O   1 
ATOM   805  C CB  . VAL A 1 114 ? -4.110  -11.566 -7.890  1.00 17.49 ? 169 VAL E CB  1 
ATOM   806  C CG1 . VAL A 1 114 ? -4.669  -12.150 -6.590  1.00 18.95 ? 169 VAL E CG1 1 
ATOM   807  C CG2 . VAL A 1 114 ? -2.575  -11.482 -7.857  1.00 19.96 ? 169 VAL E CG2 1 
ATOM   808  N N   . ASN A 1 115 ? -6.697  -13.389 -9.106  1.00 18.75 ? 170 ASN E N   1 
ATOM   809  C CA  . ASN A 1 115 ? -8.154  -13.566 -9.147  1.00 14.90 ? 170 ASN E CA  1 
ATOM   810  C C   . ASN A 1 115 ? -8.698  -13.573 -7.728  1.00 16.87 ? 170 ASN E C   1 
ATOM   811  O O   . ASN A 1 115 ? -8.446  -14.499 -6.936  1.00 19.68 ? 170 ASN E O   1 
ATOM   812  C CB  . ASN A 1 115 ? -8.531  -14.820 -9.941  1.00 19.01 ? 170 ASN E CB  1 
ATOM   813  C CG  . ASN A 1 115 ? -10.026 -14.853 -10.183 1.00 17.36 ? 170 ASN E CG  1 
ATOM   814  O OD1 . ASN A 1 115 ? -10.874 -14.342 -9.439  1.00 22.97 ? 170 ASN E OD1 1 
ATOM   815  N ND2 . ASN A 1 115 ? -10.370 -15.470 -11.308 1.00 28.57 ? 170 ASN E ND2 1 
ATOM   816  N N   . TYR A 1 116 ? -9.442  -12.522 -7.420  1.00 13.12 ? 171 TYR E N   1 
ATOM   817  C CA  . TYR A 1 116 ? -10.081 -12.307 -6.129  1.00 15.70 ? 171 TYR E CA  1 
ATOM   818  C C   . TYR A 1 116 ? -11.570 -12.735 -6.177  1.00 15.37 ? 171 TYR E C   1 
ATOM   819  O O   . TYR A 1 116 ? -12.352 -12.294 -5.315  1.00 18.72 ? 171 TYR E O   1 
ATOM   820  C CB  . TYR A 1 116 ? -9.967  -10.858 -5.663  1.00 11.01 ? 171 TYR E CB  1 
ATOM   821  C CG  . TYR A 1 116 ? -8.597  -10.368 -5.275  1.00 17.75 ? 171 TYR E CG  1 
ATOM   822  C CD1 . TYR A 1 116 ? -8.160  -9.107  -5.713  1.00 16.39 ? 171 TYR E CD1 1 
ATOM   823  C CD2 . TYR A 1 116 ? -7.731  -11.111 -4.466  1.00 12.64 ? 171 TYR E CD2 1 
ATOM   824  C CE1 . TYR A 1 116 ? -6.911  -8.574  -5.352  1.00 11.37 ? 171 TYR E CE1 1 
ATOM   825  C CE2 . TYR A 1 116 ? -6.460  -10.612 -4.108  1.00 10.05 ? 171 TYR E CE2 1 
ATOM   826  C CZ  . TYR A 1 116 ? -6.077  -9.346  -4.550  1.00 11.74 ? 171 TYR E CZ  1 
ATOM   827  O OH  . TYR A 1 116 ? -4.844  -8.876  -4.186  1.00 12.00 ? 171 TYR E OH  1 
ATOM   828  N N   . GLY A 1 117 ? -11.877 -13.576 -7.149  1.00 16.84 ? 172 GLY E N   1 
ATOM   829  C CA  . GLY A 1 117 ? -13.281 -14.067 -7.235  1.00 17.17 ? 172 GLY E CA  1 
ATOM   830  C C   . GLY A 1 117 ? -14.295 -12.957 -7.432  1.00 17.41 ? 172 GLY E C   1 
ATOM   831  O O   . GLY A 1 117 ? -14.198 -12.194 -8.423  1.00 19.50 ? 172 GLY E O   1 
ATOM   832  N N   . SER A 1 118 ? -15.266 -12.857 -6.514  1.00 16.90 ? 173 SER E N   1 
ATOM   833  C CA  . SER A 1 118 ? -16.305 -11.826 -6.688  1.00 17.55 ? 173 SER E CA  1 
ATOM   834  C C   . SER A 1 118 ? -15.730 -10.410 -6.769  1.00 18.94 ? 173 SER E C   1 
ATOM   835  O O   . SER A 1 118 ? -16.406 -9.560  -7.412  1.00 16.80 ? 173 SER E O   1 
ATOM   836  C CB  . SER A 1 118 ? -17.440 -11.971 -5.683  1.00 16.89 ? 173 SER E CB  1 
ATOM   837  O OG  . SER A 1 118 ? -16.952 -12.043 -4.363  1.00 32.47 ? 173 SER E OG  1 
ATOM   838  N N   . SER A 1 119 ? -14.570 -10.178 -6.191  1.00 17.04 ? 174 SER E N   1 
ATOM   839  C CA  . SER A 1 119 ? -13.937 -8.848  -6.240  1.00 16.75 ? 174 SER E CA  1 
ATOM   840  C C   . SER A 1 119 ? -13.246 -8.530  -7.551  1.00 14.75 ? 174 SER E C   1 
ATOM   841  O O   . SER A 1 119 ? -12.865 -7.348  -7.759  1.00 17.07 ? 174 SER E O   1 
ATOM   842  C CB  . SER A 1 119 ? -12.966 -8.664  -5.064  1.00 13.92 ? 174 SER E CB  1 
ATOM   843  O OG  . SER A 1 119 ? -13.766 -8.573  -3.896  1.00 19.45 ? 174 SER E OG  1 
ATOM   844  N N   . GLY A 1 120 ? -13.051 -9.509  -8.406  1.00 15.01 ? 175 GLY E N   1 
ATOM   845  C CA  . GLY A 1 120 ? -12.409 -9.233  -9.716  1.00 12.46 ? 175 GLY E CA  1 
ATOM   846  C C   . GLY A 1 120 ? -10.959 -9.699  -9.761  1.00 8.75  ? 175 GLY E C   1 
ATOM   847  O O   . GLY A 1 120 ? -10.458 -10.312 -8.786  1.00 12.36 ? 175 GLY E O   1 
ATOM   848  N N   . ILE A 1 121 ? -10.367 -9.422  -10.888 1.00 6.82  ? 176 ILE E N   1 
ATOM   849  C CA  . ILE A 1 121 ? -8.974  -9.779  -11.186 1.00 9.67  ? 176 ILE E CA  1 
ATOM   850  C C   . ILE A 1 121 ? -8.118  -8.539  -11.294 1.00 8.90  ? 176 ILE E C   1 
ATOM   851  O O   . ILE A 1 121 ? -8.533  -7.479  -11.862 1.00 8.15  ? 176 ILE E O   1 
ATOM   852  C CB  . ILE A 1 121 ? -8.934  -10.597 -12.529 1.00 15.03 ? 176 ILE E CB  1 
ATOM   853  C CG1 . ILE A 1 121 ? -9.839  -11.862 -12.414 1.00 18.21 ? 176 ILE E CG1 1 
ATOM   854  C CG2 . ILE A 1 121 ? -7.525  -11.035 -12.983 1.00 12.51 ? 176 ILE E CG2 1 
ATOM   855  C CD1 . ILE A 1 121 ? -11.343 -11.527 -12.492 1.00 30.01 ? 176 ILE E CD1 1 
ATOM   856  N N   . VAL A 1 122 ? -6.932  -8.642  -10.709 1.00 11.15 ? 177 VAL E N   1 
ATOM   857  C CA  . VAL A 1 122 ? -5.894  -7.572  -10.783 1.00 12.23 ? 177 VAL E CA  1 
ATOM   858  C C   . VAL A 1 122 ? -4.727  -8.172  -11.564 1.00 12.06 ? 177 VAL E C   1 
ATOM   859  O O   . VAL A 1 122 ? -4.464  -9.390  -11.521 1.00 11.34 ? 177 VAL E O   1 
ATOM   860  C CB  . VAL A 1 122 ? -5.581  -7.028  -9.403  1.00 12.19 ? 177 VAL E CB  1 
ATOM   861  C CG1 . VAL A 1 122 ? -6.809  -6.502  -8.675  1.00 13.88 ? 177 VAL E CG1 1 
ATOM   862  C CG2 . VAL A 1 122 ? -4.922  -8.075  -8.519  1.00 12.94 ? 177 VAL E CG2 1 
ATOM   863  N N   . TYR A 1 123 ? -4.053  -7.399  -12.355 1.00 9.74  ? 178 TYR E N   1 
ATOM   864  C CA  . TYR A 1 123 ? -2.936  -7.757  -13.178 1.00 11.33 ? 178 TYR E CA  1 
ATOM   865  C C   . TYR A 1 123 ? -1.691  -6.922  -12.744 1.00 13.78 ? 178 TYR E C   1 
ATOM   866  O O   . TYR A 1 123 ? -1.814  -5.840  -12.180 1.00 12.29 ? 178 TYR E O   1 
ATOM   867  C CB  . TYR A 1 123 ? -3.184  -7.447  -14.674 1.00 11.75 ? 178 TYR E CB  1 
ATOM   868  C CG  . TYR A 1 123 ? -4.467  -8.084  -15.148 1.00 15.10 ? 178 TYR E CG  1 
ATOM   869  C CD1 . TYR A 1 123 ? -5.692  -7.403  -15.155 1.00 17.90 ? 178 TYR E CD1 1 
ATOM   870  C CD2 . TYR A 1 123 ? -4.442  -9.435  -15.543 1.00 20.19 ? 178 TYR E CD2 1 
ATOM   871  C CE1 . TYR A 1 123 ? -6.867  -8.028  -15.593 1.00 16.94 ? 178 TYR E CE1 1 
ATOM   872  C CE2 . TYR A 1 123 ? -5.604  -10.075 -15.981 1.00 18.97 ? 178 TYR E CE2 1 
ATOM   873  C CZ  . TYR A 1 123 ? -6.807  -9.371  -15.997 1.00 23.59 ? 178 TYR E CZ  1 
ATOM   874  O OH  . TYR A 1 123 ? -7.905  -10.074 -16.424 1.00 24.34 ? 178 TYR E OH  1 
ATOM   875  N N   . GLY A 1 124 ? -0.581  -7.516  -13.103 1.00 11.88 ? 179 GLY E N   1 
ATOM   876  C CA  . GLY A 1 124 ? 0.747   -6.970  -12.935 1.00 14.37 ? 179 GLY E CA  1 
ATOM   877  C C   . GLY A 1 124 ? 1.215   -6.749  -11.526 1.00 13.54 ? 179 GLY E C   1 
ATOM   878  O O   . GLY A 1 124 ? 1.934   -5.745  -11.322 1.00 13.91 ? 179 GLY E O   1 
ATOM   879  N N   . MET A 1 125 ? 0.842   -7.624  -10.641 1.00 11.25 ? 180 MET E N   1 
ATOM   880  C CA  . MET A 1 125 ? 1.180   -7.544  -9.228  1.00 11.91 ? 180 MET E CA  1 
ATOM   881  C C   . MET A 1 125 ? 2.522   -8.192  -8.885  1.00 12.99 ? 180 MET E C   1 
ATOM   882  O O   . MET A 1 125 ? 3.006   -9.167  -9.468  1.00 13.56 ? 180 MET E O   1 
ATOM   883  C CB  . MET A 1 125 ? 0.090   -8.184  -8.338  1.00 10.59 ? 180 MET E CB  1 
ATOM   884  C CG  . MET A 1 125 ? -1.294  -7.728  -8.788  1.00 13.51 ? 180 MET E CG  1 
ATOM   885  S SD  . MET A 1 125 ? -1.466  -5.926  -8.436  1.00 20.53 ? 180 MET E SD  1 
ATOM   886  C CE  . MET A 1 125 ? -2.214  -5.984  -6.842  1.00 11.21 ? 180 MET E CE  1 
ATOM   887  N N   . ILE A 1 126 ? 3.139   -7.550  -7.894  1.00 11.44 ? 181 ILE E N   1 
ATOM   888  C CA  . ILE A 1 126 ? 4.427   -8.014  -7.350  1.00 9.86  ? 181 ILE E CA  1 
ATOM   889  C C   . ILE A 1 126 ? 3.990   -9.152  -6.426  1.00 12.28 ? 181 ILE E C   1 
ATOM   890  O O   . ILE A 1 126 ? 2.975   -8.973  -5.736  1.00 11.81 ? 181 ILE E O   1 
ATOM   891  C CB  . ILE A 1 126 ? 5.168   -6.886  -6.539  1.00 6.25  ? 181 ILE E CB  1 
ATOM   892  C CG1 . ILE A 1 126 ? 5.552   -5.696  -7.432  1.00 9.98  ? 181 ILE E CG1 1 
ATOM   893  C CG2 . ILE A 1 126 ? 6.403   -7.396  -5.792  1.00 10.25 ? 181 ILE E CG2 1 
ATOM   894  C CD1 . ILE A 1 126 ? 5.892   -4.404  -6.552  1.00 12.95 ? 181 ILE E CD1 1 
ATOM   895  N N   . GLN A 1 127 ? 4.733   -10.245 -6.425  1.00 10.23 ? 182 GLN E N   1 
ATOM   896  C CA  . GLN A 1 127 ? 4.383   -11.363 -5.530  1.00 12.80 ? 182 GLN E CA  1 
ATOM   897  C C   . GLN A 1 127 ? 5.475   -11.553 -4.481  1.00 11.80 ? 182 GLN E C   1 
ATOM   898  O O   . GLN A 1 127 ? 6.674   -11.427 -4.860  1.00 14.52 ? 182 GLN E O   1 
ATOM   899  C CB  . GLN A 1 127 ? 4.181   -12.606 -6.405  1.00 15.85 ? 182 GLN E CB  1 
ATOM   900  C CG  . GLN A 1 127 ? 4.250   -13.806 -5.456  1.00 19.98 ? 182 GLN E CG  1 
ATOM   901  C CD  . GLN A 1 127 ? 3.766   -15.072 -6.110  1.00 27.48 ? 182 GLN E CD  1 
ATOM   902  O OE1 . GLN A 1 127 ? 3.717   -15.259 -7.313  1.00 29.10 ? 182 GLN E OE1 1 
ATOM   903  N NE2 . GLN A 1 127 ? 3.396   -16.002 -5.219  1.00 35.40 ? 182 GLN E NE2 1 
ATOM   904  N N   . THR A 1 128 ? 5.130   -11.792 -3.242  1.00 12.54 ? 183 THR E N   1 
ATOM   905  C CA  . THR A 1 128 ? 6.113   -11.973 -2.161  1.00 12.64 ? 183 THR E CA  1 
ATOM   906  C C   . THR A 1 128 ? 5.671   -13.101 -1.216  1.00 13.69 ? 183 THR E C   1 
ATOM   907  O O   . THR A 1 128 ? 4.508   -13.501 -1.242  1.00 15.55 ? 183 THR E O   1 
ATOM   908  C CB  . THR A 1 128 ? 6.460   -10.695 -1.288  1.00 6.33  ? 183 THR E CB  1 
ATOM   909  O OG1 . THR A 1 128 ? 5.414   -10.557 -0.301  1.00 14.37 ? 183 THR E OG1 1 
ATOM   910  C CG2 . THR A 1 128 ? 6.599   -9.433  -2.153  1.00 10.15 ? 183 THR E CG2 1 
ATOM   911  N N   . ASN A 1 129 ? 6.658   -13.510 -0.427  1.00 12.40 ? 184 ASN E N   1 
ATOM   912  C CA  . ASN A 1 129 ? 6.436   -14.558 0.589   1.00 15.36 ? 184 ASN E CA  1 
ATOM   913  C C   . ASN A 1 129 ? 6.260   -13.860 1.940   1.00 18.24 ? 184 ASN E C   1 
ATOM   914  O O   . ASN A 1 129 ? 6.505   -14.434 2.999   1.00 17.26 ? 184 ASN E O   1 
ATOM   915  C CB  . ASN A 1 129 ? 7.539   -15.622 0.537   1.00 18.06 ? 184 ASN E CB  1 
ATOM   916  C CG  . ASN A 1 129 ? 8.881   -15.044 0.986   1.00 19.14 ? 184 ASN E CG  1 
ATOM   917  O OD1 . ASN A 1 129 ? 8.941   -13.925 1.467   1.00 16.97 ? 184 ASN E OD1 1 
ATOM   918  N ND2 . ASN A 1 129 ? 9.952   -15.844 0.891   1.00 22.65 ? 184 ASN E ND2 1 
ATOM   919  N N   . VAL A 1 130 ? 5.802   -12.580 1.886   1.00 17.43 ? 190 VAL E N   1 
ATOM   920  C CA  . VAL A 1 130 ? 5.572   -11.867 3.160   1.00 16.65 ? 190 VAL E CA  1 
ATOM   921  C C   . VAL A 1 130 ? 4.114   -12.101 3.580   1.00 16.98 ? 190 VAL E C   1 
ATOM   922  O O   . VAL A 1 130 ? 3.227   -11.980 2.705   1.00 16.00 ? 190 VAL E O   1 
ATOM   923  C CB  . VAL A 1 130 ? 5.880   -10.364 3.078   1.00 12.37 ? 190 VAL E CB  1 
ATOM   924  C CG1 . VAL A 1 130 ? 5.694   -9.727  4.451   1.00 15.71 ? 190 VAL E CG1 1 
ATOM   925  C CG2 . VAL A 1 130 ? 7.202   -10.158 2.419   1.00 10.19 ? 190 VAL E CG2 1 
ATOM   926  N N   . CYS A 1 131 ? 3.927   -12.353 4.865   1.00 15.31 ? 191 CYS E N   1 
ATOM   927  C CA  . CYS A 1 131 ? 2.524   -12.551 5.335   1.00 17.28 ? 191 CYS E CA  1 
ATOM   928  C C   . CYS A 1 131 ? 1.821   -11.202 5.469   1.00 16.18 ? 191 CYS E C   1 
ATOM   929  O O   . CYS A 1 131 ? 2.470   -10.129 5.541   1.00 16.33 ? 191 CYS E O   1 
ATOM   930  C CB  . CYS A 1 131 ? 2.550   -13.371 6.632   1.00 14.80 ? 191 CYS E CB  1 
ATOM   931  S SG  . CYS A 1 131 ? 3.173   -12.410 8.052   1.00 17.17 ? 191 CYS E SG  1 
ATOM   932  N N   . ALA A 1 132 ? 0.474   -11.229 5.476   1.00 13.92 ? 192 ALA E N   1 
ATOM   933  C CA  . ALA A 1 132 ? -0.368  -10.059 5.687   1.00 14.27 ? 192 ALA E CA  1 
ATOM   934  C C   . ALA A 1 132 ? -1.747  -10.573 6.112   1.00 13.07 ? 192 ALA E C   1 
ATOM   935  O O   . ALA A 1 132 ? -2.042  -11.756 5.863   1.00 14.84 ? 192 ALA E O   1 
ATOM   936  C CB  . ALA A 1 132 ? -0.512  -9.087  4.494   1.00 14.38 ? 192 ALA E CB  1 
ATOM   937  N N   . GLN A 1 133 A -2.523  -9.698  6.685   1.00 12.52 ? 192 GLN E N   1 
ATOM   938  C CA  . GLN A 1 133 A -3.915  -10.035 7.119   1.00 13.68 ? 192 GLN E CA  1 
ATOM   939  C C   . GLN A 1 133 A -4.839  -8.895  6.775   1.00 11.72 ? 192 GLN E C   1 
ATOM   940  O O   . GLN A 1 133 A -4.379  -7.797  6.402   1.00 12.81 ? 192 GLN E O   1 
ATOM   941  C CB  . GLN A 1 133 A -3.872  -10.378 8.619   1.00 18.53 ? 192 GLN E CB  1 
ATOM   942  C CG  . GLN A 1 133 A -2.847  -11.469 8.898   1.00 21.68 ? 192 GLN E CG  1 
ATOM   943  C CD  . GLN A 1 133 A -2.713  -12.022 10.299  1.00 28.49 ? 192 GLN E CD  1 
ATOM   944  O OE1 . GLN A 1 133 A -1.966  -12.992 10.561  1.00 28.23 ? 192 GLN E OE1 1 
ATOM   945  N NE2 . GLN A 1 133 A -3.418  -11.446 11.254  1.00 17.35 ? 192 GLN E NE2 1 
ATOM   946  N N   . PRO A 1 134 B -6.146  -9.141  6.826   1.00 13.91 ? 192 PRO E N   1 
ATOM   947  C CA  . PRO A 1 134 B -7.175  -8.131  6.546   1.00 11.28 ? 192 PRO E CA  1 
ATOM   948  C C   . PRO A 1 134 B -6.854  -6.930  7.433   1.00 10.44 ? 192 PRO E C   1 
ATOM   949  O O   . PRO A 1 134 B -6.583  -7.072  8.646   1.00 10.92 ? 192 PRO E O   1 
ATOM   950  C CB  . PRO A 1 134 B -8.510  -8.800  6.918   1.00 12.11 ? 192 PRO E CB  1 
ATOM   951  C CG  . PRO A 1 134 B -8.184  -10.263 6.607   1.00 14.75 ? 192 PRO E CG  1 
ATOM   952  C CD  . PRO A 1 134 B -6.772  -10.446 7.199   1.00 13.84 ? 192 PRO E CD  1 
ATOM   953  N N   . GLY A 1 135 ? -6.902  -5.754  6.779   1.00 8.41  ? 193 GLY E N   1 
ATOM   954  C CA  . GLY A 1 135 ? -6.567  -4.498  7.449   1.00 11.68 ? 193 GLY E CA  1 
ATOM   955  C C   . GLY A 1 135 ? -5.199  -3.995  6.966   1.00 13.09 ? 193 GLY E C   1 
ATOM   956  O O   . GLY A 1 135 ? -4.952  -2.779  7.060   1.00 9.84  ? 193 GLY E O   1 
ATOM   957  N N   . ASP A 1 136 ? -4.349  -4.877  6.502   1.00 6.97  ? 194 ASP E N   1 
ATOM   958  C CA  . ASP A 1 136 ? -3.024  -4.529  6.026   1.00 11.69 ? 194 ASP E CA  1 
ATOM   959  C C   . ASP A 1 136 ? -3.033  -3.895  4.622   1.00 9.38  ? 194 ASP E C   1 
ATOM   960  O O   . ASP A 1 136 ? -2.006  -3.317  4.235   1.00 8.78  ? 194 ASP E O   1 
ATOM   961  C CB  . ASP A 1 136 ? -2.101  -5.766  6.034   1.00 11.25 ? 194 ASP E CB  1 
ATOM   962  C CG  . ASP A 1 136 ? -1.629  -6.148  7.447   1.00 14.00 ? 194 ASP E CG  1 
ATOM   963  O OD1 . ASP A 1 136 ? -1.219  -7.301  7.641   1.00 11.03 ? 194 ASP E OD1 1 
ATOM   964  O OD2 . ASP A 1 136 ? -1.667  -5.298  8.330   1.00 9.68  ? 194 ASP E OD2 1 
ATOM   965  N N   . SER A 1 137 ? -4.136  -4.033  3.911   1.00 12.56 ? 195 SER E N   1 
ATOM   966  C CA  . SER A 1 137 ? -4.225  -3.509  2.526   1.00 9.32  ? 195 SER E CA  1 
ATOM   967  C C   . SER A 1 137 ? -3.930  -1.979  2.463   1.00 5.26  ? 195 SER E C   1 
ATOM   968  O O   . SER A 1 137 ? -4.386  -1.300  3.386   1.00 6.87  ? 195 SER E O   1 
ATOM   969  C CB  . SER A 1 137 ? -5.594  -3.794  1.931   1.00 10.49 ? 195 SER E CB  1 
ATOM   970  O OG  . SER A 1 137 ? -5.754  -5.208  1.787   1.00 7.65  ? 195 SER E OG  1 
ATOM   971  N N   . GLY A 1 138 ? -3.266  -1.618  1.425   1.00 7.61  ? 196 GLY E N   1 
ATOM   972  C CA  . GLY A 1 138 ? -2.855  -0.246  1.097   1.00 6.08  ? 196 GLY E CA  1 
ATOM   973  C C   . GLY A 1 138 ? -1.494  0.095   1.681   1.00 11.02 ? 196 GLY E C   1 
ATOM   974  O O   . GLY A 1 138 ? -0.848  1.086   1.275   1.00 9.11  ? 196 GLY E O   1 
ATOM   975  N N   . GLY A 1 139 ? -1.069  -0.739  2.643   1.00 6.95  ? 197 GLY E N   1 
ATOM   976  C CA  . GLY A 1 139 ? 0.205   -0.475  3.363   1.00 10.97 ? 197 GLY E CA  1 
ATOM   977  C C   . GLY A 1 139 ? 1.445   -0.549  2.499   1.00 10.59 ? 197 GLY E C   1 
ATOM   978  O O   . GLY A 1 139 ? 1.498   -1.070  1.380   1.00 8.37  ? 197 GLY E O   1 
ATOM   979  N N   . SER A 1 140 ? 2.564   -0.077  3.022   1.00 4.47  ? 198 SER E N   1 
ATOM   980  C CA  . SER A 1 140 ? 3.825   0.036   2.344   1.00 5.40  ? 198 SER E CA  1 
ATOM   981  C C   . SER A 1 140 ? 4.662   -1.185  2.083   1.00 8.29  ? 198 SER E C   1 
ATOM   982  O O   . SER A 1 140 ? 4.883   -1.897  3.066   1.00 7.71  ? 198 SER E O   1 
ATOM   983  C CB  . SER A 1 140 ? 4.734   1.004   3.202   1.00 6.91  ? 198 SER E CB  1 
ATOM   984  O OG  . SER A 1 140 ? 3.883   1.953   3.896   1.00 6.89  ? 198 SER E OG  1 
ATOM   985  N N   . LEU A 1 141 ? 5.145   -1.320  0.854   1.00 5.95  ? 199 LEU E N   1 
ATOM   986  C CA  . LEU A 1 141 ? 6.081   -2.407  0.540   1.00 7.67  ? 199 LEU E CA  1 
ATOM   987  C C   . LEU A 1 141 ? 7.336   -1.517  0.202   1.00 11.76 ? 199 LEU E C   1 
ATOM   988  O O   . LEU A 1 141 ? 7.172   -0.656  -0.669  1.00 5.81  ? 199 LEU E O   1 
ATOM   989  C CB  . LEU A 1 141 ? 5.758   -3.356  -0.602  1.00 7.74  ? 199 LEU E CB  1 
ATOM   990  C CG  . LEU A 1 141 ? 6.797   -4.484  -0.696  1.00 10.49 ? 199 LEU E CG  1 
ATOM   991  C CD1 . LEU A 1 141 ? 6.500   -5.617  0.320   1.00 8.31  ? 199 LEU E CD1 1 
ATOM   992  C CD2 . LEU A 1 141 ? 6.783   -4.994  -2.109  1.00 10.30 ? 199 LEU E CD2 1 
ATOM   993  N N   . PHE A 1 142 ? 8.422   -1.779  0.885   1.00 7.51  ? 200 PHE E N   1 
ATOM   994  C CA  . PHE A 1 142 ? 9.621   -0.941  0.642   1.00 10.01 ? 200 PHE E CA  1 
ATOM   995  C C   . PHE A 1 142 ? 10.886  -1.749  0.902   1.00 8.16  ? 200 PHE E C   1 
ATOM   996  O O   . PHE A 1 142 ? 10.829  -2.842  1.494   1.00 10.45 ? 200 PHE E O   1 
ATOM   997  C CB  . PHE A 1 142 ? 9.567   0.285   1.596   1.00 6.85  ? 200 PHE E CB  1 
ATOM   998  C CG  . PHE A 1 142 ? 9.569   -0.063  3.052   1.00 12.96 ? 200 PHE E CG  1 
ATOM   999  C CD1 . PHE A 1 142 ? 10.757  0.109   3.795   1.00 11.84 ? 200 PHE E CD1 1 
ATOM   1000 C CD2 . PHE A 1 142 ? 8.429   -0.552  3.691   1.00 10.79 ? 200 PHE E CD2 1 
ATOM   1001 C CE1 . PHE A 1 142 ? 10.828  -0.221  5.151   1.00 14.13 ? 200 PHE E CE1 1 
ATOM   1002 C CE2 . PHE A 1 142 ? 8.451   -0.850  5.057   1.00 13.52 ? 200 PHE E CE2 1 
ATOM   1003 C CZ  . PHE A 1 142 ? 9.663   -0.670  5.766   1.00 13.10 ? 200 PHE E CZ  1 
ATOM   1004 N N   . ALA A 1 143 ? 11.988  -1.149  0.499   1.00 8.85  ? 201 ALA E N   1 
ATOM   1005 C CA  . ALA A 1 143 ? 13.340  -1.749  0.687   1.00 12.13 ? 201 ALA E CA  1 
ATOM   1006 C C   . ALA A 1 143 ? 14.221  -0.551  1.061   1.00 7.16  ? 201 ALA E C   1 
ATOM   1007 O O   . ALA A 1 143 ? 14.562  0.224   0.157   1.00 12.46 ? 201 ALA E O   1 
ATOM   1008 C CB  . ALA A 1 143 ? 13.759  -2.480  -0.576  1.00 15.05 ? 201 ALA E CB  1 
ATOM   1009 N N   . GLY A 1 144 ? 14.420  -0.408  2.347   1.00 10.24 ? 202 GLY E N   1 
ATOM   1010 C CA  . GLY A 1 144 ? 15.246  0.806   2.796   1.00 12.15 ? 202 GLY E CA  1 
ATOM   1011 C C   . GLY A 1 144 ? 14.381  2.050   2.506   1.00 9.90  ? 202 GLY E C   1 
ATOM   1012 O O   . GLY A 1 144 ? 13.157  2.071   2.816   1.00 12.24 ? 202 GLY E O   1 
ATOM   1013 N N   . SER A 1 145 ? 15.037  3.045   1.933   1.00 7.19  ? 207 SER E N   1 
ATOM   1014 C CA  . SER A 1 145 ? 14.348  4.323   1.634   1.00 9.79  ? 207 SER E CA  1 
ATOM   1015 C C   . SER A 1 145 ? 13.684  4.360   0.252   1.00 12.03 ? 207 SER E C   1 
ATOM   1016 O O   . SER A 1 145 ? 13.272  5.433   -0.212  1.00 10.50 ? 207 SER E O   1 
ATOM   1017 C CB  . SER A 1 145 ? 15.327  5.487   1.851   1.00 8.70  ? 207 SER E CB  1 
ATOM   1018 O OG  . SER A 1 145 ? 16.353  5.387   0.830   1.00 11.70 ? 207 SER E OG  1 
ATOM   1019 N N   . THR A 1 146 ? 13.570  3.170   -0.355  1.00 11.50 ? 208 THR E N   1 
ATOM   1020 C CA  . THR A 1 146 ? 12.938  3.040   -1.685  1.00 8.15  ? 208 THR E CA  1 
ATOM   1021 C C   . THR A 1 146 ? 11.530  2.406   -1.568  1.00 11.50 ? 208 THR E C   1 
ATOM   1022 O O   . THR A 1 146 ? 11.422  1.312   -1.012  1.00 6.63  ? 208 THR E O   1 
ATOM   1023 C CB  . THR A 1 146 ? 13.792  2.164   -2.692  1.00 17.07 ? 208 THR E CB  1 
ATOM   1024 O OG1 . THR A 1 146 ? 15.136  2.769   -2.734  1.00 14.25 ? 208 THR E OG1 1 
ATOM   1025 C CG2 . THR A 1 146 ? 12.980  2.036   -4.011  1.00 10.31 ? 208 THR E CG2 1 
ATOM   1026 N N   . ALA A 1 147 ? 10.527  3.140   -2.019  1.00 9.45  ? 209 ALA E N   1 
ATOM   1027 C CA  . ALA A 1 147 ? 9.131   2.725   -2.053  1.00 8.05  ? 209 ALA E CA  1 
ATOM   1028 C C   . ALA A 1 147 ? 8.930   1.772   -3.235  1.00 9.60  ? 209 ALA E C   1 
ATOM   1029 O O   . ALA A 1 147 ? 9.344   2.116   -4.398  1.00 9.66  ? 209 ALA E O   1 
ATOM   1030 C CB  . ALA A 1 147 ? 8.192   3.923   -2.278  1.00 8.16  ? 209 ALA E CB  1 
ATOM   1031 N N   . LEU A 1 148 ? 8.233   0.645   -3.009  1.00 5.58  ? 210 LEU E N   1 
ATOM   1032 C CA  . LEU A 1 148 ? 8.014   -0.302  -4.063  1.00 5.53  ? 210 LEU E CA  1 
ATOM   1033 C C   . LEU A 1 148 ? 6.550   -0.655  -4.372  1.00 4.05  ? 210 LEU E C   1 
ATOM   1034 O O   . LEU A 1 148 ? 6.315   -0.837  -5.573  1.00 8.74  ? 210 LEU E O   1 
ATOM   1035 C CB  . LEU A 1 148 ? 8.748   -1.624  -3.664  1.00 8.34  ? 210 LEU E CB  1 
ATOM   1036 C CG  . LEU A 1 148 ? 10.250  -1.493  -3.426  1.00 7.04  ? 210 LEU E CG  1 
ATOM   1037 C CD1 . LEU A 1 148 ? 10.750  -2.793  -2.777  1.00 7.20  ? 210 LEU E CD1 1 
ATOM   1038 C CD2 . LEU A 1 148 ? 10.971  -1.257  -4.734  1.00 9.39  ? 210 LEU E CD2 1 
ATOM   1039 N N   . GLY A 1 149 ? 5.740   -0.742  -3.360  1.00 3.48  ? 211 GLY E N   1 
ATOM   1040 C CA  . GLY A 1 149 ? 4.339   -1.151  -3.616  1.00 9.28  ? 211 GLY E CA  1 
ATOM   1041 C C   . GLY A 1 149 ? 3.378   -0.901  -2.502  1.00 7.60  ? 211 GLY E C   1 
ATOM   1042 O O   . GLY A 1 149 ? 3.686   -0.349  -1.439  1.00 7.92  ? 211 GLY E O   1 
ATOM   1043 N N   . LEU A 1 150 ? 2.108   -1.260  -2.839  1.00 7.05  ? 212 LEU E N   1 
ATOM   1044 C CA  . LEU A 1 150 ? 0.986   -1.074  -1.910  1.00 7.22  ? 212 LEU E CA  1 
ATOM   1045 C C   . LEU A 1 150 ? 0.356   -2.467  -1.723  1.00 7.82  ? 212 LEU E C   1 
ATOM   1046 O O   . LEU A 1 150 ? 0.070   -3.135  -2.729  1.00 9.31  ? 212 LEU E O   1 
ATOM   1047 C CB  . LEU A 1 150 ? 0.021   -0.084  -2.517  1.00 7.50  ? 212 LEU E CB  1 
ATOM   1048 C CG  . LEU A 1 150 ? 0.596   1.261   -2.999  1.00 8.15  ? 212 LEU E CG  1 
ATOM   1049 C CD1 . LEU A 1 150 ? -0.369  1.787   -4.093  1.00 8.38  ? 212 LEU E CD1 1 
ATOM   1050 C CD2 . LEU A 1 150 ? 0.647   2.198   -1.823  1.00 9.30  ? 212 LEU E CD2 1 
ATOM   1051 N N   . THR A 1 151 ? 0.159   -2.847  -0.499  1.00 6.44  ? 213 THR E N   1 
ATOM   1052 C CA  . THR A 1 151 ? -0.435  -4.173  -0.227  1.00 7.84  ? 213 THR E CA  1 
ATOM   1053 C C   . THR A 1 151 ? -1.837  -4.289  -0.853  1.00 10.49 ? 213 THR E C   1 
ATOM   1054 O O   . THR A 1 151 ? -2.712  -3.472  -0.551  1.00 8.32  ? 213 THR E O   1 
ATOM   1055 C CB  . THR A 1 151 ? -0.532  -4.492  1.306   1.00 7.34  ? 213 THR E CB  1 
ATOM   1056 O OG1 . THR A 1 151 ? 0.768   -4.066  1.855   1.00 10.49 ? 213 THR E OG1 1 
ATOM   1057 C CG2 . THR A 1 151 ? -0.857  -5.969  1.556   1.00 10.00 ? 213 THR E CG2 1 
ATOM   1058 N N   . SER A 1 152 ? -1.998  -5.351  -1.632  1.00 11.11 ? 214 SER E N   1 
ATOM   1059 C CA  . SER A 1 152 ? -3.305  -5.620  -2.272  1.00 10.59 ? 214 SER E CA  1 
ATOM   1060 C C   . SER A 1 152 ? -4.067  -6.752  -1.606  1.00 9.41  ? 214 SER E C   1 
ATOM   1061 O O   . SER A 1 152 ? -5.259  -6.599  -1.204  1.00 9.53  ? 214 SER E O   1 
ATOM   1062 C CB  . SER A 1 152 ? -3.084  -5.922  -3.751  1.00 8.65  ? 214 SER E CB  1 
ATOM   1063 O OG  . SER A 1 152 ? -4.335  -6.187  -4.404  1.00 9.80  ? 214 SER E OG  1 
ATOM   1064 N N   . GLY A 1 153 ? -3.403  -7.897  -1.510  1.00 12.01 ? 215 GLY E N   1 
ATOM   1065 C CA  . GLY A 1 153 ? -4.092  -9.097  -0.925  1.00 11.67 ? 215 GLY E CA  1 
ATOM   1066 C C   . GLY A 1 153 ? -3.108  -10.271 -0.876  1.00 11.01 ? 215 GLY E C   1 
ATOM   1067 O O   . GLY A 1 153 ? -1.890  -10.128 -0.971  1.00 11.73 ? 215 GLY E O   1 
ATOM   1068 N N   . GLY A 1 154 ? -3.716  -11.440 -0.698  1.00 12.79 ? 216 GLY E N   1 
ATOM   1069 C CA  . GLY A 1 154 ? -2.932  -12.697 -0.657  1.00 12.70 ? 216 GLY E CA  1 
ATOM   1070 C C   . GLY A 1 154 ? -3.762  -13.800 -0.003  1.00 16.64 ? 216 GLY E C   1 
ATOM   1071 O O   . GLY A 1 154 ? -5.000  -13.728 0.115   1.00 13.23 ? 216 GLY E O   1 
ATOM   1072 N N   . SER A 1 155 ? -2.998  -14.794 0.380   1.00 16.38 ? 217 SER E N   1 
ATOM   1073 C CA  . SER A 1 155 ? -3.547  -16.014 1.045   1.00 18.62 ? 217 SER E CA  1 
ATOM   1074 C C   . SER A 1 155 ? -2.705  -16.204 2.301   1.00 21.01 ? 217 SER E C   1 
ATOM   1075 O O   . SER A 1 155 ? -1.551  -15.683 2.448   1.00 14.18 ? 217 SER E O   1 
ATOM   1076 C CB  . SER A 1 155 ? -3.540  -17.141 0.047   1.00 20.31 ? 217 SER E CB  1 
ATOM   1077 O OG  . SER A 1 155 ? -2.176  -17.391 -0.270  1.00 31.17 ? 217 SER E OG  1 
ATOM   1078 N N   . GLY A 1 156 ? -3.297  -16.922 3.234   1.00 18.63 ? 218 GLY E N   1 
ATOM   1079 C CA  . GLY A 1 156 ? -2.675  -17.238 4.516   1.00 21.22 ? 218 GLY E CA  1 
ATOM   1080 C C   . GLY A 1 156 ? -2.830  -16.140 5.535   1.00 22.06 ? 218 GLY E C   1 
ATOM   1081 O O   . GLY A 1 156 ? -3.775  -15.308 5.495   1.00 23.52 ? 218 GLY E O   1 
ATOM   1082 N N   . ASN A 1 157 ? -1.866  -16.190 6.455   1.00 21.90 ? 219 ASN E N   1 
ATOM   1083 C CA  . ASN A 1 157 ? -1.832  -15.208 7.549   1.00 21.67 ? 219 ASN E CA  1 
ATOM   1084 C C   . ASN A 1 157 ? -0.439  -15.211 8.172   1.00 20.42 ? 219 ASN E C   1 
ATOM   1085 O O   . ASN A 1 157 ? 0.387   -16.000 7.740   1.00 21.66 ? 219 ASN E O   1 
ATOM   1086 C CB  . ASN A 1 157 ? -2.979  -15.484 8.526   1.00 29.10 ? 219 ASN E CB  1 
ATOM   1087 C CG  . ASN A 1 157 ? -2.717  -16.900 9.072   1.00 33.38 ? 219 ASN E CG  1 
ATOM   1088 O OD1 . ASN A 1 157 ? -1.820  -17.013 9.916   1.00 35.61 ? 219 ASN E OD1 1 
ATOM   1089 N ND2 . ASN A 1 157 ? -3.481  -17.828 8.496   1.00 36.41 ? 219 ASN E ND2 1 
ATOM   1090 N N   . CYS A 1 158 ? -0.257  -14.330 9.150   1.00 20.87 ? 220 CYS E N   1 
ATOM   1091 C CA  . CYS A 1 158 ? 1.079   -14.194 9.760   1.00 22.22 ? 220 CYS E CA  1 
ATOM   1092 C C   . CYS A 1 158 ? 1.487   -15.225 10.775  1.00 26.45 ? 220 CYS E C   1 
ATOM   1093 O O   . CYS A 1 158 ? 2.613   -15.064 11.331  1.00 26.71 ? 220 CYS E O   1 
ATOM   1094 C CB  . CYS A 1 158 ? 1.187   -12.779 10.343  1.00 15.33 ? 220 CYS E CB  1 
ATOM   1095 S SG  . CYS A 1 158 ? 1.512   -11.661 8.961   1.00 17.07 ? 220 CYS E SG  1 
ATOM   1096 N N   . ARG A 1 159 ? 0.621   -16.193 10.973  1.00 28.81 ? 221 ARG E N   1 
ATOM   1097 C CA  . ARG A 1 159 ? 0.996   -17.245 11.972  1.00 32.81 ? 221 ARG E CA  1 
ATOM   1098 C C   . ARG A 1 159 ? 1.533   -18.428 11.197  1.00 35.91 ? 221 ARG E C   1 
ATOM   1099 O O   . ARG A 1 159 ? 2.532   -19.031 11.610  1.00 39.37 ? 221 ARG E O   1 
ATOM   1100 C CB  . ARG A 1 159 ? -0.188  -17.554 12.866  1.00 36.87 ? 221 ARG E CB  1 
ATOM   1101 N N   . THR A 1 160 ? 0.880   -18.695 10.082  1.00 36.15 ? 222 THR E N   1 
ATOM   1102 C CA  . THR A 1 160 ? 1.253   -19.841 9.225   1.00 36.70 ? 222 THR E CA  1 
ATOM   1103 C C   . THR A 1 160 ? 2.013   -19.449 7.978   1.00 35.49 ? 222 THR E C   1 
ATOM   1104 O O   . THR A 1 160 ? 2.544   -20.328 7.254   1.00 33.85 ? 222 THR E O   1 
ATOM   1105 C CB  . THR A 1 160 ? -0.084  -20.626 8.924   1.00 37.62 ? 222 THR E CB  1 
ATOM   1106 O OG1 . THR A 1 160 ? -0.685  -20.076 7.708   1.00 45.48 ? 222 THR E OG1 1 
ATOM   1107 C CG2 . THR A 1 160 ? -1.012  -20.539 10.148  1.00 40.16 ? 222 THR E CG2 1 
ATOM   1108 N N   . GLY A 1 161 ? 2.032   -18.138 7.781   1.00 32.27 ? 223 GLY E N   1 
ATOM   1109 C CA  . GLY A 1 161 ? 2.710   -17.533 6.615   1.00 27.54 ? 223 GLY E CA  1 
ATOM   1110 C C   . GLY A 1 161 ? 1.662   -17.540 5.487   1.00 28.04 ? 223 GLY E C   1 
ATOM   1111 O O   . GLY A 1 161 ? 0.521   -18.021 5.704   1.00 25.48 ? 223 GLY E O   1 
ATOM   1112 N N   . GLY A 1 162 ? 2.114   -17.033 4.359   1.00 25.66 ? 224 GLY E N   1 
ATOM   1113 C CA  . GLY A 1 162 ? 1.211   -16.976 3.181   1.00 24.57 ? 224 GLY E CA  1 
ATOM   1114 C C   . GLY A 1 162 ? 1.963   -16.217 2.086   1.00 23.68 ? 224 GLY E C   1 
ATOM   1115 O O   . GLY A 1 162 ? 3.145   -15.926 2.241   1.00 21.38 ? 224 GLY E O   1 
ATOM   1116 N N   . THR A 1 163 ? 1.250   -15.950 1.008   1.00 23.24 ? 225 THR E N   1 
ATOM   1117 C CA  . THR A 1 163 ? 1.696   -15.268 -0.185  1.00 18.07 ? 225 THR E CA  1 
ATOM   1118 C C   . THR A 1 163 ? 0.903   -13.949 -0.282  1.00 18.95 ? 225 THR E C   1 
ATOM   1119 O O   . THR A 1 163 ? -0.337  -13.966 0.019   1.00 16.04 ? 225 THR E O   1 
ATOM   1120 C CB  . THR A 1 163 ? 1.404   -16.122 -1.477  1.00 19.13 ? 225 THR E CB  1 
ATOM   1121 O OG1 . THR A 1 163 ? 2.108   -17.362 -1.251  1.00 29.95 ? 225 THR E OG1 1 
ATOM   1122 C CG2 . THR A 1 163 ? 1.837   -15.429 -2.790  1.00 21.61 ? 225 THR E CG2 1 
ATOM   1123 N N   . THR A 1 164 ? 1.633   -12.917 -0.667  1.00 13.32 ? 226 THR E N   1 
ATOM   1124 C CA  . THR A 1 164 ? 0.903   -11.632 -0.778  1.00 12.19 ? 226 THR E CA  1 
ATOM   1125 C C   . THR A 1 164 ? 1.346   -10.978 -2.073  1.00 10.72 ? 226 THR E C   1 
ATOM   1126 O O   . THR A 1 164 ? 2.427   -11.208 -2.638  1.00 11.24 ? 226 THR E O   1 
ATOM   1127 C CB  . THR A 1 164 ? 1.002   -10.812 0.533   1.00 17.16 ? 226 THR E CB  1 
ATOM   1128 O OG1 . THR A 1 164 ? 2.426   -10.507 0.612   1.00 15.27 ? 226 THR E OG1 1 
ATOM   1129 C CG2 . THR A 1 164 ? 0.447   -11.530 1.763   1.00 12.44 ? 226 THR E CG2 1 
ATOM   1130 N N   . PHE A 1 165 ? 0.377   -10.162 -2.559  1.00 8.69  ? 227 PHE E N   1 
ATOM   1131 C CA  . PHE A 1 165 ? 0.497   -9.416  -3.801  1.00 7.29  ? 227 PHE E CA  1 
ATOM   1132 C C   . PHE A 1 165 ? 0.461   -7.891  -3.548  1.00 7.54  ? 227 PHE E C   1 
ATOM   1133 O O   . PHE A 1 165 ? -0.303  -7.493  -2.673  1.00 5.15  ? 227 PHE E O   1 
ATOM   1134 C CB  . PHE A 1 165 ? -0.683  -9.794  -4.733  1.00 13.29 ? 227 PHE E CB  1 
ATOM   1135 C CG  . PHE A 1 165 ? -0.637  -11.314 -4.852  1.00 12.72 ? 227 PHE E CG  1 
ATOM   1136 C CD1 . PHE A 1 165 ? -1.396  -12.101 -4.011  1.00 10.52 ? 227 PHE E CD1 1 
ATOM   1137 C CD2 . PHE A 1 165 ? 0.191   -11.859 -5.813  1.00 13.99 ? 227 PHE E CD2 1 
ATOM   1138 C CE1 . PHE A 1 165 ? -1.349  -13.504 -4.152  1.00 19.22 ? 227 PHE E CE1 1 
ATOM   1139 C CE2 . PHE A 1 165 ? 0.264   -13.257 -5.974  1.00 19.89 ? 227 PHE E CE2 1 
ATOM   1140 C CZ  . PHE A 1 165 ? -0.515  -14.079 -5.121  1.00 14.96 ? 227 PHE E CZ  1 
ATOM   1141 N N   . TYR A 1 166 ? 1.276   -7.182  -4.281  1.00 9.14  ? 228 TYR E N   1 
ATOM   1142 C CA  . TYR A 1 166 ? 1.355   -5.718  -4.145  1.00 9.18  ? 228 TYR E CA  1 
ATOM   1143 C C   . TYR A 1 166 ? 1.221   -4.976  -5.456  1.00 6.36  ? 228 TYR E C   1 
ATOM   1144 O O   . TYR A 1 166 ? 1.803   -5.412  -6.459  1.00 9.91  ? 228 TYR E O   1 
ATOM   1145 C CB  . TYR A 1 166 ? 2.809   -5.314  -3.605  1.00 9.04  ? 228 TYR E CB  1 
ATOM   1146 C CG  . TYR A 1 166 ? 2.936   -5.961  -2.224  1.00 8.32  ? 228 TYR E CG  1 
ATOM   1147 C CD1 . TYR A 1 166 ? 2.712   -5.284  -1.016  1.00 9.98  ? 228 TYR E CD1 1 
ATOM   1148 C CD2 . TYR A 1 166 ? 3.274   -7.298  -2.202  1.00 6.56  ? 228 TYR E CD2 1 
ATOM   1149 C CE1 . TYR A 1 166 ? 2.809   -5.959  0.204   1.00 5.22  ? 228 TYR E CE1 1 
ATOM   1150 C CE2 . TYR A 1 166 ? 3.394   -7.987  -0.988  1.00 9.51  ? 228 TYR E CE2 1 
ATOM   1151 C CZ  . TYR A 1 166 ? 3.143   -7.313  0.185   1.00 5.90  ? 228 TYR E CZ  1 
ATOM   1152 O OH  . TYR A 1 166 ? 3.238   -8.086  1.337   1.00 9.25  ? 228 TYR E OH  1 
ATOM   1153 N N   . GLN A 1 167 ? 0.527   -3.868  -5.449  1.00 5.24  ? 229 GLN E N   1 
ATOM   1154 C CA  . GLN A 1 167 ? 0.416   -2.989  -6.634  1.00 6.65  ? 229 GLN E CA  1 
ATOM   1155 C C   . GLN A 1 167 ? 1.750   -2.207  -6.693  1.00 4.48  ? 229 GLN E C   1 
ATOM   1156 O O   . GLN A 1 167 ? 2.149   -1.572  -5.679  1.00 8.16  ? 229 GLN E O   1 
ATOM   1157 C CB  . GLN A 1 167 ? -0.709  -1.981  -6.428  1.00 1.92  ? 229 GLN E CB  1 
ATOM   1158 C CG  . GLN A 1 167 ? -0.698  -0.728  -7.341  1.00 6.00  ? 229 GLN E CG  1 
ATOM   1159 C CD  . GLN A 1 167 ? -1.064  -1.080  -8.774  1.00 9.82  ? 229 GLN E CD  1 
ATOM   1160 O OE1 . GLN A 1 167 ? -2.103  -1.697  -9.062  1.00 6.38  ? 229 GLN E OE1 1 
ATOM   1161 N NE2 . GLN A 1 167 ? -0.167  -0.633  -9.674  1.00 7.88  ? 229 GLN E NE2 1 
ATOM   1162 N N   . PRO A 1 168 ? 2.428   -2.247  -7.805  1.00 8.34  ? 230 PRO E N   1 
ATOM   1163 C CA  . PRO A 1 168 ? 3.684   -1.517  -8.023  1.00 5.00  ? 230 PRO E CA  1 
ATOM   1164 C C   . PRO A 1 168 ? 3.398   -0.033  -7.811  1.00 8.95  ? 230 PRO E C   1 
ATOM   1165 O O   . PRO A 1 168 ? 2.387   0.530   -8.398  1.00 6.26  ? 230 PRO E O   1 
ATOM   1166 C CB  . PRO A 1 168 ? 4.124   -1.922  -9.400  1.00 8.56  ? 230 PRO E CB  1 
ATOM   1167 C CG  . PRO A 1 168 ? 3.384   -3.219  -9.682  1.00 9.62  ? 230 PRO E CG  1 
ATOM   1168 C CD  . PRO A 1 168 ? 2.039   -3.026  -9.005  1.00 9.03  ? 230 PRO E CD  1 
ATOM   1169 N N   . VAL A 1 169 ? 4.219   0.603   -6.952  1.00 5.17  ? 231 VAL E N   1 
ATOM   1170 C CA  . VAL A 1 169 ? 3.927   2.034   -6.644  1.00 8.35  ? 231 VAL E CA  1 
ATOM   1171 C C   . VAL A 1 169 ? 4.157   2.996   -7.799  1.00 6.16  ? 231 VAL E C   1 
ATOM   1172 O O   . VAL A 1 169 ? 3.498   4.075   -7.899  1.00 7.71  ? 231 VAL E O   1 
ATOM   1173 C CB  . VAL A 1 169 ? 4.708   2.406   -5.325  1.00 10.58 ? 231 VAL E CB  1 
ATOM   1174 C CG1 . VAL A 1 169 ? 6.168   2.682   -5.601  1.00 4.80  ? 231 VAL E CG1 1 
ATOM   1175 C CG2 . VAL A 1 169 ? 3.995   3.533   -4.589  1.00 12.31 ? 231 VAL E CG2 1 
ATOM   1176 N N   . THR A 1 170 ? 5.102   2.709   -8.661  1.00 5.18  ? 232 THR E N   1 
ATOM   1177 C CA  . THR A 1 170 ? 5.387   3.588   -9.806  1.00 8.58  ? 232 THR E CA  1 
ATOM   1178 C C   . THR A 1 170 ? 4.168   3.742   -10.699 1.00 12.41 ? 232 THR E C   1 
ATOM   1179 O O   . THR A 1 170 ? 3.985   4.837   -11.256 1.00 10.96 ? 232 THR E O   1 
ATOM   1180 C CB  . THR A 1 170 ? 6.650   3.125   -10.587 1.00 15.07 ? 232 THR E CB  1 
ATOM   1181 O OG1 . THR A 1 170 ? 6.417   1.684   -10.793 1.00 23.42 ? 232 THR E OG1 1 
ATOM   1182 C CG2 . THR A 1 170 ? 7.991   3.391   -9.873  1.00 17.30 ? 232 THR E CG2 1 
ATOM   1183 N N   . GLU A 1 171 ? 3.324   2.690   -10.861 1.00 7.28  ? 233 GLU E N   1 
ATOM   1184 C CA  . GLU A 1 171 ? 2.164   2.862   -11.758 1.00 13.69 ? 233 GLU E CA  1 
ATOM   1185 C C   . GLU A 1 171 ? 1.169   3.820   -11.143 1.00 9.53  ? 233 GLU E C   1 
ATOM   1186 O O   . GLU A 1 171 ? 0.559   4.627   -11.853 1.00 11.34 ? 233 GLU E O   1 
ATOM   1187 C CB  . GLU A 1 171 ? 1.603   1.478   -12.104 1.00 11.72 ? 233 GLU E CB  1 
ATOM   1188 C CG  . GLU A 1 171 ? 0.438   1.385   -13.054 1.00 32.53 ? 233 GLU E CG  1 
ATOM   1189 C CD  . GLU A 1 171 ? -0.267  0.034   -13.095 1.00 34.25 ? 233 GLU E CD  1 
ATOM   1190 O OE1 . GLU A 1 171 ? -0.068  -0.882  -12.316 1.00 37.08 ? 233 GLU E OE1 1 
ATOM   1191 O OE2 . GLU A 1 171 ? -1.069  0.003   -14.067 1.00 45.22 ? 233 GLU E OE2 1 
ATOM   1192 N N   . ALA A 1 172 ? 1.001   3.750   -9.836  1.00 6.63  ? 234 ALA E N   1 
ATOM   1193 C CA  . ALA A 1 172 ? 0.115   4.648   -9.081  1.00 8.37  ? 234 ALA E CA  1 
ATOM   1194 C C   . ALA A 1 172 ? 0.651   6.090   -9.152  1.00 8.13  ? 234 ALA E C   1 
ATOM   1195 O O   . ALA A 1 172 ? -0.144  7.000   -9.396  1.00 11.76 ? 234 ALA E O   1 
ATOM   1196 C CB  . ALA A 1 172 ? 0.008   4.144   -7.663  1.00 7.82  ? 234 ALA E CB  1 
ATOM   1197 N N   . LEU A 1 173 ? 1.938   6.315   -8.963  1.00 8.86  ? 235 LEU E N   1 
ATOM   1198 C CA  . LEU A 1 173 ? 2.513   7.664   -9.027  1.00 7.36  ? 235 LEU E CA  1 
ATOM   1199 C C   . LEU A 1 173 ? 2.310   8.303   -10.396 1.00 11.34 ? 235 LEU E C   1 
ATOM   1200 O O   . LEU A 1 173 ? 1.878   9.455   -10.498 1.00 10.94 ? 235 LEU E O   1 
ATOM   1201 C CB  . LEU A 1 173 ? 4.008   7.588   -8.670  1.00 6.48  ? 235 LEU E CB  1 
ATOM   1202 C CG  . LEU A 1 173 ? 4.318   7.225   -7.214  1.00 10.39 ? 235 LEU E CG  1 
ATOM   1203 C CD1 . LEU A 1 173 ? 5.827   7.001   -7.116  1.00 9.37  ? 235 LEU E CD1 1 
ATOM   1204 C CD2 . LEU A 1 173 ? 3.953   8.277   -6.193  1.00 7.80  ? 235 LEU E CD2 1 
ATOM   1205 N N   . SER A 1 174 A 2.635   7.516   -11.453 1.00 13.19 ? 235 SER E N   1 
ATOM   1206 C CA  . SER A 1 174 A 2.459   8.094   -12.806 1.00 12.82 ? 235 SER E CA  1 
ATOM   1207 C C   . SER A 1 174 A 0.976   8.302   -13.106 1.00 14.58 ? 235 SER E C   1 
ATOM   1208 O O   . SER A 1 174 A 0.656   9.256   -13.861 1.00 14.39 ? 235 SER E O   1 
ATOM   1209 C CB  . SER A 1 174 A 3.192   7.260   -13.837 1.00 14.94 ? 235 SER E CB  1 
ATOM   1210 O OG  . SER A 1 174 A 2.544   6.016   -13.934 1.00 28.12 ? 235 SER E OG  1 
ATOM   1211 N N   . ALA A 1 175 ? 0.063   7.500   -12.601 1.00 12.07 ? 236 ALA E N   1 
ATOM   1212 C CA  . ALA A 1 175 ? -1.364  7.679   -12.873 1.00 13.35 ? 236 ALA E CA  1 
ATOM   1213 C C   . ALA A 1 175 ? -1.862  9.015   -12.379 1.00 12.95 ? 236 ALA E C   1 
ATOM   1214 O O   . ALA A 1 175 ? -2.836  9.616   -12.908 1.00 16.39 ? 236 ALA E O   1 
ATOM   1215 C CB  . ALA A 1 175 ? -2.193  6.536   -12.207 1.00 15.06 ? 236 ALA E CB  1 
ATOM   1216 N N   . TYR A 1 176 ? -1.260  9.502   -11.292 1.00 10.14 ? 237 TYR E N   1 
ATOM   1217 C CA  . TYR A 1 176 ? -1.708  10.763  -10.654 1.00 9.87  ? 237 TYR E CA  1 
ATOM   1218 C C   . TYR A 1 176 ? -0.675  11.863  -10.714 1.00 7.33  ? 237 TYR E C   1 
ATOM   1219 O O   . TYR A 1 176 ? -0.998  12.941  -10.088 1.00 8.80  ? 237 TYR E O   1 
ATOM   1220 C CB  . TYR A 1 176 ? -2.143  10.489  -9.167  1.00 11.06 ? 237 TYR E CB  1 
ATOM   1221 C CG  . TYR A 1 176 ? -3.209  9.433   -9.010  1.00 12.38 ? 237 TYR E CG  1 
ATOM   1222 C CD1 . TYR A 1 176 ? -4.425  9.566   -9.716  1.00 10.99 ? 237 TYR E CD1 1 
ATOM   1223 C CD2 . TYR A 1 176 ? -3.022  8.306   -8.214  1.00 11.25 ? 237 TYR E CD2 1 
ATOM   1224 C CE1 . TYR A 1 176 ? -5.438  8.588   -9.615  1.00 14.50 ? 237 TYR E CE1 1 
ATOM   1225 C CE2 . TYR A 1 176 ? -4.032  7.319   -8.094  1.00 7.30  ? 237 TYR E CE2 1 
ATOM   1226 C CZ  . TYR A 1 176 ? -5.223  7.476   -8.806  1.00 15.22 ? 237 TYR E CZ  1 
ATOM   1227 O OH  . TYR A 1 176 ? -6.186  6.549   -8.676  1.00 12.67 ? 237 TYR E OH  1 
ATOM   1228 N N   . GLY A 1 177 ? 0.433   11.648  -11.409 1.00 9.02  ? 238 GLY E N   1 
ATOM   1229 C CA  . GLY A 1 177 ? 1.475   12.717  -11.471 1.00 8.82  ? 238 GLY E CA  1 
ATOM   1230 C C   . GLY A 1 177 ? 1.989   13.032  -10.067 1.00 11.75 ? 238 GLY E C   1 
ATOM   1231 O O   . GLY A 1 177 ? 2.212   14.245  -9.745  1.00 13.10 ? 238 GLY E O   1 
ATOM   1232 N N   . ALA A 1 178 ? 2.195   12.000  -9.251  1.00 9.64  ? 239 ALA E N   1 
ATOM   1233 C CA  . ALA A 1 178 ? 2.659   12.215  -7.850  1.00 6.32  ? 239 ALA E CA  1 
ATOM   1234 C C   . ALA A 1 178 ? 4.099   11.802  -7.672  1.00 9.50  ? 239 ALA E C   1 
ATOM   1235 O O   . ALA A 1 178 ? 4.657   11.035  -8.499  1.00 11.01 ? 239 ALA E O   1 
ATOM   1236 C CB  . ALA A 1 178 ? 1.785   11.432  -6.895  1.00 5.16  ? 239 ALA E CB  1 
ATOM   1237 N N   . THR A 1 179 ? 4.691   12.335  -6.621  1.00 8.67  ? 240 THR E N   1 
ATOM   1238 C CA  . THR A 1 179 ? 6.078   12.017  -6.253  1.00 11.84 ? 240 THR E CA  1 
ATOM   1239 C C   . THR A 1 179 ? 6.084   11.711  -4.749  1.00 9.06  ? 240 THR E C   1 
ATOM   1240 O O   . THR A 1 179 ? 5.368   12.375  -3.981  1.00 10.17 ? 240 THR E O   1 
ATOM   1241 C CB  . THR A 1 179 ? 7.082   13.133  -6.689  1.00 16.61 ? 240 THR E CB  1 
ATOM   1242 O OG1 . THR A 1 179 ? 6.621   14.373  -6.062  1.00 20.14 ? 240 THR E OG1 1 
ATOM   1243 C CG2 . THR A 1 179 ? 7.205   13.324  -8.189  1.00 19.52 ? 240 THR E CG2 1 
ATOM   1244 N N   . VAL A 1 180 ? 6.871   10.691  -4.365  1.00 11.10 ? 241 VAL E N   1 
ATOM   1245 C CA  . VAL A 1 180 ? 6.892   10.330  -2.941  1.00 11.21 ? 241 VAL E CA  1 
ATOM   1246 C C   . VAL A 1 180 ? 7.574   11.453  -2.154  1.00 10.07 ? 241 VAL E C   1 
ATOM   1247 O O   . VAL A 1 180 ? 8.489   12.077  -2.696  1.00 10.93 ? 241 VAL E O   1 
ATOM   1248 C CB  . VAL A 1 180 ? 7.562   8.944   -2.709  1.00 14.32 ? 241 VAL E CB  1 
ATOM   1249 C CG1 . VAL A 1 180 ? 6.750   7.814   -3.357  1.00 17.03 ? 241 VAL E CG1 1 
ATOM   1250 C CG2 . VAL A 1 180 ? 8.971   8.919   -3.214  1.00 16.45 ? 241 VAL E CG2 1 
ATOM   1251 N N   . LEU A 1 181 ? 7.084   11.656  -0.947  1.00 11.88 ? 242 LEU E N   1 
ATOM   1252 C CA  . LEU A 1 181 ? 7.710   12.690  -0.062  1.00 10.46 ? 242 LEU E CA  1 
ATOM   1253 C C   . LEU A 1 181 ? 8.833   12.001  0.755   1.00 14.45 ? 242 LEU E C   1 
ATOM   1254 O O   . LEU A 1 181 ? 8.640   10.826  1.096   1.00 12.31 ? 242 LEU E O   1 
ATOM   1255 C CB  . LEU A 1 181 ? 6.631   13.252  0.841   1.00 9.49  ? 242 LEU E CB  1 
ATOM   1256 C CG  . LEU A 1 181 ? 5.635   14.227  0.277   1.00 6.48  ? 242 LEU E CG  1 
ATOM   1257 C CD1 . LEU A 1 181 ? 4.566   14.417  1.369   1.00 11.37 ? 242 LEU E CD1 1 
ATOM   1258 C CD2 . LEU A 1 181 ? 6.295   15.524  -0.119  1.00 13.49 ? 242 LEU E CD2 1 
ATOM   1259 O OXT . LEU A 1 181 ? 9.902   12.559  1.069   1.00 15.85 ? 242 LEU E OXT 1 
HETATM 1260 C C   . ACE B 2 1   ? -7.734  -17.108 -2.315  1.00 30.84 ? 5   ACE P C   1 
HETATM 1261 O O   . ACE B 2 1   ? -7.965  -16.852 -1.111  1.00 31.07 ? 5   ACE P O   1 
HETATM 1262 C CH3 . ACE B 2 1   ? -8.246  -18.337 -3.016  1.00 32.36 ? 5   ACE P CH3 1 
ATOM   1263 N N   . PRO B 2 2   ? -6.985  -16.309 -3.099  1.00 28.82 ? 6   PRO P N   1 
ATOM   1264 C CA  . PRO B 2 2   ? -6.457  -15.072 -2.523  1.00 23.67 ? 6   PRO P CA  1 
ATOM   1265 C C   . PRO B 2 2   ? -7.641  -14.142 -2.415  1.00 23.06 ? 6   PRO P C   1 
ATOM   1266 O O   . PRO B 2 2   ? -8.695  -14.316 -3.101  1.00 20.52 ? 6   PRO P O   1 
ATOM   1267 C CB  . PRO B 2 2   ? -5.337  -14.656 -3.451  1.00 26.92 ? 6   PRO P CB  1 
ATOM   1268 C CG  . PRO B 2 2   ? -5.698  -15.248 -4.791  1.00 28.04 ? 6   PRO P CG  1 
ATOM   1269 C CD  . PRO B 2 2   ? -6.521  -16.496 -4.487  1.00 27.69 ? 6   PRO P CD  1 
ATOM   1270 N N   . ALA B 2 3   ? -7.472  -13.184 -1.515  1.00 22.13 ? 7   ALA P N   1 
ATOM   1271 C CA  . ALA B 2 3   ? -8.531  -12.177 -1.295  1.00 17.65 ? 7   ALA P CA  1 
ATOM   1272 C C   . ALA B 2 3   ? -7.840  -10.856 -0.960  1.00 17.86 ? 7   ALA P C   1 
ATOM   1273 O O   . ALA B 2 3   ? -6.706  -10.844 -0.490  1.00 15.15 ? 7   ALA P O   1 
ATOM   1274 C CB  . ALA B 2 3   ? -9.512  -12.552 -0.233  1.00 15.84 ? 7   ALA P CB  1 
ATOM   1275 N N   . PRO B 2 4   ? -8.588  -9.787  -1.233  1.00 16.11 ? 8   PRO P N   1 
ATOM   1276 C CA  . PRO B 2 4   ? -8.092  -8.436  -0.987  1.00 14.48 ? 8   PRO P CA  1 
ATOM   1277 C C   . PRO B 2 4   ? -8.006  -8.208  0.503   1.00 18.68 ? 8   PRO P C   1 
ATOM   1278 O O   . PRO B 2 4   ? -9.038  -8.497  1.193   1.00 20.23 ? 8   PRO P O   1 
ATOM   1279 C CB  . PRO B 2 4   ? -9.134  -7.501  -1.588  1.00 14.49 ? 8   PRO P CB  1 
ATOM   1280 C CG  . PRO B 2 4   ? -10.316 -8.373  -1.976  1.00 15.64 ? 8   PRO P CG  1 
ATOM   1281 C CD  . PRO B 2 4   ? -9.940  -9.815  -1.837  1.00 16.23 ? 8   PRO P CD  1 
HETATM 1282 N N   . PHL B 2 5   ? -6.881  -7.694  0.959   1.00 12.41 ? 9   PHL P N   1 
HETATM 1283 C CA  . PHL B 2 5   ? -6.727  -7.359  2.388   1.00 13.91 ? 9   PHL P CA  1 
HETATM 1284 C C   . PHL B 2 5   ? -7.065  -5.874  2.599   1.00 15.88 ? 9   PHL P C   1 
HETATM 1285 O O   . PHL B 2 5   ? -6.909  -5.367  3.750   1.00 20.21 ? 9   PHL P O   1 
HETATM 1286 C CB  . PHL B 2 5   ? -5.343  -7.765  2.878   1.00 15.84 ? 9   PHL P CB  1 
HETATM 1287 C CG  . PHL B 2 5   ? -5.120  -9.255  2.981   1.00 21.12 ? 9   PHL P CG  1 
HETATM 1288 C CD1 . PHL B 2 5   ? -6.234  -10.094 3.144   1.00 16.54 ? 9   PHL P CD1 1 
HETATM 1289 C CD2 . PHL B 2 5   ? -3.828  -9.781  2.921   1.00 18.07 ? 9   PHL P CD2 1 
HETATM 1290 C CE1 . PHL B 2 5   ? -6.044  -11.485 3.255   1.00 22.60 ? 9   PHL P CE1 1 
HETATM 1291 C CE2 . PHL B 2 5   ? -3.642  -11.177 3.036   1.00 22.06 ? 9   PHL P CE2 1 
HETATM 1292 C CZ  . PHL B 2 5   ? -4.768  -12.013 3.196   1.00 12.74 ? 9   PHL P CZ  1 
HETATM 1293 O O   . HOH C 3 .   ? -13.184 10.588  -5.508  0.91 23.45 ? 301 HOH E O   1 
HETATM 1294 O O   . HOH C 3 .   ? 3.399   10.919  11.337  0.87 13.38 ? 302 HOH E O   1 
HETATM 1295 O O   . HOH C 3 .   ? 16.052  -10.768 -10.047 0.96 23.17 ? 303 HOH E O   1 
HETATM 1296 O O   . HOH C 3 .   ? 3.165   8.652   12.892  0.97 18.71 ? 304 HOH E O   1 
HETATM 1297 O O   . HOH C 3 .   ? 13.341  -9.844  -11.452 0.97 19.39 ? 305 HOH E O   1 
HETATM 1298 O O   . HOH C 3 .   ? 2.613   5.994   15.624  0.48 14.47 ? 306 HOH E O   1 
HETATM 1299 O O   . HOH C 3 .   ? -4.733  14.717  6.802   1.00 8.71  ? 307 HOH E O   1 
HETATM 1300 O O   . HOH C 3 .   ? 14.028  0.984   -9.305  0.50 28.00 ? 308 HOH E O   1 
HETATM 1301 O O   . HOH C 3 .   ? 8.356   -13.444 -11.969 0.82 13.33 ? 309 HOH E O   1 
HETATM 1302 O O   . HOH C 3 .   ? -17.496 4.943   -3.764  0.50 18.07 ? 310 HOH E O   1 
HETATM 1303 O O   . HOH C 3 .   ? -1.810  2.108   12.871  1.00 16.53 ? 311 HOH E O   1 
HETATM 1304 O O   . HOH C 3 .   ? 2.698   22.371  12.183  0.60 30.00 ? 312 HOH E O   1 
HETATM 1305 O O   . HOH C 3 .   ? -0.787  12.472  11.932  0.67 12.36 ? 313 HOH E O   1 
HETATM 1306 O O   . HOH C 3 .   ? 2.394   -6.622  -18.832 0.50 28.00 ? 314 HOH E O   1 
HETATM 1307 O O   . HOH C 3 .   ? 9.373   -4.913  -11.572 0.63 23.00 ? 315 HOH E O   1 
HETATM 1308 O O   . HOH C 3 .   ? -5.191  14.063  9.521   1.00 15.88 ? 316 HOH E O   1 
HETATM 1309 O O   . HOH C 3 .   ? -3.752  5.702   12.399  0.76 17.40 ? 317 HOH E O   1 
HETATM 1310 O O   . HOH C 3 .   ? 13.095  -15.439 -2.867  0.55 30.00 ? 318 HOH E O   1 
HETATM 1311 O O   . HOH C 3 .   ? 4.409   -14.004 -11.841 0.60 28.00 ? 319 HOH E O   1 
HETATM 1312 O O   . HOH C 3 .   ? -12.311 15.479  3.972   0.92 13.50 ? 320 HOH E O   1 
HETATM 1313 O O   . HOH C 3 .   ? -10.169 14.848  7.488   0.90 16.00 ? 321 HOH E O   1 
HETATM 1314 O O   . HOH C 3 .   ? -2.603  -15.792 -15.782 0.45 30.00 ? 322 HOH E O   1 
HETATM 1315 O O   . HOH C 3 .   ? 7.635   -2.832  -9.057  1.00 22.11 ? 323 HOH E O   1 
HETATM 1316 O O   . HOH C 3 .   ? 6.155   4.140   -14.407 0.38 32.00 ? 324 HOH E O   1 
HETATM 1317 O O   . HOH C 3 .   ? 4.761   -6.669  -11.155 1.00 14.09 ? 325 HOH E O   1 
HETATM 1318 O O   . HOH C 3 .   ? -0.429  -9.818  -14.839 1.00 15.69 ? 326 HOH E O   1 
HETATM 1319 O O   . HOH C 3 .   ? -17.234 1.797   5.705   0.60 28.00 ? 327 HOH E O   1 
HETATM 1320 O O   . HOH C 3 .   ? 6.824   0.005   -8.295  1.00 20.68 ? 328 HOH E O   1 
HETATM 1321 O O   . HOH C 3 .   ? 2.629   -1.055  -13.151 0.90 30.00 ? 329 HOH E O   1 
HETATM 1322 O O   . HOH C 3 .   ? -17.751 4.731   5.181   0.68 29.51 ? 330 HOH E O   1 
HETATM 1323 O O   . HOH C 3 .   ? -5.383  -13.344 -17.530 0.50 22.00 ? 331 HOH E O   1 
HETATM 1324 O O   . HOH C 3 .   ? -14.299 9.373   7.593   0.35 19.92 ? 332 HOH E O   1 
HETATM 1325 O O   . HOH C 3 .   ? 5.658   -16.659 -3.213  1.00 27.71 ? 333 HOH E O   1 
HETATM 1326 O O   . HOH C 3 .   ? 4.800   11.046  -11.734 0.76 22.98 ? 334 HOH E O   1 
HETATM 1327 O O   . HOH C 3 .   ? 14.246  -2.593  4.312   0.85 22.87 ? 335 HOH E O   1 
HETATM 1328 O O   . HOH C 3 .   ? 4.047   16.067  -8.683  1.00 24.60 ? 336 HOH E O   1 
HETATM 1329 O O   . HOH C 3 .   ? -10.250 -9.544  -15.992 0.68 14.29 ? 337 HOH E O   1 
HETATM 1330 O O   . HOH C 3 .   ? 12.525  12.686  2.406   0.50 15.29 ? 338 HOH E O   1 
HETATM 1331 O O   . HOH C 3 .   ? 7.342   17.368  -3.072  0.50 30.00 ? 339 HOH E O   1 
HETATM 1332 O O   . HOH C 3 .   ? 14.214  -0.230  7.647   0.50 28.00 ? 340 HOH E O   1 
HETATM 1333 O O   . HOH C 3 .   ? -12.365 -16.213 -12.988 0.41 20.85 ? 341 HOH E O   1 
HETATM 1334 O O   . HOH C 3 .   ? -8.328  0.114   -14.419 0.90 16.00 ? 342 HOH E O   1 
HETATM 1335 O O   . HOH C 3 .   ? 10.746  11.187  2.894   1.00 1.80  ? 343 HOH E O   1 
HETATM 1336 O O   . HOH C 3 .   ? -4.881  11.637  -13.048 1.00 16.67 ? 344 HOH E O   1 
HETATM 1337 O O   . HOH C 3 .   ? -0.207  -19.003 1.273   0.45 28.00 ? 345 HOH E O   1 
HETATM 1338 O O   . HOH C 3 .   ? 6.668   8.999   1.150   1.00 10.62 ? 346 HOH E O   1 
HETATM 1339 O O   . HOH C 3 .   ? 4.842   -16.062 4.947   1.00 21.37 ? 347 HOH E O   1 
HETATM 1340 O O   . HOH C 3 .   ? 8.918   -10.933 9.523   0.62 13.54 ? 348 HOH E O   1 
HETATM 1341 O O   . HOH C 3 .   ? 6.481   -12.595 6.821   1.00 24.58 ? 349 HOH E O   1 
HETATM 1342 O O   . HOH C 3 .   ? 2.476   24.523  -6.309  0.60 28.00 ? 350 HOH E O   1 
HETATM 1343 O O   . HOH C 3 .   ? 10.132  13.308  4.750   0.50 32.00 ? 351 HOH E O   1 
HETATM 1344 O O   . HOH C 3 .   ? -12.502 -8.001  -12.839 1.00 17.02 ? 352 HOH E O   1 
HETATM 1345 O O   . HOH C 3 .   ? -7.706  6.343   -10.834 1.00 6.16  ? 353 HOH E O   1 
HETATM 1346 O O   . HOH C 3 .   ? 5.190   7.698   3.316   1.00 9.34  ? 354 HOH E O   1 
HETATM 1347 O O   . HOH C 3 .   ? -0.652  -13.814 4.113   1.00 21.59 ? 355 HOH E O   1 
HETATM 1348 O O   . HOH C 3 .   ? -13.167 -13.100 -10.823 0.70 28.00 ? 356 HOH E O   1 
HETATM 1349 O O   . HOH C 3 .   ? 6.137   -13.394 11.103  0.50 30.00 ? 357 HOH E O   1 
HETATM 1350 O O   . HOH C 3 .   ? 8.996   13.040  7.983   1.00 14.00 ? 358 HOH E O   1 
HETATM 1351 O O   . HOH C 3 .   ? 0.747   -3.535  4.663   1.00 12.00 ? 359 HOH E O   1 
HETATM 1352 O O   . HOH C 3 .   ? -5.230  13.418  -6.597  0.91 26.07 ? 360 HOH E O   1 
HETATM 1353 O O   . HOH C 3 .   ? -6.943  13.168  -8.571  0.68 14.99 ? 361 HOH E O   1 
HETATM 1354 O O   . HOH C 3 .   ? -6.258  16.772  -5.790  0.65 12.00 ? 362 HOH E O   1 
HETATM 1355 O O   . HOH C 3 .   ? 12.941  2.096   18.420  0.45 30.00 ? 363 HOH E O   1 
HETATM 1356 O O   . HOH C 3 .   ? 5.799   -5.280  14.007  0.80 18.00 ? 364 HOH E O   1 
HETATM 1357 O O   . HOH C 3 .   ? -14.624 -2.612  -5.363  1.00 18.49 ? 365 HOH E O   1 
HETATM 1358 O O   . HOH C 3 .   ? -14.841 -6.666  -2.368  0.70 28.00 ? 366 HOH E O   1 
HETATM 1359 O O   . HOH C 3 .   ? -12.239 -3.198  7.725   0.50 28.00 ? 367 HOH E O   1 
HETATM 1360 O O   . HOH C 3 .   ? -14.387 -2.158  -2.513  0.80 28.00 ? 368 HOH E O   1 
HETATM 1361 O O   . HOH C 3 .   ? -3.465  18.655  1.304   0.80 24.00 ? 369 HOH E O   1 
HETATM 1362 O O   . HOH C 3 .   ? 17.988  -11.078 -6.788  1.00 24.28 ? 370 HOH E O   1 
HETATM 1363 O O   . HOH C 3 .   ? 12.242  -11.386 -13.286 0.60 28.00 ? 371 HOH E O   1 
HETATM 1364 O O   . HOH C 3 .   ? 1.975   -8.529  15.296  0.42 24.53 ? 372 HOH E O   1 
HETATM 1365 O O   . HOH C 3 .   ? 5.668   7.592   16.886  0.70 28.00 ? 373 HOH E O   1 
HETATM 1366 O O   . HOH C 3 .   ? 6.770   0.470   20.203  0.60 28.00 ? 374 HOH E O   1 
HETATM 1367 O O   . HOH C 3 .   ? 15.427  -1.806  -9.111  0.70 28.00 ? 375 HOH E O   1 
HETATM 1368 O O   . HOH C 3 .   ? 3.881   1.053   17.708  0.80 28.00 ? 376 HOH E O   1 
HETATM 1369 O O   . HOH C 3 .   ? -6.310  -11.588 11.036  0.60 22.00 ? 377 HOH E O   1 
HETATM 1370 O O   . HOH C 3 .   ? -1.274  8.770   12.866  0.59 18.39 ? 378 HOH E O   1 
HETATM 1371 O O   . HOH C 3 .   ? -7.883  -7.901  11.012  0.50 28.00 ? 379 HOH E O   1 
HETATM 1372 O O   . HOH C 3 .   ? -6.367  7.568   10.238  1.00 16.00 ? 380 HOH E O   1 
HETATM 1373 O O   . HOH C 3 .   ? -3.802  12.314  10.727  0.60 19.00 ? 381 HOH E O   1 
HETATM 1374 O O   . HOH C 3 .   ? -3.632  21.852  8.249   0.58 14.91 ? 382 HOH E O   1 
HETATM 1375 O O   . HOH C 3 .   ? -8.435  20.798  4.763   0.91 19.86 ? 383 HOH E O   1 
HETATM 1376 O O   . HOH C 3 .   ? -0.681  18.247  12.490  0.51 28.50 ? 384 HOH E O   1 
HETATM 1377 O O   . HOH C 3 .   ? -3.700  8.384   13.513  0.35 30.00 ? 385 HOH E O   1 
HETATM 1378 O O   . HOH C 3 .   ? -5.457  9.712   11.613  0.62 19.20 ? 386 HOH E O   1 
HETATM 1379 O O   . HOH C 3 .   ? 15.686  -11.966 -0.483  0.39 28.00 ? 387 HOH E O   1 
HETATM 1380 O O   . HOH C 3 .   ? -18.657 8.428   -0.334  0.90 16.00 ? 388 HOH E O   1 
HETATM 1381 O O   . HOH C 3 .   ? 6.679   -4.238  -11.004 0.62 16.10 ? 389 HOH E O   1 
HETATM 1382 O O   . HOH C 3 .   ? 0.164   -14.667 -13.139 0.58 28.00 ? 390 HOH E O   1 
HETATM 1383 O O   . HOH C 3 .   ? 17.131  1.936   -0.924  1.00 25.89 ? 391 HOH E O   1 
HETATM 1384 O O   . HOH C 3 .   ? -12.287 13.378  6.111   1.00 23.88 ? 392 HOH E O   1 
HETATM 1385 O O   . HOH C 3 .   ? -0.211  -8.982  -16.896 0.45 20.00 ? 393 HOH E O   1 
HETATM 1386 O O   . HOH C 3 .   ? 16.192  5.193   -1.915  0.73 28.06 ? 394 HOH E O   1 
HETATM 1387 O O   . HOH C 3 .   ? 1.708   -15.616 -10.199 0.38 21.95 ? 395 HOH E O   1 
HETATM 1388 O O   . HOH C 3 .   ? 11.385  8.678   -7.317  0.50 20.00 ? 396 HOH E O   1 
HETATM 1389 O O   . HOH C 3 .   ? 6.721   6.698   -11.473 0.69 26.79 ? 397 HOH E O   1 
HETATM 1390 O O   . HOH C 3 .   ? 2.000   -3.805  -13.149 0.70 15.00 ? 398 HOH E O   1 
HETATM 1391 O O   . HOH C 3 .   ? 14.817  -4.676  2.646   0.79 20.48 ? 399 HOH E O   1 
HETATM 1392 O O   . HOH C 3 .   ? -13.515 7.091   10.159  0.64 20.36 ? 400 HOH E O   1 
HETATM 1393 O O   . HOH C 3 .   ? 13.006  -14.923 1.952   0.45 30.00 ? 401 HOH E O   1 
HETATM 1394 O O   . HOH C 3 .   ? 8.792   9.700   -6.671  0.72 17.27 ? 402 HOH E O   1 
HETATM 1395 O O   . HOH C 3 .   ? -0.228  4.437   -14.635 0.77 24.64 ? 403 HOH E O   1 
HETATM 1396 O O   . HOH C 3 .   ? -4.744  -16.354 -11.615 0.55 28.00 ? 404 HOH E O   1 
HETATM 1397 O O   . HOH C 3 .   ? 0.808   11.789  -15.250 0.50 28.00 ? 405 HOH E O   1 
HETATM 1398 O O   . HOH C 3 .   ? -1.925  -3.325  -11.752 0.90 26.00 ? 406 HOH E O   1 
HETATM 1399 O O   . HOH C 3 .   ? -2.399  2.511   -14.228 0.80 16.00 ? 407 HOH E O   1 
HETATM 1400 O O   . HOH C 3 .   ? 4.594   -17.299 0.077   0.55 18.00 ? 408 HOH E O   1 
HETATM 1401 O O   . HOH C 3 .   ? -5.554  1.842   -15.462 0.35 21.89 ? 409 HOH E O   1 
HETATM 1402 O O   . HOH C 3 .   ? 15.737  -2.316  8.171   0.38 28.00 ? 410 HOH E O   1 
HETATM 1403 O O   . HOH C 3 .   ? 5.626   17.278  -6.476  0.60 28.00 ? 411 HOH E O   1 
HETATM 1404 O O   . HOH C 3 .   ? 1.704   16.221  -11.291 0.50 18.00 ? 412 HOH E O   1 
HETATM 1405 O O   . HOH C 3 .   ? 0.017   16.319  -13.712 0.50 30.00 ? 413 HOH E O   1 
HETATM 1406 O O   . HOH C 3 .   ? 8.434   -13.995 5.039   0.50 16.00 ? 414 HOH E O   1 
HETATM 1407 O O   . HOH C 3 .   ? 5.620   -18.428 2.102   0.50 18.00 ? 415 HOH E O   1 
HETATM 1408 O O   . HOH C 3 .   ? 9.010   19.624  -2.570  0.53 12.60 ? 416 HOH E O   1 
HETATM 1409 O O   . HOH C 3 .   ? 13.796  -7.951  8.859   0.52 27.43 ? 417 HOH E O   1 
HETATM 1410 O O   . HOH C 3 .   ? -1.892  15.126  -11.435 0.60 18.00 ? 418 HOH E O   1 
HETATM 1411 O O   . HOH C 3 .   ? -1.794  -17.339 -3.862  0.50 28.00 ? 419 HOH E O   1 
HETATM 1412 O O   . HOH C 3 .   ? 13.780  -2.268  10.055  0.55 28.00 ? 420 HOH E O   1 
HETATM 1413 O O   . HOH C 3 .   ? 5.234   -15.646 7.909   0.70 28.00 ? 421 HOH E O   1 
HETATM 1414 O O   . HOH C 3 .   ? 1.121   -20.846 4.340   0.60 28.00 ? 422 HOH E O   1 
HETATM 1415 O O   . HOH C 3 .   ? 9.580   -7.915  11.459  0.60 26.00 ? 423 HOH E O   1 
HETATM 1416 O O   . HOH C 3 .   ? -3.586  14.192  -9.901  0.39 17.07 ? 424 HOH E O   1 
HETATM 1417 O O   . HOH C 3 .   ? -5.985  23.687  -4.184  0.44 18.08 ? 425 HOH E O   1 
HETATM 1418 O O   . HOH C 3 .   ? 14.425  0.326   13.659  0.59 25.73 ? 426 HOH E O   1 
HETATM 1419 O O   . HOH C 3 .   ? 14.202  7.934   10.417  0.67 28.75 ? 427 HOH E O   1 
HETATM 1420 O O   . HOH C 3 .   ? -1.070  23.320  -7.005  0.48 28.00 ? 428 HOH E O   1 
HETATM 1421 O O   . HOH C 3 .   ? -2.744  -2.664  -3.777  0.50 14.00 ? 429 HOH E O   1 
HETATM 1422 O O   . HOH C 3 .   ? -3.017  18.745  -6.499  0.70 17.37 ? 430 HOH E O   1 
HETATM 1423 O O   . HOH C 3 .   ? 2.530   20.429  0.648   0.78 15.68 ? 431 HOH E O   1 
HETATM 1424 O O   . HOH C 3 .   ? 7.748   -3.903  14.674  0.58 13.28 ? 432 HOH E O   1 
HETATM 1425 O O   . HOH C 3 .   ? -7.938  16.086  -7.661  0.45 20.38 ? 433 HOH E O   1 
HETATM 1426 O O   . HOH C 3 .   ? -14.877 -5.041  -7.186  0.90 29.00 ? 434 HOH E O   1 
HETATM 1427 O O   . HOH C 3 .   ? -1.651  20.005  0.475   0.55 14.19 ? 435 HOH E O   1 
HETATM 1428 O O   . HOH C 3 .   ? 4.294   15.088  8.752   0.75 17.93 ? 436 HOH E O   1 
HETATM 1429 O O   . HOH C 3 .   ? -10.057 -4.254  7.704   0.46 17.00 ? 437 HOH E O   1 
HETATM 1430 O O   . HOH C 3 .   ? 19.034  -9.862  -9.151  1.00 23.24 ? 438 HOH E O   1 
HETATM 1431 O O   . HOH C 3 .   ? 0.304   20.751  0.917   0.50 28.00 ? 439 HOH E O   1 
HETATM 1432 O O   . HOH C 3 .   ? 19.801  -12.815 -5.797  0.40 28.00 ? 440 HOH E O   1 
HETATM 1433 O O   . HOH C 3 .   ? -1.689  22.110  9.761   0.48 28.00 ? 441 HOH E O   1 
HETATM 1434 O O   . HOH C 3 .   ? 10.746  -17.124 -7.762  0.34 17.59 ? 442 HOH E O   1 
HETATM 1435 O O   . HOH C 3 .   ? -8.942  6.738   12.286  0.69 28.43 ? 443 HOH E O   1 
HETATM 1436 O O   . HOH C 3 .   ? -9.582  12.740  11.370  0.66 15.05 ? 444 HOH E O   1 
HETATM 1437 O O   . HOH C 3 .   ? -12.912 1.941   11.243  0.45 18.97 ? 445 HOH E O   1 
HETATM 1438 O O   . HOH C 3 .   ? 14.151  -10.620 3.897   0.60 28.00 ? 446 HOH E O   1 
HETATM 1439 O O   . HOH C 3 .   ? -2.777  -3.694  -14.345 0.73 30.00 ? 447 HOH E O   1 
HETATM 1440 O O   . HOH C 3 .   ? 12.742  9.014   12.041  0.66 19.58 ? 448 HOH E O   1 
HETATM 1441 O O   . HOH C 3 .   ? 14.624  -0.826  -12.555 0.58 24.00 ? 449 HOH E O   1 
HETATM 1442 O O   . HOH C 3 .   ? -0.341  -9.086  14.381  0.50 19.00 ? 450 HOH E O   1 
HETATM 1443 O O   . HOH C 3 .   ? 12.671  -5.175  -12.152 0.50 30.00 ? 451 HOH E O   1 
HETATM 1444 O O   . HOH C 3 .   ? -14.614 12.682  -4.118  0.50 28.00 ? 452 HOH E O   1 
HETATM 1445 O O   . HOH C 3 .   ? -16.374 11.163  -5.047  0.55 24.41 ? 453 HOH E O   1 
HETATM 1446 O O   . HOH C 3 .   ? -3.384  -19.982 7.006   0.55 26.21 ? 454 HOH E O   1 
HETATM 1447 O O   . HOH C 3 .   ? 5.859   -2.727  -12.646 0.50 20.00 ? 455 HOH E O   1 
HETATM 1448 O O   . HOH C 3 .   ? 7.659   9.733   -9.406  0.60 18.00 ? 456 HOH E O   1 
HETATM 1449 O O   . HOH C 3 .   ? 12.552  14.167  -4.276  0.36 26.29 ? 457 HOH E O   1 
HETATM 1450 O O   . HOH C 3 .   ? -0.116  -19.494 -2.835  0.38 24.00 ? 458 HOH E O   1 
HETATM 1451 O O   . HOH C 3 .   ? -5.270  -16.085 -8.440  0.80 18.00 ? 459 HOH E O   1 
HETATM 1452 O O   . HOH C 3 .   ? -7.493  -15.020 1.563   0.70 30.00 ? 460 HOH E O   1 
HETATM 1453 O O   . HOH C 3 .   ? -5.482  -13.643 6.672   0.87 32.47 ? 461 HOH E O   1 
HETATM 1454 O O   . HOH C 3 .   ? -8.396  -3.906  -0.163  1.00 24.47 ? 462 HOH E O   1 
HETATM 1455 O O   . HOH C 3 .   ? -6.630  -4.260  -1.548  1.00 7.90  ? 463 HOH E O   1 
HETATM 1456 O O   . HOH C 3 .   ? 2.589   13.552  11.852  0.44 30.00 ? 464 HOH E O   1 
HETATM 1457 O O   . HOH C 3 .   ? -6.486  -17.112 8.533   0.37 19.36 ? 465 HOH E O   1 
HETATM 1458 O O   . HOH C 3 .   ? -6.417  -14.027 9.123   0.45 33.98 ? 466 HOH E O   1 
HETATM 1459 O O   . HOH C 3 .   ? 9.503   -16.235 -10.306 0.33 21.98 ? 467 HOH E O   1 
HETATM 1460 O O   . HOH C 3 .   ? 9.971   3.262   -13.095 0.41 24.08 ? 468 HOH E O   1 
HETATM 1461 O O   . HOH C 3 .   ? 16.150  -14.849 -2.375  0.50 18.00 ? 469 HOH E O   1 
HETATM 1462 O O   . HOH C 3 .   ? 11.112  -17.581 -5.021  0.40 34.64 ? 470 HOH E O   1 
HETATM 1463 O O   . HOH C 3 .   ? -4.986  -5.396  14.720  0.45 25.55 ? 471 HOH E O   1 
HETATM 1464 O O   . HOH C 3 .   ? 4.936   -5.491  -14.638 0.46 26.86 ? 472 HOH E O   1 
HETATM 1465 O O   . HOH C 3 .   ? -19.502 6.671   2.682   0.33 28.01 ? 473 HOH E O   1 
HETATM 1466 O O   . HOH C 3 .   ? 0.337   9.635   -18.038 0.48 24.51 ? 474 HOH E O   1 
HETATM 1467 O O   . HOH C 3 .   ? -12.464 -0.592  11.989  0.36 26.09 ? 475 HOH E O   1 
HETATM 1468 O O   . HOH C 3 .   ? -5.054  -4.648  -18.147 0.37 29.56 ? 476 HOH E O   1 
HETATM 1469 O O   . HOH C 3 .   ? -18.817 8.594   4.103   0.38 26.00 ? 477 HOH E O   1 
HETATM 1470 O O   . HOH C 3 .   ? -0.426  -2.885  -13.965 0.44 21.58 ? 478 HOH E O   1 
HETATM 1471 O O   . HOH C 3 .   ? -21.275 8.405   2.676   0.37 20.52 ? 479 HOH E O   1 
HETATM 1472 O O   . HOH C 3 .   ? -16.365 7.993   8.273   0.57 26.92 ? 480 HOH E O   1 
HETATM 1473 O O   . HOH C 3 .   ? 17.586  0.973   5.731   0.47 19.57 ? 481 HOH E O   1 
HETATM 1474 O O   . HOH C 3 .   ? -8.067  -13.067 -16.748 0.46 20.00 ? 482 HOH E O   1 
HETATM 1475 O O   . HOH C 3 .   ? 0.291   -18.486 -5.189  0.35 23.39 ? 483 HOH E O   1 
HETATM 1476 O O   . HOH C 3 .   ? -7.372  -15.246 -13.484 0.46 20.32 ? 484 HOH E O   1 
HETATM 1477 O O   . HOH C 3 .   ? -6.983  -18.289 -8.625  0.36 18.44 ? 485 HOH E O   1 
HETATM 1478 O O   . HOH C 3 .   ? 9.339   -15.723 6.676   0.35 22.72 ? 486 HOH E O   1 
HETATM 1479 O O   . HOH C 3 .   ? -1.010  -22.951 2.303   0.35 26.00 ? 487 HOH E O   1 
HETATM 1480 O O   . HOH D 3 .   ? -10.780 -5.467  5.611   0.47 19.05 ? 101 HOH P O   1 
HETATM 1481 O O   . HOH D 3 .   ? -8.967  -3.987  4.696   0.80 17.00 ? 102 HOH P O   1 
HETATM 1482 O O   . HOH D 3 .   ? -10.236 -15.801 -4.570  0.48 20.80 ? 103 HOH P O   1 
HETATM 1483 O O   . HOH D 3 .   ? -10.586 -4.207  2.707   0.38 32.97 ? 104 HOH P O   1 
# 
